data_3DDY
# 
_entry.id   3DDY 
# 
_audit_conform.dict_name       mmcif_pdbx.dic 
_audit_conform.dict_version    5.392 
_audit_conform.dict_location   http://mmcif.pdb.org/dictionaries/ascii/mmcif_pdbx.dic 
# 
loop_
_database_2.database_id 
_database_2.database_code 
_database_2.pdbx_database_accession 
_database_2.pdbx_DOI 
PDB   3DDY         pdb_00003ddy 10.2210/pdb3ddy/pdb 
RCSB  RCSB047918   ?            ?                   
WWPDB D_1000047918 ?            ?                   
# 
loop_
_pdbx_audit_revision_history.ordinal 
_pdbx_audit_revision_history.data_content_type 
_pdbx_audit_revision_history.major_revision 
_pdbx_audit_revision_history.minor_revision 
_pdbx_audit_revision_history.revision_date 
1 'Structure model' 1 0 2008-07-01 
2 'Structure model' 1 1 2011-07-13 
3 'Structure model' 1 2 2014-01-15 
4 'Structure model' 2 0 2021-11-10 
5 'Structure model' 2 1 2024-05-29 
# 
_pdbx_audit_revision_details.ordinal             1 
_pdbx_audit_revision_details.revision_ordinal    1 
_pdbx_audit_revision_details.data_content_type   'Structure model' 
_pdbx_audit_revision_details.provider            repository 
_pdbx_audit_revision_details.type                'Initial release' 
_pdbx_audit_revision_details.description         ? 
_pdbx_audit_revision_details.details             ? 
# 
loop_
_pdbx_audit_revision_group.ordinal 
_pdbx_audit_revision_group.revision_ordinal 
_pdbx_audit_revision_group.data_content_type 
_pdbx_audit_revision_group.group 
1 2 'Structure model' 'Non-polymer description'   
2 2 'Structure model' 'Version format compliance' 
3 3 'Structure model' 'Database references'       
4 4 'Structure model' 'Atomic model'              
5 4 'Structure model' 'Database references'       
6 4 'Structure model' 'Derived calculations'      
7 5 'Structure model' Advisory                    
8 5 'Structure model' 'Data collection'           
9 5 'Structure model' 'Derived calculations'      
# 
loop_
_pdbx_audit_revision_category.ordinal 
_pdbx_audit_revision_category.revision_ordinal 
_pdbx_audit_revision_category.data_content_type 
_pdbx_audit_revision_category.category 
1 4 'Structure model' atom_site                    
2 4 'Structure model' database_2                   
3 4 'Structure model' struct_ref_seq_dif           
4 4 'Structure model' struct_site                  
5 5 'Structure model' chem_comp_atom               
6 5 'Structure model' chem_comp_bond               
7 5 'Structure model' pdbx_struct_special_symmetry 
8 5 'Structure model' pdbx_validate_symm_contact   
# 
loop_
_pdbx_audit_revision_item.ordinal 
_pdbx_audit_revision_item.revision_ordinal 
_pdbx_audit_revision_item.data_content_type 
_pdbx_audit_revision_item.item 
1 4 'Structure model' '_atom_site.occupancy'                
2 4 'Structure model' '_database_2.pdbx_DOI'                
3 4 'Structure model' '_database_2.pdbx_database_accession' 
4 4 'Structure model' '_struct_ref_seq_dif.details'         
5 4 'Structure model' '_struct_site.pdbx_auth_asym_id'      
6 4 'Structure model' '_struct_site.pdbx_auth_comp_id'      
7 4 'Structure model' '_struct_site.pdbx_auth_seq_id'       
# 
_pdbx_database_status.status_code                     REL 
_pdbx_database_status.entry_id                        3DDY 
_pdbx_database_status.recvd_initial_deposition_date   2008-06-07 
_pdbx_database_status.deposit_site                    RCSB 
_pdbx_database_status.process_site                    PDBJ 
_pdbx_database_status.status_code_sf                  REL 
_pdbx_database_status.status_code_mr                  ? 
_pdbx_database_status.SG_entry                        ? 
_pdbx_database_status.status_code_cs                  ? 
_pdbx_database_status.pdb_format_compatible           Y 
_pdbx_database_status.status_code_nmr_data            ? 
_pdbx_database_status.methods_development_category    ? 
# 
loop_
_audit_author.name 
_audit_author.pdbx_ordinal 
'Chatwell, L.'    1 
'Illarionova, V.' 2 
'Illarionov, B.'  3 
'Skerra, A.'      4 
'Bacher, A.'      5 
'Fischer, M.'     6 
# 
_citation.id                        primary 
_citation.title                     'Structure of lumazine protein, an optical transponder of luminescent bacteria.' 
_citation.journal_abbrev            J.Mol.Biol. 
_citation.journal_volume            382 
_citation.page_first                44 
_citation.page_last                 55 
_citation.year                      2008 
_citation.journal_id_ASTM           JMOBAK 
_citation.country                   UK 
_citation.journal_id_ISSN           0022-2836 
_citation.journal_id_CSD            0070 
_citation.book_publisher            ? 
_citation.pdbx_database_id_PubMed   18602927 
_citation.pdbx_database_id_DOI      10.1016/j.jmb.2008.06.052 
# 
loop_
_citation_author.citation_id 
_citation_author.name 
_citation_author.ordinal 
_citation_author.identifier_ORCID 
primary 'Chatwell, L.'    1 ? 
primary 'Illarionova, V.' 2 ? 
primary 'Illarionov, B.'  3 ? 
primary 'Eisenreich, W.'  4 ? 
primary 'Huber, R.'       5 ? 
primary 'Skerra, A.'      6 ? 
primary 'Bacher, A.'      7 ? 
primary 'Fischer, M.'     8 ? 
# 
loop_
_entity.id 
_entity.type 
_entity.src_method 
_entity.pdbx_description 
_entity.formula_weight 
_entity.pdbx_number_of_molecules 
_entity.pdbx_ec 
_entity.pdbx_mutation 
_entity.pdbx_fragment 
_entity.details 
1 polymer     man 'Lumazine protein' 20014.711 1   ? L49N ? ? 
2 non-polymer syn RIBOFLAVIN         376.364   1   ? ?    ? ? 
3 water       nat water              18.015    213 ? ?    ? ? 
# 
_entity_name_com.entity_id   1 
_entity_name_com.name        LUMP 
# 
_entity_poly.entity_id                      1 
_entity_poly.type                           'polypeptide(L)' 
_entity_poly.nstd_linkage                   no 
_entity_poly.nstd_monomer                   no 
_entity_poly.pdbx_seq_one_letter_code       
;MFRGIVQGRGVIRSISKSEDSQRHGIAFPEGMFQLVDVDTVMLVNGCSNTVVRILGDMVYFDIDQALGTTTFDGLKEGDQ
VNLEIHPKFGEVVGRGGLTGNIKGTALVAAIEENDAGFSVLIDIPKGLAENLTVKDDIGIDGISLPITDMSDSIITLNYS
RDLLASTNIASLAKDVKVNVEILNEW
;
_entity_poly.pdbx_seq_one_letter_code_can   
;MFRGIVQGRGVIRSISKSEDSQRHGIAFPEGMFQLVDVDTVMLVNGCSNTVVRILGDMVYFDIDQALGTTTFDGLKEGDQ
VNLEIHPKFGEVVGRGGLTGNIKGTALVAAIEENDAGFSVLIDIPKGLAENLTVKDDIGIDGISLPITDMSDSIITLNYS
RDLLASTNIASLAKDVKVNVEILNEW
;
_entity_poly.pdbx_strand_id                 A 
_entity_poly.pdbx_target_identifier         ? 
# 
loop_
_pdbx_entity_nonpoly.entity_id 
_pdbx_entity_nonpoly.name 
_pdbx_entity_nonpoly.comp_id 
2 RIBOFLAVIN RBF 
3 water      HOH 
# 
loop_
_entity_poly_seq.entity_id 
_entity_poly_seq.num 
_entity_poly_seq.mon_id 
_entity_poly_seq.hetero 
1 1   MET n 
1 2   PHE n 
1 3   ARG n 
1 4   GLY n 
1 5   ILE n 
1 6   VAL n 
1 7   GLN n 
1 8   GLY n 
1 9   ARG n 
1 10  GLY n 
1 11  VAL n 
1 12  ILE n 
1 13  ARG n 
1 14  SER n 
1 15  ILE n 
1 16  SER n 
1 17  LYS n 
1 18  SER n 
1 19  GLU n 
1 20  ASP n 
1 21  SER n 
1 22  GLN n 
1 23  ARG n 
1 24  HIS n 
1 25  GLY n 
1 26  ILE n 
1 27  ALA n 
1 28  PHE n 
1 29  PRO n 
1 30  GLU n 
1 31  GLY n 
1 32  MET n 
1 33  PHE n 
1 34  GLN n 
1 35  LEU n 
1 36  VAL n 
1 37  ASP n 
1 38  VAL n 
1 39  ASP n 
1 40  THR n 
1 41  VAL n 
1 42  MET n 
1 43  LEU n 
1 44  VAL n 
1 45  ASN n 
1 46  GLY n 
1 47  CYS n 
1 48  SER n 
1 49  ASN n 
1 50  THR n 
1 51  VAL n 
1 52  VAL n 
1 53  ARG n 
1 54  ILE n 
1 55  LEU n 
1 56  GLY n 
1 57  ASP n 
1 58  MET n 
1 59  VAL n 
1 60  TYR n 
1 61  PHE n 
1 62  ASP n 
1 63  ILE n 
1 64  ASP n 
1 65  GLN n 
1 66  ALA n 
1 67  LEU n 
1 68  GLY n 
1 69  THR n 
1 70  THR n 
1 71  THR n 
1 72  PHE n 
1 73  ASP n 
1 74  GLY n 
1 75  LEU n 
1 76  LYS n 
1 77  GLU n 
1 78  GLY n 
1 79  ASP n 
1 80  GLN n 
1 81  VAL n 
1 82  ASN n 
1 83  LEU n 
1 84  GLU n 
1 85  ILE n 
1 86  HIS n 
1 87  PRO n 
1 88  LYS n 
1 89  PHE n 
1 90  GLY n 
1 91  GLU n 
1 92  VAL n 
1 93  VAL n 
1 94  GLY n 
1 95  ARG n 
1 96  GLY n 
1 97  GLY n 
1 98  LEU n 
1 99  THR n 
1 100 GLY n 
1 101 ASN n 
1 102 ILE n 
1 103 LYS n 
1 104 GLY n 
1 105 THR n 
1 106 ALA n 
1 107 LEU n 
1 108 VAL n 
1 109 ALA n 
1 110 ALA n 
1 111 ILE n 
1 112 GLU n 
1 113 GLU n 
1 114 ASN n 
1 115 ASP n 
1 116 ALA n 
1 117 GLY n 
1 118 PHE n 
1 119 SER n 
1 120 VAL n 
1 121 LEU n 
1 122 ILE n 
1 123 ASP n 
1 124 ILE n 
1 125 PRO n 
1 126 LYS n 
1 127 GLY n 
1 128 LEU n 
1 129 ALA n 
1 130 GLU n 
1 131 ASN n 
1 132 LEU n 
1 133 THR n 
1 134 VAL n 
1 135 LYS n 
1 136 ASP n 
1 137 ASP n 
1 138 ILE n 
1 139 GLY n 
1 140 ILE n 
1 141 ASP n 
1 142 GLY n 
1 143 ILE n 
1 144 SER n 
1 145 LEU n 
1 146 PRO n 
1 147 ILE n 
1 148 THR n 
1 149 ASP n 
1 150 MET n 
1 151 SER n 
1 152 ASP n 
1 153 SER n 
1 154 ILE n 
1 155 ILE n 
1 156 THR n 
1 157 LEU n 
1 158 ASN n 
1 159 TYR n 
1 160 SER n 
1 161 ARG n 
1 162 ASP n 
1 163 LEU n 
1 164 LEU n 
1 165 ALA n 
1 166 SER n 
1 167 THR n 
1 168 ASN n 
1 169 ILE n 
1 170 ALA n 
1 171 SER n 
1 172 LEU n 
1 173 ALA n 
1 174 LYS n 
1 175 ASP n 
1 176 VAL n 
1 177 LYS n 
1 178 VAL n 
1 179 ASN n 
1 180 VAL n 
1 181 GLU n 
1 182 ILE n 
1 183 LEU n 
1 184 ASN n 
1 185 GLU n 
1 186 TRP n 
# 
_entity_src_gen.entity_id                          1 
_entity_src_gen.pdbx_src_id                        1 
_entity_src_gen.pdbx_alt_source_flag               sample 
_entity_src_gen.pdbx_seq_type                      ? 
_entity_src_gen.pdbx_beg_seq_num                   ? 
_entity_src_gen.pdbx_end_seq_num                   ? 
_entity_src_gen.gene_src_common_name               ? 
_entity_src_gen.gene_src_genus                     ? 
_entity_src_gen.pdbx_gene_src_gene                 lumP 
_entity_src_gen.gene_src_species                   ? 
_entity_src_gen.gene_src_strain                    ? 
_entity_src_gen.gene_src_tissue                    ? 
_entity_src_gen.gene_src_tissue_fraction           ? 
_entity_src_gen.gene_src_details                   ? 
_entity_src_gen.pdbx_gene_src_fragment             ? 
_entity_src_gen.pdbx_gene_src_scientific_name      'Photobacterium leiognathi' 
_entity_src_gen.pdbx_gene_src_ncbi_taxonomy_id     658 
_entity_src_gen.pdbx_gene_src_variant              ? 
_entity_src_gen.pdbx_gene_src_cell_line            ? 
_entity_src_gen.pdbx_gene_src_atcc                 ? 
_entity_src_gen.pdbx_gene_src_organ                ? 
_entity_src_gen.pdbx_gene_src_organelle            ? 
_entity_src_gen.pdbx_gene_src_cell                 ? 
_entity_src_gen.pdbx_gene_src_cellular_location    ? 
_entity_src_gen.host_org_common_name               ? 
_entity_src_gen.pdbx_host_org_scientific_name      'Escherichia coli' 
_entity_src_gen.pdbx_host_org_ncbi_taxonomy_id     562 
_entity_src_gen.host_org_genus                     ? 
_entity_src_gen.pdbx_host_org_gene                 ? 
_entity_src_gen.pdbx_host_org_organ                ? 
_entity_src_gen.host_org_species                   ? 
_entity_src_gen.pdbx_host_org_tissue               ? 
_entity_src_gen.pdbx_host_org_tissue_fraction      ? 
_entity_src_gen.pdbx_host_org_strain               'BL21 (DE3)' 
_entity_src_gen.pdbx_host_org_variant              ? 
_entity_src_gen.pdbx_host_org_cell_line            ? 
_entity_src_gen.pdbx_host_org_atcc                 ? 
_entity_src_gen.pdbx_host_org_culture_collection   ? 
_entity_src_gen.pdbx_host_org_cell                 ? 
_entity_src_gen.pdbx_host_org_organelle            ? 
_entity_src_gen.pdbx_host_org_cellular_location    ? 
_entity_src_gen.pdbx_host_org_vector_type          plasmid 
_entity_src_gen.pdbx_host_org_vector               ? 
_entity_src_gen.host_org_details                   ? 
_entity_src_gen.expression_system_id               ? 
_entity_src_gen.plasmid_name                       'pT7-7, pPHL36' 
_entity_src_gen.plasmid_details                    ? 
_entity_src_gen.pdbx_description                   ? 
# 
loop_
_chem_comp.id 
_chem_comp.type 
_chem_comp.mon_nstd_flag 
_chem_comp.name 
_chem_comp.pdbx_synonyms 
_chem_comp.formula 
_chem_comp.formula_weight 
ALA 'L-peptide linking' y ALANINE         ?                         'C3 H7 N O2'     89.093  
ARG 'L-peptide linking' y ARGININE        ?                         'C6 H15 N4 O2 1' 175.209 
ASN 'L-peptide linking' y ASPARAGINE      ?                         'C4 H8 N2 O3'    132.118 
ASP 'L-peptide linking' y 'ASPARTIC ACID' ?                         'C4 H7 N O4'     133.103 
CYS 'L-peptide linking' y CYSTEINE        ?                         'C3 H7 N O2 S'   121.158 
GLN 'L-peptide linking' y GLUTAMINE       ?                         'C5 H10 N2 O3'   146.144 
GLU 'L-peptide linking' y 'GLUTAMIC ACID' ?                         'C5 H9 N O4'     147.129 
GLY 'peptide linking'   y GLYCINE         ?                         'C2 H5 N O2'     75.067  
HIS 'L-peptide linking' y HISTIDINE       ?                         'C6 H10 N3 O2 1' 156.162 
HOH non-polymer         . WATER           ?                         'H2 O'           18.015  
ILE 'L-peptide linking' y ISOLEUCINE      ?                         'C6 H13 N O2'    131.173 
LEU 'L-peptide linking' y LEUCINE         ?                         'C6 H13 N O2'    131.173 
LYS 'L-peptide linking' y LYSINE          ?                         'C6 H15 N2 O2 1' 147.195 
MET 'L-peptide linking' y METHIONINE      ?                         'C5 H11 N O2 S'  149.211 
PHE 'L-peptide linking' y PHENYLALANINE   ?                         'C9 H11 N O2'    165.189 
PRO 'L-peptide linking' y PROLINE         ?                         'C5 H9 N O2'     115.130 
RBF non-polymer         . RIBOFLAVIN      'RIBOFLAVINE; VITAMIN B2' 'C17 H20 N4 O6'  376.364 
SER 'L-peptide linking' y SERINE          ?                         'C3 H7 N O3'     105.093 
THR 'L-peptide linking' y THREONINE       ?                         'C4 H9 N O3'     119.119 
TRP 'L-peptide linking' y TRYPTOPHAN      ?                         'C11 H12 N2 O2'  204.225 
TYR 'L-peptide linking' y TYROSINE        ?                         'C9 H11 N O3'    181.189 
VAL 'L-peptide linking' y VALINE          ?                         'C5 H11 N O2'    117.146 
# 
loop_
_pdbx_poly_seq_scheme.asym_id 
_pdbx_poly_seq_scheme.entity_id 
_pdbx_poly_seq_scheme.seq_id 
_pdbx_poly_seq_scheme.mon_id 
_pdbx_poly_seq_scheme.ndb_seq_num 
_pdbx_poly_seq_scheme.pdb_seq_num 
_pdbx_poly_seq_scheme.auth_seq_num 
_pdbx_poly_seq_scheme.pdb_mon_id 
_pdbx_poly_seq_scheme.auth_mon_id 
_pdbx_poly_seq_scheme.pdb_strand_id 
_pdbx_poly_seq_scheme.pdb_ins_code 
_pdbx_poly_seq_scheme.hetero 
A 1 1   MET 1   1   1   MET MET A . n 
A 1 2   PHE 2   2   2   PHE PHE A . n 
A 1 3   ARG 3   3   3   ARG ARG A . n 
A 1 4   GLY 4   4   4   GLY GLY A . n 
A 1 5   ILE 5   5   5   ILE ILE A . n 
A 1 6   VAL 6   6   6   VAL VAL A . n 
A 1 7   GLN 7   7   7   GLN GLN A . n 
A 1 8   GLY 8   8   8   GLY GLY A . n 
A 1 9   ARG 9   9   9   ARG ARG A . n 
A 1 10  GLY 10  10  10  GLY GLY A . n 
A 1 11  VAL 11  11  11  VAL VAL A . n 
A 1 12  ILE 12  12  12  ILE ILE A . n 
A 1 13  ARG 13  13  13  ARG ARG A . n 
A 1 14  SER 14  14  14  SER SER A . n 
A 1 15  ILE 15  15  15  ILE ILE A . n 
A 1 16  SER 16  16  16  SER SER A . n 
A 1 17  LYS 17  17  17  LYS LYS A . n 
A 1 18  SER 18  18  18  SER SER A . n 
A 1 19  GLU 19  19  19  GLU GLU A . n 
A 1 20  ASP 20  20  20  ASP ASP A . n 
A 1 21  SER 21  21  21  SER SER A . n 
A 1 22  GLN 22  22  22  GLN GLN A . n 
A 1 23  ARG 23  23  23  ARG ARG A . n 
A 1 24  HIS 24  24  24  HIS HIS A . n 
A 1 25  GLY 25  25  25  GLY GLY A . n 
A 1 26  ILE 26  26  26  ILE ILE A . n 
A 1 27  ALA 27  27  27  ALA ALA A . n 
A 1 28  PHE 28  28  28  PHE PHE A . n 
A 1 29  PRO 29  29  29  PRO PRO A . n 
A 1 30  GLU 30  30  30  GLU GLU A . n 
A 1 31  GLY 31  31  31  GLY GLY A . n 
A 1 32  MET 32  32  32  MET MET A . n 
A 1 33  PHE 33  33  33  PHE PHE A . n 
A 1 34  GLN 34  34  34  GLN GLN A . n 
A 1 35  LEU 35  35  35  LEU LEU A . n 
A 1 36  VAL 36  36  36  VAL VAL A . n 
A 1 37  ASP 37  37  37  ASP ASP A . n 
A 1 38  VAL 38  38  38  VAL VAL A . n 
A 1 39  ASP 39  39  39  ASP ASP A . n 
A 1 40  THR 40  40  40  THR THR A . n 
A 1 41  VAL 41  41  41  VAL VAL A . n 
A 1 42  MET 42  42  42  MET MET A . n 
A 1 43  LEU 43  43  43  LEU LEU A . n 
A 1 44  VAL 44  44  44  VAL VAL A . n 
A 1 45  ASN 45  45  45  ASN ASN A . n 
A 1 46  GLY 46  46  46  GLY GLY A . n 
A 1 47  CYS 47  47  47  CYS CYS A . n 
A 1 48  SER 48  48  48  SER SER A . n 
A 1 49  ASN 49  49  49  ASN ASN A . n 
A 1 50  THR 50  50  50  THR THR A . n 
A 1 51  VAL 51  51  51  VAL VAL A . n 
A 1 52  VAL 52  52  52  VAL VAL A . n 
A 1 53  ARG 53  53  53  ARG ARG A . n 
A 1 54  ILE 54  54  54  ILE ILE A . n 
A 1 55  LEU 55  55  55  LEU LEU A . n 
A 1 56  GLY 56  56  56  GLY GLY A . n 
A 1 57  ASP 57  57  57  ASP ASP A . n 
A 1 58  MET 58  58  58  MET MET A . n 
A 1 59  VAL 59  59  59  VAL VAL A . n 
A 1 60  TYR 60  60  60  TYR TYR A . n 
A 1 61  PHE 61  61  61  PHE PHE A . n 
A 1 62  ASP 62  62  62  ASP ASP A . n 
A 1 63  ILE 63  63  63  ILE ILE A . n 
A 1 64  ASP 64  64  64  ASP ASP A . n 
A 1 65  GLN 65  65  65  GLN GLN A . n 
A 1 66  ALA 66  66  66  ALA ALA A . n 
A 1 67  LEU 67  67  67  LEU LEU A . n 
A 1 68  GLY 68  68  68  GLY GLY A . n 
A 1 69  THR 69  69  69  THR THR A . n 
A 1 70  THR 70  70  70  THR THR A . n 
A 1 71  THR 71  71  71  THR THR A . n 
A 1 72  PHE 72  72  72  PHE PHE A . n 
A 1 73  ASP 73  73  73  ASP ASP A . n 
A 1 74  GLY 74  74  74  GLY GLY A . n 
A 1 75  LEU 75  75  75  LEU LEU A . n 
A 1 76  LYS 76  76  76  LYS LYS A . n 
A 1 77  GLU 77  77  77  GLU GLU A . n 
A 1 78  GLY 78  78  78  GLY GLY A . n 
A 1 79  ASP 79  79  79  ASP ASP A . n 
A 1 80  GLN 80  80  80  GLN GLN A . n 
A 1 81  VAL 81  81  81  VAL VAL A . n 
A 1 82  ASN 82  82  82  ASN ASN A . n 
A 1 83  LEU 83  83  83  LEU LEU A . n 
A 1 84  GLU 84  84  84  GLU GLU A . n 
A 1 85  ILE 85  85  85  ILE ILE A . n 
A 1 86  HIS 86  86  86  HIS HIS A . n 
A 1 87  PRO 87  87  87  PRO ALA A . n 
A 1 88  LYS 88  88  ?   ?   ?   A . n 
A 1 89  PHE 89  89  ?   ?   ?   A . n 
A 1 90  GLY 90  90  ?   ?   ?   A . n 
A 1 91  GLU 91  91  ?   ?   ?   A . n 
A 1 92  VAL 92  92  ?   ?   ?   A . n 
A 1 93  VAL 93  93  ?   ?   ?   A . n 
A 1 94  GLY 94  94  ?   ?   ?   A . n 
A 1 95  ARG 95  95  ?   ?   ?   A . n 
A 1 96  GLY 96  96  ?   ?   ?   A . n 
A 1 97  GLY 97  97  97  GLY GLY A . n 
A 1 98  LEU 98  98  98  LEU LEU A . n 
A 1 99  THR 99  99  99  THR THR A . n 
A 1 100 GLY 100 100 100 GLY GLY A . n 
A 1 101 ASN 101 101 101 ASN ASN A . n 
A 1 102 ILE 102 102 102 ILE ILE A . n 
A 1 103 LYS 103 103 103 LYS LYS A . n 
A 1 104 GLY 104 104 104 GLY GLY A . n 
A 1 105 THR 105 105 105 THR THR A . n 
A 1 106 ALA 106 106 106 ALA ALA A . n 
A 1 107 LEU 107 107 107 LEU LEU A . n 
A 1 108 VAL 108 108 108 VAL VAL A . n 
A 1 109 ALA 109 109 109 ALA ALA A . n 
A 1 110 ALA 110 110 110 ALA ALA A . n 
A 1 111 ILE 111 111 111 ILE ILE A . n 
A 1 112 GLU 112 112 112 GLU GLU A . n 
A 1 113 GLU 113 113 113 GLU GLU A . n 
A 1 114 ASN 114 114 114 ASN ASN A . n 
A 1 115 ASP 115 115 115 ASP ASP A . n 
A 1 116 ALA 116 116 116 ALA ALA A . n 
A 1 117 GLY 117 117 117 GLY GLY A . n 
A 1 118 PHE 118 118 118 PHE PHE A . n 
A 1 119 SER 119 119 119 SER SER A . n 
A 1 120 VAL 120 120 120 VAL VAL A . n 
A 1 121 LEU 121 121 121 LEU LEU A . n 
A 1 122 ILE 122 122 122 ILE ILE A . n 
A 1 123 ASP 123 123 123 ASP ASP A . n 
A 1 124 ILE 124 124 124 ILE ILE A . n 
A 1 125 PRO 125 125 125 PRO PRO A . n 
A 1 126 LYS 126 126 126 LYS LYS A . n 
A 1 127 GLY 127 127 127 GLY GLY A . n 
A 1 128 LEU 128 128 128 LEU LEU A . n 
A 1 129 ALA 129 129 129 ALA ALA A . n 
A 1 130 GLU 130 130 130 GLU GLU A . n 
A 1 131 ASN 131 131 131 ASN ASN A . n 
A 1 132 LEU 132 132 132 LEU LEU A . n 
A 1 133 THR 133 133 133 THR THR A . n 
A 1 134 VAL 134 134 134 VAL VAL A . n 
A 1 135 LYS 135 135 135 LYS LYS A . n 
A 1 136 ASP 136 136 136 ASP ASP A . n 
A 1 137 ASP 137 137 137 ASP ASP A . n 
A 1 138 ILE 138 138 138 ILE ILE A . n 
A 1 139 GLY 139 139 139 GLY GLY A . n 
A 1 140 ILE 140 140 140 ILE ILE A . n 
A 1 141 ASP 141 141 141 ASP ASP A . n 
A 1 142 GLY 142 142 142 GLY GLY A . n 
A 1 143 ILE 143 143 143 ILE ILE A . n 
A 1 144 SER 144 144 144 SER SER A . n 
A 1 145 LEU 145 145 145 LEU LEU A . n 
A 1 146 PRO 146 146 146 PRO PRO A . n 
A 1 147 ILE 147 147 147 ILE ILE A . n 
A 1 148 THR 148 148 148 THR THR A . n 
A 1 149 ASP 149 149 149 ASP ASP A . n 
A 1 150 MET 150 150 150 MET MET A . n 
A 1 151 SER 151 151 151 SER SER A . n 
A 1 152 ASP 152 152 152 ASP ASP A . n 
A 1 153 SER 153 153 153 SER SER A . n 
A 1 154 ILE 154 154 154 ILE ILE A . n 
A 1 155 ILE 155 155 155 ILE ILE A . n 
A 1 156 THR 156 156 156 THR THR A . n 
A 1 157 LEU 157 157 157 LEU LEU A . n 
A 1 158 ASN 158 158 158 ASN ASN A . n 
A 1 159 TYR 159 159 159 TYR TYR A . n 
A 1 160 SER 160 160 160 SER SER A . n 
A 1 161 ARG 161 161 161 ARG ARG A . n 
A 1 162 ASP 162 162 162 ASP ASP A . n 
A 1 163 LEU 163 163 163 LEU LEU A . n 
A 1 164 LEU 164 164 164 LEU LEU A . n 
A 1 165 ALA 165 165 165 ALA ALA A . n 
A 1 166 SER 166 166 166 SER SER A . n 
A 1 167 THR 167 167 167 THR THR A . n 
A 1 168 ASN 168 168 168 ASN ASN A . n 
A 1 169 ILE 169 169 169 ILE ILE A . n 
A 1 170 ALA 170 170 170 ALA ALA A . n 
A 1 171 SER 171 171 171 SER SER A . n 
A 1 172 LEU 172 172 172 LEU LEU A . n 
A 1 173 ALA 173 173 173 ALA ALA A . n 
A 1 174 LYS 174 174 174 LYS LYS A . n 
A 1 175 ASP 175 175 175 ASP ASP A . n 
A 1 176 VAL 176 176 176 VAL VAL A . n 
A 1 177 LYS 177 177 177 LYS LYS A . n 
A 1 178 VAL 178 178 178 VAL VAL A . n 
A 1 179 ASN 179 179 179 ASN ASN A . n 
A 1 180 VAL 180 180 180 VAL VAL A . n 
A 1 181 GLU 181 181 181 GLU GLU A . n 
A 1 182 ILE 182 182 182 ILE ILE A . n 
A 1 183 LEU 183 183 183 LEU LEU A . n 
A 1 184 ASN 184 184 184 ASN ASN A . n 
A 1 185 GLU 185 185 ?   ?   ?   A . n 
A 1 186 TRP 186 186 ?   ?   ?   A . n 
# 
loop_
_pdbx_nonpoly_scheme.asym_id 
_pdbx_nonpoly_scheme.entity_id 
_pdbx_nonpoly_scheme.mon_id 
_pdbx_nonpoly_scheme.ndb_seq_num 
_pdbx_nonpoly_scheme.pdb_seq_num 
_pdbx_nonpoly_scheme.auth_seq_num 
_pdbx_nonpoly_scheme.pdb_mon_id 
_pdbx_nonpoly_scheme.auth_mon_id 
_pdbx_nonpoly_scheme.pdb_strand_id 
_pdbx_nonpoly_scheme.pdb_ins_code 
B 2 RBF 1   187 1   RBF RBF A . 
C 3 HOH 1   188 1   HOH TIP A . 
C 3 HOH 2   189 2   HOH TIP A . 
C 3 HOH 3   190 3   HOH TIP A . 
C 3 HOH 4   191 4   HOH TIP A . 
C 3 HOH 5   192 5   HOH TIP A . 
C 3 HOH 6   193 6   HOH TIP A . 
C 3 HOH 7   194 7   HOH TIP A . 
C 3 HOH 8   195 8   HOH TIP A . 
C 3 HOH 9   196 9   HOH TIP A . 
C 3 HOH 10  197 10  HOH TIP A . 
C 3 HOH 11  198 11  HOH TIP A . 
C 3 HOH 12  199 12  HOH TIP A . 
C 3 HOH 13  200 13  HOH TIP A . 
C 3 HOH 14  201 14  HOH TIP A . 
C 3 HOH 15  202 16  HOH TIP A . 
C 3 HOH 16  203 17  HOH TIP A . 
C 3 HOH 17  204 18  HOH TIP A . 
C 3 HOH 18  205 19  HOH TIP A . 
C 3 HOH 19  206 20  HOH TIP A . 
C 3 HOH 20  207 21  HOH TIP A . 
C 3 HOH 21  208 22  HOH TIP A . 
C 3 HOH 22  209 23  HOH TIP A . 
C 3 HOH 23  210 24  HOH TIP A . 
C 3 HOH 24  211 25  HOH TIP A . 
C 3 HOH 25  212 26  HOH TIP A . 
C 3 HOH 26  213 27  HOH TIP A . 
C 3 HOH 27  214 28  HOH TIP A . 
C 3 HOH 28  215 29  HOH TIP A . 
C 3 HOH 29  216 30  HOH TIP A . 
C 3 HOH 30  217 31  HOH TIP A . 
C 3 HOH 31  218 32  HOH TIP A . 
C 3 HOH 32  219 33  HOH TIP A . 
C 3 HOH 33  220 34  HOH TIP A . 
C 3 HOH 34  221 35  HOH TIP A . 
C 3 HOH 35  222 36  HOH TIP A . 
C 3 HOH 36  223 37  HOH TIP A . 
C 3 HOH 37  224 38  HOH TIP A . 
C 3 HOH 38  225 39  HOH TIP A . 
C 3 HOH 39  226 40  HOH TIP A . 
C 3 HOH 40  227 41  HOH TIP A . 
C 3 HOH 41  228 42  HOH TIP A . 
C 3 HOH 42  229 43  HOH TIP A . 
C 3 HOH 43  230 44  HOH TIP A . 
C 3 HOH 44  231 45  HOH TIP A . 
C 3 HOH 45  232 46  HOH TIP A . 
C 3 HOH 46  233 47  HOH TIP A . 
C 3 HOH 47  234 48  HOH TIP A . 
C 3 HOH 48  235 49  HOH TIP A . 
C 3 HOH 49  236 50  HOH TIP A . 
C 3 HOH 50  237 51  HOH TIP A . 
C 3 HOH 51  238 52  HOH TIP A . 
C 3 HOH 52  239 53  HOH TIP A . 
C 3 HOH 53  240 54  HOH TIP A . 
C 3 HOH 54  241 55  HOH TIP A . 
C 3 HOH 55  242 56  HOH TIP A . 
C 3 HOH 56  243 57  HOH TIP A . 
C 3 HOH 57  244 58  HOH TIP A . 
C 3 HOH 58  245 59  HOH TIP A . 
C 3 HOH 59  246 60  HOH TIP A . 
C 3 HOH 60  247 61  HOH TIP A . 
C 3 HOH 61  248 62  HOH TIP A . 
C 3 HOH 62  249 63  HOH TIP A . 
C 3 HOH 63  250 64  HOH TIP A . 
C 3 HOH 64  251 65  HOH TIP A . 
C 3 HOH 65  252 66  HOH TIP A . 
C 3 HOH 66  253 67  HOH TIP A . 
C 3 HOH 67  254 68  HOH TIP A . 
C 3 HOH 68  255 69  HOH TIP A . 
C 3 HOH 69  256 70  HOH TIP A . 
C 3 HOH 70  257 71  HOH TIP A . 
C 3 HOH 71  258 72  HOH TIP A . 
C 3 HOH 72  259 73  HOH TIP A . 
C 3 HOH 73  260 74  HOH TIP A . 
C 3 HOH 74  261 75  HOH TIP A . 
C 3 HOH 75  262 76  HOH TIP A . 
C 3 HOH 76  263 77  HOH TIP A . 
C 3 HOH 77  264 78  HOH TIP A . 
C 3 HOH 78  265 79  HOH TIP A . 
C 3 HOH 79  266 80  HOH TIP A . 
C 3 HOH 80  267 81  HOH TIP A . 
C 3 HOH 81  268 82  HOH TIP A . 
C 3 HOH 82  269 83  HOH TIP A . 
C 3 HOH 83  270 84  HOH TIP A . 
C 3 HOH 84  271 85  HOH TIP A . 
C 3 HOH 85  272 86  HOH TIP A . 
C 3 HOH 86  273 87  HOH TIP A . 
C 3 HOH 87  274 88  HOH TIP A . 
C 3 HOH 88  275 89  HOH TIP A . 
C 3 HOH 89  276 90  HOH TIP A . 
C 3 HOH 90  277 91  HOH TIP A . 
C 3 HOH 91  278 92  HOH TIP A . 
C 3 HOH 92  279 93  HOH TIP A . 
C 3 HOH 93  280 94  HOH TIP A . 
C 3 HOH 94  281 95  HOH TIP A . 
C 3 HOH 95  282 96  HOH TIP A . 
C 3 HOH 96  283 97  HOH TIP A . 
C 3 HOH 97  284 98  HOH TIP A . 
C 3 HOH 98  285 99  HOH TIP A . 
C 3 HOH 99  286 100 HOH TIP A . 
C 3 HOH 100 287 101 HOH TIP A . 
C 3 HOH 101 288 102 HOH TIP A . 
C 3 HOH 102 289 103 HOH TIP A . 
C 3 HOH 103 290 104 HOH TIP A . 
C 3 HOH 104 291 105 HOH TIP A . 
C 3 HOH 105 292 106 HOH TIP A . 
C 3 HOH 106 293 107 HOH TIP A . 
C 3 HOH 107 294 108 HOH TIP A . 
C 3 HOH 108 295 109 HOH TIP A . 
C 3 HOH 109 296 110 HOH TIP A . 
C 3 HOH 110 297 111 HOH TIP A . 
C 3 HOH 111 298 112 HOH TIP A . 
C 3 HOH 112 299 113 HOH TIP A . 
C 3 HOH 113 300 114 HOH TIP A . 
C 3 HOH 114 301 115 HOH TIP A . 
C 3 HOH 115 302 116 HOH TIP A . 
C 3 HOH 116 303 117 HOH TIP A . 
C 3 HOH 117 304 118 HOH TIP A . 
C 3 HOH 118 305 119 HOH TIP A . 
C 3 HOH 119 306 120 HOH TIP A . 
C 3 HOH 120 307 121 HOH TIP A . 
C 3 HOH 121 308 122 HOH TIP A . 
C 3 HOH 122 309 123 HOH TIP A . 
C 3 HOH 123 310 124 HOH TIP A . 
C 3 HOH 124 311 125 HOH TIP A . 
C 3 HOH 125 312 126 HOH TIP A . 
C 3 HOH 126 313 127 HOH TIP A . 
C 3 HOH 127 314 128 HOH TIP A . 
C 3 HOH 128 315 129 HOH TIP A . 
C 3 HOH 129 316 130 HOH TIP A . 
C 3 HOH 130 317 131 HOH TIP A . 
C 3 HOH 131 318 132 HOH TIP A . 
C 3 HOH 132 319 133 HOH TIP A . 
C 3 HOH 133 320 134 HOH TIP A . 
C 3 HOH 134 321 135 HOH TIP A . 
C 3 HOH 135 322 136 HOH TIP A . 
C 3 HOH 136 323 137 HOH TIP A . 
C 3 HOH 137 324 138 HOH TIP A . 
C 3 HOH 138 325 139 HOH TIP A . 
C 3 HOH 139 326 140 HOH TIP A . 
C 3 HOH 140 327 141 HOH TIP A . 
C 3 HOH 141 328 142 HOH TIP A . 
C 3 HOH 142 329 143 HOH TIP A . 
C 3 HOH 143 330 144 HOH TIP A . 
C 3 HOH 144 331 145 HOH TIP A . 
C 3 HOH 145 332 146 HOH TIP A . 
C 3 HOH 146 333 147 HOH TIP A . 
C 3 HOH 147 334 148 HOH TIP A . 
C 3 HOH 148 335 149 HOH TIP A . 
C 3 HOH 149 336 150 HOH TIP A . 
C 3 HOH 150 337 151 HOH TIP A . 
C 3 HOH 151 338 152 HOH TIP A . 
C 3 HOH 152 339 153 HOH TIP A . 
C 3 HOH 153 340 154 HOH TIP A . 
C 3 HOH 154 341 155 HOH TIP A . 
C 3 HOH 155 342 156 HOH TIP A . 
C 3 HOH 156 343 157 HOH TIP A . 
C 3 HOH 157 344 158 HOH TIP A . 
C 3 HOH 158 345 159 HOH TIP A . 
C 3 HOH 159 346 160 HOH TIP A . 
C 3 HOH 160 347 161 HOH TIP A . 
C 3 HOH 161 348 162 HOH TIP A . 
C 3 HOH 162 349 163 HOH TIP A . 
C 3 HOH 163 350 164 HOH TIP A . 
C 3 HOH 164 351 165 HOH TIP A . 
C 3 HOH 165 352 166 HOH TIP A . 
C 3 HOH 166 353 167 HOH TIP A . 
C 3 HOH 167 354 168 HOH TIP A . 
C 3 HOH 168 355 169 HOH TIP A . 
C 3 HOH 169 356 170 HOH TIP A . 
C 3 HOH 170 357 171 HOH TIP A . 
C 3 HOH 171 358 172 HOH TIP A . 
C 3 HOH 172 359 173 HOH TIP A . 
C 3 HOH 173 360 174 HOH TIP A . 
C 3 HOH 174 361 175 HOH TIP A . 
C 3 HOH 175 362 176 HOH TIP A . 
C 3 HOH 176 363 177 HOH TIP A . 
C 3 HOH 177 364 178 HOH TIP A . 
C 3 HOH 178 365 179 HOH TIP A . 
C 3 HOH 179 366 180 HOH TIP A . 
C 3 HOH 180 367 181 HOH TIP A . 
C 3 HOH 181 368 182 HOH TIP A . 
C 3 HOH 182 369 183 HOH TIP A . 
C 3 HOH 183 370 184 HOH TIP A . 
C 3 HOH 184 371 185 HOH TIP A . 
C 3 HOH 185 372 186 HOH TIP A . 
C 3 HOH 186 373 187 HOH TIP A . 
C 3 HOH 187 374 189 HOH TIP A . 
C 3 HOH 188 375 190 HOH TIP A . 
C 3 HOH 189 376 191 HOH TIP A . 
C 3 HOH 190 377 192 HOH TIP A . 
C 3 HOH 191 378 193 HOH TIP A . 
C 3 HOH 192 379 194 HOH TIP A . 
C 3 HOH 193 380 195 HOH TIP A . 
C 3 HOH 194 381 196 HOH TIP A . 
C 3 HOH 195 382 197 HOH TIP A . 
C 3 HOH 196 383 198 HOH TIP A . 
C 3 HOH 197 384 199 HOH TIP A . 
C 3 HOH 198 385 200 HOH TIP A . 
C 3 HOH 199 386 201 HOH TIP A . 
C 3 HOH 200 387 202 HOH TIP A . 
C 3 HOH 201 388 203 HOH TIP A . 
C 3 HOH 202 389 204 HOH TIP A . 
C 3 HOH 203 390 205 HOH TIP A . 
C 3 HOH 204 391 206 HOH TIP A . 
C 3 HOH 205 392 207 HOH TIP A . 
C 3 HOH 206 393 208 HOH TIP A . 
C 3 HOH 207 394 209 HOH TIP A . 
C 3 HOH 208 395 210 HOH TIP A . 
C 3 HOH 209 396 211 HOH TIP A . 
C 3 HOH 210 397 212 HOH TIP A . 
C 3 HOH 211 398 213 HOH TIP A . 
C 3 HOH 212 399 214 HOH TIP A . 
C 3 HOH 213 400 215 HOH TIP A . 
# 
loop_
_pdbx_unobs_or_zero_occ_atoms.id 
_pdbx_unobs_or_zero_occ_atoms.PDB_model_num 
_pdbx_unobs_or_zero_occ_atoms.polymer_flag 
_pdbx_unobs_or_zero_occ_atoms.occupancy_flag 
_pdbx_unobs_or_zero_occ_atoms.auth_asym_id 
_pdbx_unobs_or_zero_occ_atoms.auth_comp_id 
_pdbx_unobs_or_zero_occ_atoms.auth_seq_id 
_pdbx_unobs_or_zero_occ_atoms.PDB_ins_code 
_pdbx_unobs_or_zero_occ_atoms.auth_atom_id 
_pdbx_unobs_or_zero_occ_atoms.label_alt_id 
_pdbx_unobs_or_zero_occ_atoms.label_asym_id 
_pdbx_unobs_or_zero_occ_atoms.label_comp_id 
_pdbx_unobs_or_zero_occ_atoms.label_seq_id 
_pdbx_unobs_or_zero_occ_atoms.label_atom_id 
1 1 Y 1 A PRO 87 ? CG ? A PRO 87 CG 
2 1 Y 1 A PRO 87 ? CD ? A PRO 87 CD 
# 
loop_
_software.name 
_software.classification 
_software.version 
_software.citation_id 
_software.pdbx_ordinal 
MAR345dtb 'data collection' .   ? 1 
PHASER    phasing           .   ? 2 
CNS       refinement        1.1 ? 3 
MOSFLM    'data reduction'  .   ? 4 
SCALA     'data scaling'    .   ? 5 
# 
_cell.entry_id           3DDY 
_cell.length_a           79.188 
_cell.length_b           79.188 
_cell.length_c           67.620 
_cell.angle_alpha        90.00 
_cell.angle_beta         90.00 
_cell.angle_gamma        120.00 
_cell.Z_PDB              6 
_cell.pdbx_unique_axis   ? 
_cell.length_a_esd       ? 
_cell.length_b_esd       ? 
_cell.length_c_esd       ? 
_cell.angle_alpha_esd    ? 
_cell.angle_beta_esd     ? 
_cell.angle_gamma_esd    ? 
# 
_symmetry.entry_id                         3DDY 
_symmetry.space_group_name_H-M             'P 32 2 1' 
_symmetry.pdbx_full_space_group_name_H-M   ? 
_symmetry.cell_setting                     ? 
_symmetry.Int_Tables_number                154 
_symmetry.space_group_name_Hall            ? 
# 
_exptl.entry_id          3DDY 
_exptl.method            'X-RAY DIFFRACTION' 
_exptl.crystals_number   1 
# 
_exptl_crystal.id                    1 
_exptl_crystal.density_meas          ? 
_exptl_crystal.density_Matthews      3.06 
_exptl_crystal.density_percent_sol   59.78 
_exptl_crystal.description           ? 
_exptl_crystal.F_000                 ? 
_exptl_crystal.preparation           ? 
# 
_exptl_crystal_grow.crystal_id      1 
_exptl_crystal_grow.method          'VAPOR DIFFUSION, SITTING DROP' 
_exptl_crystal_grow.temp            293 
_exptl_crystal_grow.temp_details    ? 
_exptl_crystal_grow.pH              8.5 
_exptl_crystal_grow.pdbx_details    
'0.1 Tris hydrochloride pH 8.5, 2.0M ammonium sulfate, VAPOR DIFFUSION, SITTING DROP, temperature 293K' 
_exptl_crystal_grow.pdbx_pH_range   . 
# 
_diffrn.id                     1 
_diffrn.ambient_temp           100 
_diffrn.ambient_temp_details   ? 
_diffrn.crystal_id             1 
# 
_diffrn_detector.diffrn_id              1 
_diffrn_detector.detector               'IMAGE PLATE' 
_diffrn_detector.type                   'MAR scanner 345 mm plate' 
_diffrn_detector.pdbx_collection_date   2005-01-27 
_diffrn_detector.details                mirrors 
# 
_diffrn_radiation.diffrn_id                        1 
_diffrn_radiation.wavelength_id                    1 
_diffrn_radiation.pdbx_monochromatic_or_laue_m_l   M 
_diffrn_radiation.monochromator                    Graphite 
_diffrn_radiation.pdbx_diffrn_protocol             'SINGLE WAVELENGTH' 
_diffrn_radiation.pdbx_scattering_type             x-ray 
# 
_diffrn_radiation_wavelength.id           1 
_diffrn_radiation_wavelength.wavelength   1.5418 
_diffrn_radiation_wavelength.wt           1.0 
# 
_diffrn_source.diffrn_id                   1 
_diffrn_source.source                      'ROTATING ANODE' 
_diffrn_source.type                        'RIGAKU RU200' 
_diffrn_source.pdbx_synchrotron_site       ? 
_diffrn_source.pdbx_synchrotron_beamline   ? 
_diffrn_source.pdbx_wavelength             ? 
_diffrn_source.pdbx_wavelength_list        1.5418 
# 
_reflns.entry_id                     3DDY 
_reflns.observed_criterion_sigma_F   ? 
_reflns.observed_criterion_sigma_I   ? 
_reflns.d_resolution_high            2.5 
_reflns.d_resolution_low             20 
_reflns.number_all                   9158 
_reflns.number_obs                   9158 
_reflns.percent_possible_obs         99.7 
_reflns.pdbx_Rmerge_I_obs            0.104 
_reflns.pdbx_Rsym_value              0.104 
_reflns.pdbx_netI_over_sigmaI        5.0 
_reflns.B_iso_Wilson_estimate        31.6 
_reflns.pdbx_redundancy              15 
_reflns.R_free_details               ? 
_reflns.limit_h_max                  ? 
_reflns.limit_h_min                  ? 
_reflns.limit_k_max                  ? 
_reflns.limit_k_min                  ? 
_reflns.limit_l_max                  ? 
_reflns.limit_l_min                  ? 
_reflns.observed_criterion_F_max     ? 
_reflns.observed_criterion_F_min     ? 
_reflns.pdbx_chi_squared             ? 
_reflns.pdbx_scaling_rejects         ? 
_reflns.pdbx_ordinal                 1 
_reflns.pdbx_diffrn_id               1 
# 
_reflns_shell.d_res_high             2.5 
_reflns_shell.d_res_low              2.63 
_reflns_shell.percent_possible_all   99.6 
_reflns_shell.Rmerge_I_obs           0.42 
_reflns_shell.pdbx_Rsym_value        0.42 
_reflns_shell.meanI_over_sigI_obs    2.0 
_reflns_shell.pdbx_redundancy        ? 
_reflns_shell.percent_possible_obs   ? 
_reflns_shell.number_unique_all      ? 
_reflns_shell.number_measured_all    ? 
_reflns_shell.number_measured_obs    ? 
_reflns_shell.number_unique_obs      ? 
_reflns_shell.pdbx_chi_squared       ? 
_reflns_shell.pdbx_ordinal           1 
_reflns_shell.pdbx_diffrn_id         1 
# 
_refine.entry_id                                 3DDY 
_refine.ls_d_res_high                            2.5 
_refine.ls_d_res_low                             20 
_refine.pdbx_ls_sigma_F                          2 
_refine.pdbx_ls_sigma_I                          2 
_refine.ls_number_reflns_all                     9158 
_refine.ls_number_reflns_obs                     8759 
_refine.ls_number_reflns_R_free                  485 
_refine.ls_percent_reflns_obs                    5 
_refine.ls_R_factor_all                          ? 
_refine.ls_R_factor_obs                          ? 
_refine.ls_R_factor_R_work                       0.21 
_refine.ls_R_factor_R_free                       0.25 
_refine.ls_redundancy_reflns_obs                 ? 
_refine.pdbx_data_cutoff_high_absF               ? 
_refine.pdbx_data_cutoff_low_absF                ? 
_refine.ls_number_parameters                     ? 
_refine.ls_number_restraints                     ? 
_refine.ls_percent_reflns_R_free                 ? 
_refine.ls_R_factor_R_free_error                 ? 
_refine.ls_R_factor_R_free_error_details         ? 
_refine.pdbx_method_to_determine_struct          'MOLECULAR REPLACEMENT' 
_refine.pdbx_starting_model                      ? 
_refine.pdbx_ls_cross_valid_method               ? 
_refine.pdbx_R_Free_selection_details            ? 
_refine.pdbx_stereochem_target_val_spec_case     ? 
_refine.pdbx_stereochemistry_target_values       'Engh & Huber' 
_refine.solvent_model_details                    ? 
_refine.solvent_model_param_bsol                 ? 
_refine.solvent_model_param_ksol                 ? 
_refine.occupancy_max                            ? 
_refine.occupancy_min                            ? 
_refine.pdbx_isotropic_thermal_model             Isotropic 
_refine.B_iso_mean                               31.6 
_refine.aniso_B[1][1]                            ? 
_refine.aniso_B[1][2]                            ? 
_refine.aniso_B[1][3]                            ? 
_refine.aniso_B[2][2]                            ? 
_refine.aniso_B[2][3]                            ? 
_refine.aniso_B[3][3]                            ? 
_refine.details                                  ? 
_refine.B_iso_min                                ? 
_refine.B_iso_max                                ? 
_refine.correlation_coeff_Fo_to_Fc               ? 
_refine.correlation_coeff_Fo_to_Fc_free          ? 
_refine.pdbx_solvent_vdw_probe_radii             ? 
_refine.pdbx_solvent_ion_probe_radii             ? 
_refine.pdbx_solvent_shrinkage_radii             ? 
_refine.overall_SU_R_Cruickshank_DPI             ? 
_refine.overall_SU_R_free                        ? 
_refine.overall_SU_ML                            ? 
_refine.overall_SU_B                             ? 
_refine.pdbx_overall_ESU_R_Free                  ? 
_refine.pdbx_data_cutoff_high_rms_absF           ? 
_refine.pdbx_overall_ESU_R                       ? 
_refine.ls_wR_factor_R_free                      ? 
_refine.ls_wR_factor_R_work                      ? 
_refine.overall_FOM_free_R_set                   ? 
_refine.overall_FOM_work_R_set                   ? 
_refine.pdbx_overall_phase_error                 ? 
_refine.pdbx_refine_id                           'X-RAY DIFFRACTION' 
_refine.pdbx_diffrn_id                           1 
_refine.pdbx_TLS_residual_ADP_flag               ? 
_refine.pdbx_overall_SU_R_free_Cruickshank_DPI   ? 
_refine.pdbx_overall_SU_R_Blow_DPI               ? 
_refine.pdbx_overall_SU_R_free_Blow_DPI          ? 
# 
_refine_hist.pdbx_refine_id                   'X-RAY DIFFRACTION' 
_refine_hist.cycle_id                         LAST 
_refine_hist.pdbx_number_atoms_protein        1311 
_refine_hist.pdbx_number_atoms_nucleic_acid   0 
_refine_hist.pdbx_number_atoms_ligand         27 
_refine_hist.number_atoms_solvent             213 
_refine_hist.number_atoms_total               1551 
_refine_hist.d_res_high                       2.5 
_refine_hist.d_res_low                        20 
# 
loop_
_refine_ls_restr.type 
_refine_ls_restr.dev_ideal 
_refine_ls_restr.dev_ideal_target 
_refine_ls_restr.weight 
_refine_ls_restr.number 
_refine_ls_restr.pdbx_refine_id 
_refine_ls_restr.pdbx_restraint_function 
c_bond_d    0.007 ? ? ? 'X-RAY DIFFRACTION' ? 
c_angle_deg 1.350 ? ? ? 'X-RAY DIFFRACTION' ? 
# 
_refine_ls_shell.pdbx_total_number_of_bins_used   ? 
_refine_ls_shell.d_res_high                       2.5 
_refine_ls_shell.d_res_low                        2.61 
_refine_ls_shell.number_reflns_R_work             ? 
_refine_ls_shell.R_factor_R_work                  0.24 
_refine_ls_shell.percent_reflns_obs               99.6 
_refine_ls_shell.R_factor_R_free                  0.31 
_refine_ls_shell.R_factor_R_free_error            0.012 
_refine_ls_shell.percent_reflns_R_free            ? 
_refine_ls_shell.number_reflns_R_free             66 
_refine_ls_shell.number_reflns_all                ? 
_refine_ls_shell.R_factor_all                     ? 
_refine_ls_shell.number_reflns_obs                995 
_refine_ls_shell.redundancy_reflns_obs            ? 
_refine_ls_shell.pdbx_refine_id                   'X-RAY DIFFRACTION' 
# 
_struct.entry_id                  3DDY 
_struct.title                     'Structure of lumazine protein, an optical transponder of luminescent bacteria' 
_struct.pdbx_model_details        ? 
_struct.pdbx_CASP_flag            ? 
_struct.pdbx_model_type_details   ? 
# 
_struct_keywords.entry_id        3DDY 
_struct_keywords.pdbx_keywords   'LUMINESCENT PROTEIN' 
_struct_keywords.text            
'Luminescent bacteria, Photobacterium leiognathi, lumazine protein, riboflavin synthase, Luminescence, LUMINESCENT PROTEIN' 
# 
loop_
_struct_asym.id 
_struct_asym.pdbx_blank_PDB_chainid_flag 
_struct_asym.pdbx_modified 
_struct_asym.entity_id 
_struct_asym.details 
A N N 1 ? 
B N N 2 ? 
C N N 3 ? 
# 
_struct_ref.id                         1 
_struct_ref.db_name                    UNP 
_struct_ref.db_code                    LUXP_PHOLE 
_struct_ref.pdbx_db_accession          Q06877 
_struct_ref.entity_id                  1 
_struct_ref.pdbx_seq_one_letter_code   
;MFRGIVQGRGVIRSISKSEDSQRHGIAFPEGMFQLVDVDTVMLVNGCSLTVVRILGDMVYFDIDQALGTTTFDGLKEGDQ
VNLEIHPKFGEVVGRGGLTGNIKGTALVAAIEENDAGFSVLIDIPKGLAENLTVKDDIGIDGISLPITDMSDSIITLNYS
RDLLASTNIASLAKDVKVNVEILNEW
;
_struct_ref.pdbx_align_begin           1 
_struct_ref.pdbx_db_isoform            ? 
# 
_struct_ref_seq.align_id                      1 
_struct_ref_seq.ref_id                        1 
_struct_ref_seq.pdbx_PDB_id_code              3DDY 
_struct_ref_seq.pdbx_strand_id                A 
_struct_ref_seq.seq_align_beg                 1 
_struct_ref_seq.pdbx_seq_align_beg_ins_code   ? 
_struct_ref_seq.seq_align_end                 186 
_struct_ref_seq.pdbx_seq_align_end_ins_code   ? 
_struct_ref_seq.pdbx_db_accession             Q06877 
_struct_ref_seq.db_align_beg                  1 
_struct_ref_seq.pdbx_db_align_beg_ins_code    ? 
_struct_ref_seq.db_align_end                  186 
_struct_ref_seq.pdbx_db_align_end_ins_code    ? 
_struct_ref_seq.pdbx_auth_seq_align_beg       1 
_struct_ref_seq.pdbx_auth_seq_align_end       186 
# 
_struct_ref_seq_dif.align_id                     1 
_struct_ref_seq_dif.pdbx_pdb_id_code             3DDY 
_struct_ref_seq_dif.mon_id                       ASN 
_struct_ref_seq_dif.pdbx_pdb_strand_id           A 
_struct_ref_seq_dif.seq_num                      49 
_struct_ref_seq_dif.pdbx_pdb_ins_code            ? 
_struct_ref_seq_dif.pdbx_seq_db_name             UNP 
_struct_ref_seq_dif.pdbx_seq_db_accession_code   Q06877 
_struct_ref_seq_dif.db_mon_id                    LEU 
_struct_ref_seq_dif.pdbx_seq_db_seq_num          49 
_struct_ref_seq_dif.details                      'engineered mutation' 
_struct_ref_seq_dif.pdbx_auth_seq_num            49 
_struct_ref_seq_dif.pdbx_ordinal                 1 
# 
_pdbx_struct_assembly.id                   1 
_pdbx_struct_assembly.details              author_and_software_defined_assembly 
_pdbx_struct_assembly.method_details       PISA 
_pdbx_struct_assembly.oligomeric_details   monomeric 
_pdbx_struct_assembly.oligomeric_count     1 
# 
_pdbx_struct_assembly_gen.assembly_id       1 
_pdbx_struct_assembly_gen.oper_expression   1 
_pdbx_struct_assembly_gen.asym_id_list      A,B,C 
# 
_pdbx_struct_oper_list.id                   1 
_pdbx_struct_oper_list.type                 'identity operation' 
_pdbx_struct_oper_list.name                 1_555 
_pdbx_struct_oper_list.symmetry_operation   x,y,z 
_pdbx_struct_oper_list.matrix[1][1]         1.0000000000 
_pdbx_struct_oper_list.matrix[1][2]         0.0000000000 
_pdbx_struct_oper_list.matrix[1][3]         0.0000000000 
_pdbx_struct_oper_list.vector[1]            0.0000000000 
_pdbx_struct_oper_list.matrix[2][1]         0.0000000000 
_pdbx_struct_oper_list.matrix[2][2]         1.0000000000 
_pdbx_struct_oper_list.matrix[2][3]         0.0000000000 
_pdbx_struct_oper_list.vector[2]            0.0000000000 
_pdbx_struct_oper_list.matrix[3][1]         0.0000000000 
_pdbx_struct_oper_list.matrix[3][2]         0.0000000000 
_pdbx_struct_oper_list.matrix[3][3]         1.0000000000 
_pdbx_struct_oper_list.vector[3]            0.0000000000 
# 
_struct_biol.id   1 
# 
loop_
_struct_conf.conf_type_id 
_struct_conf.id 
_struct_conf.pdbx_PDB_helix_id 
_struct_conf.beg_label_comp_id 
_struct_conf.beg_label_asym_id 
_struct_conf.beg_label_seq_id 
_struct_conf.pdbx_beg_PDB_ins_code 
_struct_conf.end_label_comp_id 
_struct_conf.end_label_asym_id 
_struct_conf.end_label_seq_id 
_struct_conf.pdbx_end_PDB_ins_code 
_struct_conf.beg_auth_comp_id 
_struct_conf.beg_auth_asym_id 
_struct_conf.beg_auth_seq_id 
_struct_conf.end_auth_comp_id 
_struct_conf.end_auth_asym_id 
_struct_conf.end_auth_seq_id 
_struct_conf.pdbx_PDB_helix_class 
_struct_conf.details 
_struct_conf.pdbx_PDB_helix_length 
HELX_P HELX_P1 1 MET A 32  ? VAL A 36  ? MET A 32  VAL A 36  5 ? 5 
HELX_P HELX_P2 2 THR A 71  ? LEU A 75  ? THR A 71  LEU A 75  5 ? 5 
HELX_P HELX_P3 3 ASP A 162 ? SER A 166 ? ASP A 162 SER A 166 5 ? 5 
HELX_P HELX_P4 4 ASN A 168 ? LEU A 172 ? ASN A 168 LEU A 172 5 ? 5 
# 
_struct_conf_type.id          HELX_P 
_struct_conf_type.criteria    ? 
_struct_conf_type.reference   ? 
# 
loop_
_struct_sheet.id 
_struct_sheet.type 
_struct_sheet.number_strands 
_struct_sheet.details 
A ? 7 ? 
B ? 7 ? 
# 
loop_
_struct_sheet_order.sheet_id 
_struct_sheet_order.range_id_1 
_struct_sheet_order.range_id_2 
_struct_sheet_order.offset 
_struct_sheet_order.sense 
A 1 2 ? anti-parallel 
A 2 3 ? anti-parallel 
A 3 4 ? anti-parallel 
A 4 5 ? anti-parallel 
A 5 6 ? anti-parallel 
A 6 7 ? anti-parallel 
B 1 2 ? anti-parallel 
B 2 3 ? anti-parallel 
B 3 4 ? anti-parallel 
B 4 5 ? anti-parallel 
B 5 6 ? anti-parallel 
B 6 7 ? anti-parallel 
# 
loop_
_struct_sheet_range.sheet_id 
_struct_sheet_range.id 
_struct_sheet_range.beg_label_comp_id 
_struct_sheet_range.beg_label_asym_id 
_struct_sheet_range.beg_label_seq_id 
_struct_sheet_range.pdbx_beg_PDB_ins_code 
_struct_sheet_range.end_label_comp_id 
_struct_sheet_range.end_label_asym_id 
_struct_sheet_range.end_label_seq_id 
_struct_sheet_range.pdbx_end_PDB_ins_code 
_struct_sheet_range.beg_auth_comp_id 
_struct_sheet_range.beg_auth_asym_id 
_struct_sheet_range.beg_auth_seq_id 
_struct_sheet_range.end_auth_comp_id 
_struct_sheet_range.end_auth_asym_id 
_struct_sheet_range.end_auth_seq_id 
A 1 GLY A 8   ? LYS A 17  ? GLY A 8   LYS A 17  
A 2 GLN A 22  ? ALA A 27  ? GLN A 22  ALA A 27  
A 3 MET A 58  ? ILE A 63  ? MET A 58  ILE A 63  
A 4 CYS A 47  ? LEU A 55  ? CYS A 47  LEU A 55  
A 5 VAL A 41  ? VAL A 44  ? VAL A 41  VAL A 44  
A 6 GLN A 80  ? GLU A 84  ? GLN A 80  GLU A 84  
A 7 GLY A 8   ? LYS A 17  ? GLY A 8   LYS A 17  
B 1 ILE A 143 ? PRO A 146 ? ILE A 143 PRO A 146 
B 2 ASP A 137 ? ILE A 140 ? ASP A 137 ILE A 140 
B 3 LYS A 177 ? ILE A 182 ? LYS A 177 ILE A 182 
B 4 GLY A 104 ? GLU A 112 ? GLY A 104 GLU A 112 
B 5 GLY A 117 ? ASP A 123 ? GLY A 117 ASP A 123 
B 6 ILE A 154 ? SER A 160 ? ILE A 154 SER A 160 
B 7 ASP A 149 ? SER A 151 ? ASP A 149 SER A 151 
# 
loop_
_pdbx_struct_sheet_hbond.sheet_id 
_pdbx_struct_sheet_hbond.range_id_1 
_pdbx_struct_sheet_hbond.range_id_2 
_pdbx_struct_sheet_hbond.range_1_label_atom_id 
_pdbx_struct_sheet_hbond.range_1_label_comp_id 
_pdbx_struct_sheet_hbond.range_1_label_asym_id 
_pdbx_struct_sheet_hbond.range_1_label_seq_id 
_pdbx_struct_sheet_hbond.range_1_PDB_ins_code 
_pdbx_struct_sheet_hbond.range_1_auth_atom_id 
_pdbx_struct_sheet_hbond.range_1_auth_comp_id 
_pdbx_struct_sheet_hbond.range_1_auth_asym_id 
_pdbx_struct_sheet_hbond.range_1_auth_seq_id 
_pdbx_struct_sheet_hbond.range_2_label_atom_id 
_pdbx_struct_sheet_hbond.range_2_label_comp_id 
_pdbx_struct_sheet_hbond.range_2_label_asym_id 
_pdbx_struct_sheet_hbond.range_2_label_seq_id 
_pdbx_struct_sheet_hbond.range_2_PDB_ins_code 
_pdbx_struct_sheet_hbond.range_2_auth_atom_id 
_pdbx_struct_sheet_hbond.range_2_auth_comp_id 
_pdbx_struct_sheet_hbond.range_2_auth_asym_id 
_pdbx_struct_sheet_hbond.range_2_auth_seq_id 
A 1 2 N SER A 14  ? N SER A 14  O GLY A 25  ? O GLY A 25  
A 2 3 N ILE A 26  ? N ILE A 26  O VAL A 59  ? O VAL A 59  
A 3 4 O TYR A 60  ? O TYR A 60  N ARG A 53  ? N ARG A 53  
A 4 5 O ASN A 49  ? O ASN A 49  N MET A 42  ? N MET A 42  
A 5 6 N LEU A 43  ? N LEU A 43  O GLU A 84  ? O GLU A 84  
A 6 7 O VAL A 81  ? O VAL A 81  N GLY A 10  ? N GLY A 10  
B 1 2 O LEU A 145 ? O LEU A 145 N ILE A 138 ? N ILE A 138 
B 2 3 N GLY A 139 ? N GLY A 139 O GLU A 181 ? O GLU A 181 
B 3 4 O VAL A 180 ? O VAL A 180 N GLY A 104 ? N GLY A 104 
B 4 5 N GLU A 112 ? N GLU A 112 O SER A 119 ? O SER A 119 
B 5 6 N PHE A 118 ? N PHE A 118 O TYR A 159 ? O TYR A 159 
B 6 7 O THR A 156 ? O THR A 156 N ASP A 149 ? N ASP A 149 
# 
_struct_site.id                   AC1 
_struct_site.pdbx_evidence_code   Software 
_struct_site.pdbx_auth_asym_id    A 
_struct_site.pdbx_auth_comp_id    RBF 
_struct_site.pdbx_auth_seq_id     187 
_struct_site.pdbx_auth_ins_code   ? 
_struct_site.pdbx_num_residues    15 
_struct_site.details              'BINDING SITE FOR RESIDUE RBF A 187' 
# 
loop_
_struct_site_gen.id 
_struct_site_gen.site_id 
_struct_site_gen.pdbx_num_res 
_struct_site_gen.label_comp_id 
_struct_site_gen.label_asym_id 
_struct_site_gen.label_seq_id 
_struct_site_gen.pdbx_auth_ins_code 
_struct_site_gen.auth_comp_id 
_struct_site_gen.auth_asym_id 
_struct_site_gen.auth_seq_id 
_struct_site_gen.label_atom_id 
_struct_site_gen.label_alt_id 
_struct_site_gen.symmetry 
_struct_site_gen.details 
1  AC1 15 ILE A 5   ? ILE A 5   . ? 2_544 ? 
2  AC1 15 GLN A 7   ? GLN A 7   . ? 2_544 ? 
3  AC1 15 CYS A 47  ? CYS A 47  . ? 1_555 ? 
4  AC1 15 SER A 48  ? SER A 48  . ? 1_555 ? 
5  AC1 15 THR A 50  ? THR A 50  . ? 1_555 ? 
6  AC1 15 ASP A 62  ? ASP A 62  . ? 1_555 ? 
7  AC1 15 ASP A 64  ? ASP A 64  . ? 1_555 ? 
8  AC1 15 GLN A 65  ? GLN A 65  . ? 1_555 ? 
9  AC1 15 ALA A 66  ? ALA A 66  . ? 1_555 ? 
10 AC1 15 THR A 69  ? THR A 69  . ? 1_555 ? 
11 AC1 15 GLY A 100 ? GLY A 100 . ? 1_555 ? 
12 AC1 15 ASN A 101 ? ASN A 101 . ? 1_555 ? 
13 AC1 15 ILE A 102 ? ILE A 102 . ? 1_555 ? 
14 AC1 15 SER A 166 ? SER A 166 . ? 2_544 ? 
15 AC1 15 HOH C .   ? HOH A 385 . ? 1_555 ? 
# 
loop_
_pdbx_validate_close_contact.id 
_pdbx_validate_close_contact.PDB_model_num 
_pdbx_validate_close_contact.auth_atom_id_1 
_pdbx_validate_close_contact.auth_asym_id_1 
_pdbx_validate_close_contact.auth_comp_id_1 
_pdbx_validate_close_contact.auth_seq_id_1 
_pdbx_validate_close_contact.PDB_ins_code_1 
_pdbx_validate_close_contact.label_alt_id_1 
_pdbx_validate_close_contact.auth_atom_id_2 
_pdbx_validate_close_contact.auth_asym_id_2 
_pdbx_validate_close_contact.auth_comp_id_2 
_pdbx_validate_close_contact.auth_seq_id_2 
_pdbx_validate_close_contact.PDB_ins_code_2 
_pdbx_validate_close_contact.label_alt_id_2 
_pdbx_validate_close_contact.dist 
1 1 OG1 A THR 156 ? ? O A HOH 241 ? ? 2.07 
2 1 N   A GLY 97  ? ? O A HOH 295 ? ? 2.14 
# 
loop_
_pdbx_validate_symm_contact.id 
_pdbx_validate_symm_contact.PDB_model_num 
_pdbx_validate_symm_contact.auth_atom_id_1 
_pdbx_validate_symm_contact.auth_asym_id_1 
_pdbx_validate_symm_contact.auth_comp_id_1 
_pdbx_validate_symm_contact.auth_seq_id_1 
_pdbx_validate_symm_contact.PDB_ins_code_1 
_pdbx_validate_symm_contact.label_alt_id_1 
_pdbx_validate_symm_contact.site_symmetry_1 
_pdbx_validate_symm_contact.auth_atom_id_2 
_pdbx_validate_symm_contact.auth_asym_id_2 
_pdbx_validate_symm_contact.auth_comp_id_2 
_pdbx_validate_symm_contact.auth_seq_id_2 
_pdbx_validate_symm_contact.PDB_ins_code_2 
_pdbx_validate_symm_contact.label_alt_id_2 
_pdbx_validate_symm_contact.site_symmetry_2 
_pdbx_validate_symm_contact.dist 
1 1 O A HOH 201 ? ? 1_555 O A HOH 232 ? ? 3_655 0.31 
2 1 O A HOH 260 ? ? 1_555 O A HOH 287 ? ? 4_655 0.50 
# 
_pdbx_validate_rmsd_bond.id                        1 
_pdbx_validate_rmsd_bond.PDB_model_num             1 
_pdbx_validate_rmsd_bond.auth_atom_id_1            C 
_pdbx_validate_rmsd_bond.auth_asym_id_1            A 
_pdbx_validate_rmsd_bond.auth_comp_id_1            SER 
_pdbx_validate_rmsd_bond.auth_seq_id_1             153 
_pdbx_validate_rmsd_bond.PDB_ins_code_1            ? 
_pdbx_validate_rmsd_bond.label_alt_id_1            ? 
_pdbx_validate_rmsd_bond.auth_atom_id_2            O 
_pdbx_validate_rmsd_bond.auth_asym_id_2            A 
_pdbx_validate_rmsd_bond.auth_comp_id_2            SER 
_pdbx_validate_rmsd_bond.auth_seq_id_2             153 
_pdbx_validate_rmsd_bond.PDB_ins_code_2            ? 
_pdbx_validate_rmsd_bond.label_alt_id_2            ? 
_pdbx_validate_rmsd_bond.bond_value                1.380 
_pdbx_validate_rmsd_bond.bond_target_value         1.229 
_pdbx_validate_rmsd_bond.bond_deviation            0.151 
_pdbx_validate_rmsd_bond.bond_standard_deviation   0.019 
_pdbx_validate_rmsd_bond.linker_flag               N 
# 
_pdbx_validate_rmsd_angle.id                         1 
_pdbx_validate_rmsd_angle.PDB_model_num              1 
_pdbx_validate_rmsd_angle.auth_atom_id_1             N 
_pdbx_validate_rmsd_angle.auth_asym_id_1             A 
_pdbx_validate_rmsd_angle.auth_comp_id_1             PRO 
_pdbx_validate_rmsd_angle.auth_seq_id_1              87 
_pdbx_validate_rmsd_angle.PDB_ins_code_1             ? 
_pdbx_validate_rmsd_angle.label_alt_id_1             ? 
_pdbx_validate_rmsd_angle.auth_atom_id_2             CA 
_pdbx_validate_rmsd_angle.auth_asym_id_2             A 
_pdbx_validate_rmsd_angle.auth_comp_id_2             PRO 
_pdbx_validate_rmsd_angle.auth_seq_id_2              87 
_pdbx_validate_rmsd_angle.PDB_ins_code_2             ? 
_pdbx_validate_rmsd_angle.label_alt_id_2             ? 
_pdbx_validate_rmsd_angle.auth_atom_id_3             CB 
_pdbx_validate_rmsd_angle.auth_asym_id_3             A 
_pdbx_validate_rmsd_angle.auth_comp_id_3             PRO 
_pdbx_validate_rmsd_angle.auth_seq_id_3              87 
_pdbx_validate_rmsd_angle.PDB_ins_code_3             ? 
_pdbx_validate_rmsd_angle.label_alt_id_3             ? 
_pdbx_validate_rmsd_angle.angle_value                110.82 
_pdbx_validate_rmsd_angle.angle_target_value         103.30 
_pdbx_validate_rmsd_angle.angle_deviation            7.52 
_pdbx_validate_rmsd_angle.angle_standard_deviation   1.20 
_pdbx_validate_rmsd_angle.linker_flag                N 
# 
loop_
_pdbx_validate_torsion.id 
_pdbx_validate_torsion.PDB_model_num 
_pdbx_validate_torsion.auth_comp_id 
_pdbx_validate_torsion.auth_asym_id 
_pdbx_validate_torsion.auth_seq_id 
_pdbx_validate_torsion.PDB_ins_code 
_pdbx_validate_torsion.label_alt_id 
_pdbx_validate_torsion.phi 
_pdbx_validate_torsion.psi 
1 1 ASP A 39  ? ? 89.73   -6.21   
2 1 ASP A 64  ? ? -140.52 -65.98  
3 1 HIS A 86  ? ? -58.39  176.87  
4 1 ALA A 129 ? ? -175.80 134.79  
5 1 ASN A 131 ? ? -100.00 55.43   
6 1 LYS A 135 ? ? 80.81   -3.12   
7 1 ASP A 152 ? ? 53.26   -132.05 
# 
_pdbx_validate_main_chain_plane.id                       1 
_pdbx_validate_main_chain_plane.PDB_model_num            1 
_pdbx_validate_main_chain_plane.auth_comp_id             SER 
_pdbx_validate_main_chain_plane.auth_asym_id             A 
_pdbx_validate_main_chain_plane.auth_seq_id              119 
_pdbx_validate_main_chain_plane.PDB_ins_code             ? 
_pdbx_validate_main_chain_plane.label_alt_id             ? 
_pdbx_validate_main_chain_plane.improper_torsion_angle   12.38 
# 
_pdbx_struct_special_symmetry.id              1 
_pdbx_struct_special_symmetry.PDB_model_num   1 
_pdbx_struct_special_symmetry.auth_asym_id    A 
_pdbx_struct_special_symmetry.auth_comp_id    HOH 
_pdbx_struct_special_symmetry.auth_seq_id     374 
_pdbx_struct_special_symmetry.PDB_ins_code    ? 
_pdbx_struct_special_symmetry.label_asym_id   C 
_pdbx_struct_special_symmetry.label_comp_id   HOH 
_pdbx_struct_special_symmetry.label_seq_id    . 
# 
loop_
_pdbx_unobs_or_zero_occ_residues.id 
_pdbx_unobs_or_zero_occ_residues.PDB_model_num 
_pdbx_unobs_or_zero_occ_residues.polymer_flag 
_pdbx_unobs_or_zero_occ_residues.occupancy_flag 
_pdbx_unobs_or_zero_occ_residues.auth_asym_id 
_pdbx_unobs_or_zero_occ_residues.auth_comp_id 
_pdbx_unobs_or_zero_occ_residues.auth_seq_id 
_pdbx_unobs_or_zero_occ_residues.PDB_ins_code 
_pdbx_unobs_or_zero_occ_residues.label_asym_id 
_pdbx_unobs_or_zero_occ_residues.label_comp_id 
_pdbx_unobs_or_zero_occ_residues.label_seq_id 
1  1 Y 1 A LYS 88  ? A LYS 88  
2  1 Y 1 A PHE 89  ? A PHE 89  
3  1 Y 1 A GLY 90  ? A GLY 90  
4  1 Y 1 A GLU 91  ? A GLU 91  
5  1 Y 1 A VAL 92  ? A VAL 92  
6  1 Y 1 A VAL 93  ? A VAL 93  
7  1 Y 1 A GLY 94  ? A GLY 94  
8  1 Y 1 A ARG 95  ? A ARG 95  
9  1 Y 1 A GLY 96  ? A GLY 96  
10 1 Y 1 A GLU 185 ? A GLU 185 
11 1 Y 1 A TRP 186 ? A TRP 186 
# 
loop_
_chem_comp_atom.comp_id 
_chem_comp_atom.atom_id 
_chem_comp_atom.type_symbol 
_chem_comp_atom.pdbx_aromatic_flag 
_chem_comp_atom.pdbx_stereo_config 
_chem_comp_atom.pdbx_ordinal 
ALA N      N N N 1   
ALA CA     C N S 2   
ALA C      C N N 3   
ALA O      O N N 4   
ALA CB     C N N 5   
ALA OXT    O N N 6   
ALA H      H N N 7   
ALA H2     H N N 8   
ALA HA     H N N 9   
ALA HB1    H N N 10  
ALA HB2    H N N 11  
ALA HB3    H N N 12  
ALA HXT    H N N 13  
ARG N      N N N 14  
ARG CA     C N S 15  
ARG C      C N N 16  
ARG O      O N N 17  
ARG CB     C N N 18  
ARG CG     C N N 19  
ARG CD     C N N 20  
ARG NE     N N N 21  
ARG CZ     C N N 22  
ARG NH1    N N N 23  
ARG NH2    N N N 24  
ARG OXT    O N N 25  
ARG H      H N N 26  
ARG H2     H N N 27  
ARG HA     H N N 28  
ARG HB2    H N N 29  
ARG HB3    H N N 30  
ARG HG2    H N N 31  
ARG HG3    H N N 32  
ARG HD2    H N N 33  
ARG HD3    H N N 34  
ARG HE     H N N 35  
ARG HH11   H N N 36  
ARG HH12   H N N 37  
ARG HH21   H N N 38  
ARG HH22   H N N 39  
ARG HXT    H N N 40  
ASN N      N N N 41  
ASN CA     C N S 42  
ASN C      C N N 43  
ASN O      O N N 44  
ASN CB     C N N 45  
ASN CG     C N N 46  
ASN OD1    O N N 47  
ASN ND2    N N N 48  
ASN OXT    O N N 49  
ASN H      H N N 50  
ASN H2     H N N 51  
ASN HA     H N N 52  
ASN HB2    H N N 53  
ASN HB3    H N N 54  
ASN HD21   H N N 55  
ASN HD22   H N N 56  
ASN HXT    H N N 57  
ASP N      N N N 58  
ASP CA     C N S 59  
ASP C      C N N 60  
ASP O      O N N 61  
ASP CB     C N N 62  
ASP CG     C N N 63  
ASP OD1    O N N 64  
ASP OD2    O N N 65  
ASP OXT    O N N 66  
ASP H      H N N 67  
ASP H2     H N N 68  
ASP HA     H N N 69  
ASP HB2    H N N 70  
ASP HB3    H N N 71  
ASP HD2    H N N 72  
ASP HXT    H N N 73  
CYS N      N N N 74  
CYS CA     C N R 75  
CYS C      C N N 76  
CYS O      O N N 77  
CYS CB     C N N 78  
CYS SG     S N N 79  
CYS OXT    O N N 80  
CYS H      H N N 81  
CYS H2     H N N 82  
CYS HA     H N N 83  
CYS HB2    H N N 84  
CYS HB3    H N N 85  
CYS HG     H N N 86  
CYS HXT    H N N 87  
GLN N      N N N 88  
GLN CA     C N S 89  
GLN C      C N N 90  
GLN O      O N N 91  
GLN CB     C N N 92  
GLN CG     C N N 93  
GLN CD     C N N 94  
GLN OE1    O N N 95  
GLN NE2    N N N 96  
GLN OXT    O N N 97  
GLN H      H N N 98  
GLN H2     H N N 99  
GLN HA     H N N 100 
GLN HB2    H N N 101 
GLN HB3    H N N 102 
GLN HG2    H N N 103 
GLN HG3    H N N 104 
GLN HE21   H N N 105 
GLN HE22   H N N 106 
GLN HXT    H N N 107 
GLU N      N N N 108 
GLU CA     C N S 109 
GLU C      C N N 110 
GLU O      O N N 111 
GLU CB     C N N 112 
GLU CG     C N N 113 
GLU CD     C N N 114 
GLU OE1    O N N 115 
GLU OE2    O N N 116 
GLU OXT    O N N 117 
GLU H      H N N 118 
GLU H2     H N N 119 
GLU HA     H N N 120 
GLU HB2    H N N 121 
GLU HB3    H N N 122 
GLU HG2    H N N 123 
GLU HG3    H N N 124 
GLU HE2    H N N 125 
GLU HXT    H N N 126 
GLY N      N N N 127 
GLY CA     C N N 128 
GLY C      C N N 129 
GLY O      O N N 130 
GLY OXT    O N N 131 
GLY H      H N N 132 
GLY H2     H N N 133 
GLY HA2    H N N 134 
GLY HA3    H N N 135 
GLY HXT    H N N 136 
HIS N      N N N 137 
HIS CA     C N S 138 
HIS C      C N N 139 
HIS O      O N N 140 
HIS CB     C N N 141 
HIS CG     C Y N 142 
HIS ND1    N Y N 143 
HIS CD2    C Y N 144 
HIS CE1    C Y N 145 
HIS NE2    N Y N 146 
HIS OXT    O N N 147 
HIS H      H N N 148 
HIS H2     H N N 149 
HIS HA     H N N 150 
HIS HB2    H N N 151 
HIS HB3    H N N 152 
HIS HD1    H N N 153 
HIS HD2    H N N 154 
HIS HE1    H N N 155 
HIS HE2    H N N 156 
HIS HXT    H N N 157 
HOH O      O N N 158 
HOH H1     H N N 159 
HOH H2     H N N 160 
ILE N      N N N 161 
ILE CA     C N S 162 
ILE C      C N N 163 
ILE O      O N N 164 
ILE CB     C N S 165 
ILE CG1    C N N 166 
ILE CG2    C N N 167 
ILE CD1    C N N 168 
ILE OXT    O N N 169 
ILE H      H N N 170 
ILE H2     H N N 171 
ILE HA     H N N 172 
ILE HB     H N N 173 
ILE HG12   H N N 174 
ILE HG13   H N N 175 
ILE HG21   H N N 176 
ILE HG22   H N N 177 
ILE HG23   H N N 178 
ILE HD11   H N N 179 
ILE HD12   H N N 180 
ILE HD13   H N N 181 
ILE HXT    H N N 182 
LEU N      N N N 183 
LEU CA     C N S 184 
LEU C      C N N 185 
LEU O      O N N 186 
LEU CB     C N N 187 
LEU CG     C N N 188 
LEU CD1    C N N 189 
LEU CD2    C N N 190 
LEU OXT    O N N 191 
LEU H      H N N 192 
LEU H2     H N N 193 
LEU HA     H N N 194 
LEU HB2    H N N 195 
LEU HB3    H N N 196 
LEU HG     H N N 197 
LEU HD11   H N N 198 
LEU HD12   H N N 199 
LEU HD13   H N N 200 
LEU HD21   H N N 201 
LEU HD22   H N N 202 
LEU HD23   H N N 203 
LEU HXT    H N N 204 
LYS N      N N N 205 
LYS CA     C N S 206 
LYS C      C N N 207 
LYS O      O N N 208 
LYS CB     C N N 209 
LYS CG     C N N 210 
LYS CD     C N N 211 
LYS CE     C N N 212 
LYS NZ     N N N 213 
LYS OXT    O N N 214 
LYS H      H N N 215 
LYS H2     H N N 216 
LYS HA     H N N 217 
LYS HB2    H N N 218 
LYS HB3    H N N 219 
LYS HG2    H N N 220 
LYS HG3    H N N 221 
LYS HD2    H N N 222 
LYS HD3    H N N 223 
LYS HE2    H N N 224 
LYS HE3    H N N 225 
LYS HZ1    H N N 226 
LYS HZ2    H N N 227 
LYS HZ3    H N N 228 
LYS HXT    H N N 229 
MET N      N N N 230 
MET CA     C N S 231 
MET C      C N N 232 
MET O      O N N 233 
MET CB     C N N 234 
MET CG     C N N 235 
MET SD     S N N 236 
MET CE     C N N 237 
MET OXT    O N N 238 
MET H      H N N 239 
MET H2     H N N 240 
MET HA     H N N 241 
MET HB2    H N N 242 
MET HB3    H N N 243 
MET HG2    H N N 244 
MET HG3    H N N 245 
MET HE1    H N N 246 
MET HE2    H N N 247 
MET HE3    H N N 248 
MET HXT    H N N 249 
PHE N      N N N 250 
PHE CA     C N S 251 
PHE C      C N N 252 
PHE O      O N N 253 
PHE CB     C N N 254 
PHE CG     C Y N 255 
PHE CD1    C Y N 256 
PHE CD2    C Y N 257 
PHE CE1    C Y N 258 
PHE CE2    C Y N 259 
PHE CZ     C Y N 260 
PHE OXT    O N N 261 
PHE H      H N N 262 
PHE H2     H N N 263 
PHE HA     H N N 264 
PHE HB2    H N N 265 
PHE HB3    H N N 266 
PHE HD1    H N N 267 
PHE HD2    H N N 268 
PHE HE1    H N N 269 
PHE HE2    H N N 270 
PHE HZ     H N N 271 
PHE HXT    H N N 272 
PRO N      N N N 273 
PRO CA     C N S 274 
PRO C      C N N 275 
PRO O      O N N 276 
PRO CB     C N N 277 
PRO CG     C N N 278 
PRO CD     C N N 279 
PRO OXT    O N N 280 
PRO H      H N N 281 
PRO HA     H N N 282 
PRO HB2    H N N 283 
PRO HB3    H N N 284 
PRO HG2    H N N 285 
PRO HG3    H N N 286 
PRO HD2    H N N 287 
PRO HD3    H N N 288 
PRO HXT    H N N 289 
RBF N1     N N N 290 
RBF C2     C N N 291 
RBF O2     O N N 292 
RBF N3     N N N 293 
RBF C4     C N N 294 
RBF O4     O N N 295 
RBF C4A    C N N 296 
RBF N5     N N N 297 
RBF C5A    C Y N 298 
RBF C6     C Y N 299 
RBF C7     C Y N 300 
RBF C7M    C N N 301 
RBF C8     C Y N 302 
RBF C8M    C N N 303 
RBF C9     C Y N 304 
RBF C9A    C Y N 305 
RBF N10    N N N 306 
RBF C10    C N N 307 
RBF "C1'"  C N N 308 
RBF "C2'"  C N S 309 
RBF "O2'"  O N N 310 
RBF "C3'"  C N S 311 
RBF "O3'"  O N N 312 
RBF "C4'"  C N R 313 
RBF "O4'"  O N N 314 
RBF "C5'"  C N N 315 
RBF "O5'"  O N N 316 
RBF HN3    H N N 317 
RBF HC6    H N N 318 
RBF HC71   H N N 319 
RBF HC72   H N N 320 
RBF HC73   H N N 321 
RBF HC81   H N N 322 
RBF HC82   H N N 323 
RBF HC83   H N N 324 
RBF HC9    H N N 325 
RBF HC11   H N N 326 
RBF HC12   H N N 327 
RBF "HC2'" H N N 328 
RBF "HO2'" H N N 329 
RBF "HC3'" H N N 330 
RBF "HO3'" H N N 331 
RBF "HC4'" H N N 332 
RBF "HO4'" H N N 333 
RBF HC51   H N N 334 
RBF HC52   H N N 335 
RBF "HO5'" H N N 336 
SER N      N N N 337 
SER CA     C N S 338 
SER C      C N N 339 
SER O      O N N 340 
SER CB     C N N 341 
SER OG     O N N 342 
SER OXT    O N N 343 
SER H      H N N 344 
SER H2     H N N 345 
SER HA     H N N 346 
SER HB2    H N N 347 
SER HB3    H N N 348 
SER HG     H N N 349 
SER HXT    H N N 350 
THR N      N N N 351 
THR CA     C N S 352 
THR C      C N N 353 
THR O      O N N 354 
THR CB     C N R 355 
THR OG1    O N N 356 
THR CG2    C N N 357 
THR OXT    O N N 358 
THR H      H N N 359 
THR H2     H N N 360 
THR HA     H N N 361 
THR HB     H N N 362 
THR HG1    H N N 363 
THR HG21   H N N 364 
THR HG22   H N N 365 
THR HG23   H N N 366 
THR HXT    H N N 367 
TRP N      N N N 368 
TRP CA     C N S 369 
TRP C      C N N 370 
TRP O      O N N 371 
TRP CB     C N N 372 
TRP CG     C Y N 373 
TRP CD1    C Y N 374 
TRP CD2    C Y N 375 
TRP NE1    N Y N 376 
TRP CE2    C Y N 377 
TRP CE3    C Y N 378 
TRP CZ2    C Y N 379 
TRP CZ3    C Y N 380 
TRP CH2    C Y N 381 
TRP OXT    O N N 382 
TRP H      H N N 383 
TRP H2     H N N 384 
TRP HA     H N N 385 
TRP HB2    H N N 386 
TRP HB3    H N N 387 
TRP HD1    H N N 388 
TRP HE1    H N N 389 
TRP HE3    H N N 390 
TRP HZ2    H N N 391 
TRP HZ3    H N N 392 
TRP HH2    H N N 393 
TRP HXT    H N N 394 
TYR N      N N N 395 
TYR CA     C N S 396 
TYR C      C N N 397 
TYR O      O N N 398 
TYR CB     C N N 399 
TYR CG     C Y N 400 
TYR CD1    C Y N 401 
TYR CD2    C Y N 402 
TYR CE1    C Y N 403 
TYR CE2    C Y N 404 
TYR CZ     C Y N 405 
TYR OH     O N N 406 
TYR OXT    O N N 407 
TYR H      H N N 408 
TYR H2     H N N 409 
TYR HA     H N N 410 
TYR HB2    H N N 411 
TYR HB3    H N N 412 
TYR HD1    H N N 413 
TYR HD2    H N N 414 
TYR HE1    H N N 415 
TYR HE2    H N N 416 
TYR HH     H N N 417 
TYR HXT    H N N 418 
VAL N      N N N 419 
VAL CA     C N S 420 
VAL C      C N N 421 
VAL O      O N N 422 
VAL CB     C N N 423 
VAL CG1    C N N 424 
VAL CG2    C N N 425 
VAL OXT    O N N 426 
VAL H      H N N 427 
VAL H2     H N N 428 
VAL HA     H N N 429 
VAL HB     H N N 430 
VAL HG11   H N N 431 
VAL HG12   H N N 432 
VAL HG13   H N N 433 
VAL HG21   H N N 434 
VAL HG22   H N N 435 
VAL HG23   H N N 436 
VAL HXT    H N N 437 
# 
loop_
_chem_comp_bond.comp_id 
_chem_comp_bond.atom_id_1 
_chem_comp_bond.atom_id_2 
_chem_comp_bond.value_order 
_chem_comp_bond.pdbx_aromatic_flag 
_chem_comp_bond.pdbx_stereo_config 
_chem_comp_bond.pdbx_ordinal 
ALA N     CA     sing N N 1   
ALA N     H      sing N N 2   
ALA N     H2     sing N N 3   
ALA CA    C      sing N N 4   
ALA CA    CB     sing N N 5   
ALA CA    HA     sing N N 6   
ALA C     O      doub N N 7   
ALA C     OXT    sing N N 8   
ALA CB    HB1    sing N N 9   
ALA CB    HB2    sing N N 10  
ALA CB    HB3    sing N N 11  
ALA OXT   HXT    sing N N 12  
ARG N     CA     sing N N 13  
ARG N     H      sing N N 14  
ARG N     H2     sing N N 15  
ARG CA    C      sing N N 16  
ARG CA    CB     sing N N 17  
ARG CA    HA     sing N N 18  
ARG C     O      doub N N 19  
ARG C     OXT    sing N N 20  
ARG CB    CG     sing N N 21  
ARG CB    HB2    sing N N 22  
ARG CB    HB3    sing N N 23  
ARG CG    CD     sing N N 24  
ARG CG    HG2    sing N N 25  
ARG CG    HG3    sing N N 26  
ARG CD    NE     sing N N 27  
ARG CD    HD2    sing N N 28  
ARG CD    HD3    sing N N 29  
ARG NE    CZ     sing N N 30  
ARG NE    HE     sing N N 31  
ARG CZ    NH1    sing N N 32  
ARG CZ    NH2    doub N N 33  
ARG NH1   HH11   sing N N 34  
ARG NH1   HH12   sing N N 35  
ARG NH2   HH21   sing N N 36  
ARG NH2   HH22   sing N N 37  
ARG OXT   HXT    sing N N 38  
ASN N     CA     sing N N 39  
ASN N     H      sing N N 40  
ASN N     H2     sing N N 41  
ASN CA    C      sing N N 42  
ASN CA    CB     sing N N 43  
ASN CA    HA     sing N N 44  
ASN C     O      doub N N 45  
ASN C     OXT    sing N N 46  
ASN CB    CG     sing N N 47  
ASN CB    HB2    sing N N 48  
ASN CB    HB3    sing N N 49  
ASN CG    OD1    doub N N 50  
ASN CG    ND2    sing N N 51  
ASN ND2   HD21   sing N N 52  
ASN ND2   HD22   sing N N 53  
ASN OXT   HXT    sing N N 54  
ASP N     CA     sing N N 55  
ASP N     H      sing N N 56  
ASP N     H2     sing N N 57  
ASP CA    C      sing N N 58  
ASP CA    CB     sing N N 59  
ASP CA    HA     sing N N 60  
ASP C     O      doub N N 61  
ASP C     OXT    sing N N 62  
ASP CB    CG     sing N N 63  
ASP CB    HB2    sing N N 64  
ASP CB    HB3    sing N N 65  
ASP CG    OD1    doub N N 66  
ASP CG    OD2    sing N N 67  
ASP OD2   HD2    sing N N 68  
ASP OXT   HXT    sing N N 69  
CYS N     CA     sing N N 70  
CYS N     H      sing N N 71  
CYS N     H2     sing N N 72  
CYS CA    C      sing N N 73  
CYS CA    CB     sing N N 74  
CYS CA    HA     sing N N 75  
CYS C     O      doub N N 76  
CYS C     OXT    sing N N 77  
CYS CB    SG     sing N N 78  
CYS CB    HB2    sing N N 79  
CYS CB    HB3    sing N N 80  
CYS SG    HG     sing N N 81  
CYS OXT   HXT    sing N N 82  
GLN N     CA     sing N N 83  
GLN N     H      sing N N 84  
GLN N     H2     sing N N 85  
GLN CA    C      sing N N 86  
GLN CA    CB     sing N N 87  
GLN CA    HA     sing N N 88  
GLN C     O      doub N N 89  
GLN C     OXT    sing N N 90  
GLN CB    CG     sing N N 91  
GLN CB    HB2    sing N N 92  
GLN CB    HB3    sing N N 93  
GLN CG    CD     sing N N 94  
GLN CG    HG2    sing N N 95  
GLN CG    HG3    sing N N 96  
GLN CD    OE1    doub N N 97  
GLN CD    NE2    sing N N 98  
GLN NE2   HE21   sing N N 99  
GLN NE2   HE22   sing N N 100 
GLN OXT   HXT    sing N N 101 
GLU N     CA     sing N N 102 
GLU N     H      sing N N 103 
GLU N     H2     sing N N 104 
GLU CA    C      sing N N 105 
GLU CA    CB     sing N N 106 
GLU CA    HA     sing N N 107 
GLU C     O      doub N N 108 
GLU C     OXT    sing N N 109 
GLU CB    CG     sing N N 110 
GLU CB    HB2    sing N N 111 
GLU CB    HB3    sing N N 112 
GLU CG    CD     sing N N 113 
GLU CG    HG2    sing N N 114 
GLU CG    HG3    sing N N 115 
GLU CD    OE1    doub N N 116 
GLU CD    OE2    sing N N 117 
GLU OE2   HE2    sing N N 118 
GLU OXT   HXT    sing N N 119 
GLY N     CA     sing N N 120 
GLY N     H      sing N N 121 
GLY N     H2     sing N N 122 
GLY CA    C      sing N N 123 
GLY CA    HA2    sing N N 124 
GLY CA    HA3    sing N N 125 
GLY C     O      doub N N 126 
GLY C     OXT    sing N N 127 
GLY OXT   HXT    sing N N 128 
HIS N     CA     sing N N 129 
HIS N     H      sing N N 130 
HIS N     H2     sing N N 131 
HIS CA    C      sing N N 132 
HIS CA    CB     sing N N 133 
HIS CA    HA     sing N N 134 
HIS C     O      doub N N 135 
HIS C     OXT    sing N N 136 
HIS CB    CG     sing N N 137 
HIS CB    HB2    sing N N 138 
HIS CB    HB3    sing N N 139 
HIS CG    ND1    sing Y N 140 
HIS CG    CD2    doub Y N 141 
HIS ND1   CE1    doub Y N 142 
HIS ND1   HD1    sing N N 143 
HIS CD2   NE2    sing Y N 144 
HIS CD2   HD2    sing N N 145 
HIS CE1   NE2    sing Y N 146 
HIS CE1   HE1    sing N N 147 
HIS NE2   HE2    sing N N 148 
HIS OXT   HXT    sing N N 149 
HOH O     H1     sing N N 150 
HOH O     H2     sing N N 151 
ILE N     CA     sing N N 152 
ILE N     H      sing N N 153 
ILE N     H2     sing N N 154 
ILE CA    C      sing N N 155 
ILE CA    CB     sing N N 156 
ILE CA    HA     sing N N 157 
ILE C     O      doub N N 158 
ILE C     OXT    sing N N 159 
ILE CB    CG1    sing N N 160 
ILE CB    CG2    sing N N 161 
ILE CB    HB     sing N N 162 
ILE CG1   CD1    sing N N 163 
ILE CG1   HG12   sing N N 164 
ILE CG1   HG13   sing N N 165 
ILE CG2   HG21   sing N N 166 
ILE CG2   HG22   sing N N 167 
ILE CG2   HG23   sing N N 168 
ILE CD1   HD11   sing N N 169 
ILE CD1   HD12   sing N N 170 
ILE CD1   HD13   sing N N 171 
ILE OXT   HXT    sing N N 172 
LEU N     CA     sing N N 173 
LEU N     H      sing N N 174 
LEU N     H2     sing N N 175 
LEU CA    C      sing N N 176 
LEU CA    CB     sing N N 177 
LEU CA    HA     sing N N 178 
LEU C     O      doub N N 179 
LEU C     OXT    sing N N 180 
LEU CB    CG     sing N N 181 
LEU CB    HB2    sing N N 182 
LEU CB    HB3    sing N N 183 
LEU CG    CD1    sing N N 184 
LEU CG    CD2    sing N N 185 
LEU CG    HG     sing N N 186 
LEU CD1   HD11   sing N N 187 
LEU CD1   HD12   sing N N 188 
LEU CD1   HD13   sing N N 189 
LEU CD2   HD21   sing N N 190 
LEU CD2   HD22   sing N N 191 
LEU CD2   HD23   sing N N 192 
LEU OXT   HXT    sing N N 193 
LYS N     CA     sing N N 194 
LYS N     H      sing N N 195 
LYS N     H2     sing N N 196 
LYS CA    C      sing N N 197 
LYS CA    CB     sing N N 198 
LYS CA    HA     sing N N 199 
LYS C     O      doub N N 200 
LYS C     OXT    sing N N 201 
LYS CB    CG     sing N N 202 
LYS CB    HB2    sing N N 203 
LYS CB    HB3    sing N N 204 
LYS CG    CD     sing N N 205 
LYS CG    HG2    sing N N 206 
LYS CG    HG3    sing N N 207 
LYS CD    CE     sing N N 208 
LYS CD    HD2    sing N N 209 
LYS CD    HD3    sing N N 210 
LYS CE    NZ     sing N N 211 
LYS CE    HE2    sing N N 212 
LYS CE    HE3    sing N N 213 
LYS NZ    HZ1    sing N N 214 
LYS NZ    HZ2    sing N N 215 
LYS NZ    HZ3    sing N N 216 
LYS OXT   HXT    sing N N 217 
MET N     CA     sing N N 218 
MET N     H      sing N N 219 
MET N     H2     sing N N 220 
MET CA    C      sing N N 221 
MET CA    CB     sing N N 222 
MET CA    HA     sing N N 223 
MET C     O      doub N N 224 
MET C     OXT    sing N N 225 
MET CB    CG     sing N N 226 
MET CB    HB2    sing N N 227 
MET CB    HB3    sing N N 228 
MET CG    SD     sing N N 229 
MET CG    HG2    sing N N 230 
MET CG    HG3    sing N N 231 
MET SD    CE     sing N N 232 
MET CE    HE1    sing N N 233 
MET CE    HE2    sing N N 234 
MET CE    HE3    sing N N 235 
MET OXT   HXT    sing N N 236 
PHE N     CA     sing N N 237 
PHE N     H      sing N N 238 
PHE N     H2     sing N N 239 
PHE CA    C      sing N N 240 
PHE CA    CB     sing N N 241 
PHE CA    HA     sing N N 242 
PHE C     O      doub N N 243 
PHE C     OXT    sing N N 244 
PHE CB    CG     sing N N 245 
PHE CB    HB2    sing N N 246 
PHE CB    HB3    sing N N 247 
PHE CG    CD1    doub Y N 248 
PHE CG    CD2    sing Y N 249 
PHE CD1   CE1    sing Y N 250 
PHE CD1   HD1    sing N N 251 
PHE CD2   CE2    doub Y N 252 
PHE CD2   HD2    sing N N 253 
PHE CE1   CZ     doub Y N 254 
PHE CE1   HE1    sing N N 255 
PHE CE2   CZ     sing Y N 256 
PHE CE2   HE2    sing N N 257 
PHE CZ    HZ     sing N N 258 
PHE OXT   HXT    sing N N 259 
PRO N     CA     sing N N 260 
PRO N     CD     sing N N 261 
PRO N     H      sing N N 262 
PRO CA    C      sing N N 263 
PRO CA    CB     sing N N 264 
PRO CA    HA     sing N N 265 
PRO C     O      doub N N 266 
PRO C     OXT    sing N N 267 
PRO CB    CG     sing N N 268 
PRO CB    HB2    sing N N 269 
PRO CB    HB3    sing N N 270 
PRO CG    CD     sing N N 271 
PRO CG    HG2    sing N N 272 
PRO CG    HG3    sing N N 273 
PRO CD    HD2    sing N N 274 
PRO CD    HD3    sing N N 275 
PRO OXT   HXT    sing N N 276 
RBF N1    C2     sing N N 277 
RBF N1    C10    doub N N 278 
RBF C2    O2     doub N N 279 
RBF C2    N3     sing N N 280 
RBF N3    C4     sing N N 281 
RBF N3    HN3    sing N N 282 
RBF C4    O4     doub N N 283 
RBF C4    C4A    sing N N 284 
RBF C4A   N5     doub N N 285 
RBF C4A   C10    sing N N 286 
RBF N5    C5A    sing N N 287 
RBF C5A   C6     doub Y N 288 
RBF C5A   C9A    sing Y N 289 
RBF C6    C7     sing Y N 290 
RBF C6    HC6    sing N N 291 
RBF C7    C7M    sing N N 292 
RBF C7    C8     doub Y N 293 
RBF C7M   HC71   sing N N 294 
RBF C7M   HC72   sing N N 295 
RBF C7M   HC73   sing N N 296 
RBF C8    C8M    sing N N 297 
RBF C8    C9     sing Y N 298 
RBF C8M   HC81   sing N N 299 
RBF C8M   HC82   sing N N 300 
RBF C8M   HC83   sing N N 301 
RBF C9    C9A    doub Y N 302 
RBF C9    HC9    sing N N 303 
RBF C9A   N10    sing N N 304 
RBF N10   C10    sing N N 305 
RBF N10   "C1'"  sing N N 306 
RBF "C1'" "C2'"  sing N N 307 
RBF "C1'" HC11   sing N N 308 
RBF "C1'" HC12   sing N N 309 
RBF "C2'" "O2'"  sing N N 310 
RBF "C2'" "C3'"  sing N N 311 
RBF "C2'" "HC2'" sing N N 312 
RBF "O2'" "HO2'" sing N N 313 
RBF "C3'" "O3'"  sing N N 314 
RBF "C3'" "C4'"  sing N N 315 
RBF "C3'" "HC3'" sing N N 316 
RBF "O3'" "HO3'" sing N N 317 
RBF "C4'" "O4'"  sing N N 318 
RBF "C4'" "C5'"  sing N N 319 
RBF "C4'" "HC4'" sing N N 320 
RBF "O4'" "HO4'" sing N N 321 
RBF "C5'" "O5'"  sing N N 322 
RBF "C5'" HC51   sing N N 323 
RBF "C5'" HC52   sing N N 324 
RBF "O5'" "HO5'" sing N N 325 
SER N     CA     sing N N 326 
SER N     H      sing N N 327 
SER N     H2     sing N N 328 
SER CA    C      sing N N 329 
SER CA    CB     sing N N 330 
SER CA    HA     sing N N 331 
SER C     O      doub N N 332 
SER C     OXT    sing N N 333 
SER CB    OG     sing N N 334 
SER CB    HB2    sing N N 335 
SER CB    HB3    sing N N 336 
SER OG    HG     sing N N 337 
SER OXT   HXT    sing N N 338 
THR N     CA     sing N N 339 
THR N     H      sing N N 340 
THR N     H2     sing N N 341 
THR CA    C      sing N N 342 
THR CA    CB     sing N N 343 
THR CA    HA     sing N N 344 
THR C     O      doub N N 345 
THR C     OXT    sing N N 346 
THR CB    OG1    sing N N 347 
THR CB    CG2    sing N N 348 
THR CB    HB     sing N N 349 
THR OG1   HG1    sing N N 350 
THR CG2   HG21   sing N N 351 
THR CG2   HG22   sing N N 352 
THR CG2   HG23   sing N N 353 
THR OXT   HXT    sing N N 354 
TRP N     CA     sing N N 355 
TRP N     H      sing N N 356 
TRP N     H2     sing N N 357 
TRP CA    C      sing N N 358 
TRP CA    CB     sing N N 359 
TRP CA    HA     sing N N 360 
TRP C     O      doub N N 361 
TRP C     OXT    sing N N 362 
TRP CB    CG     sing N N 363 
TRP CB    HB2    sing N N 364 
TRP CB    HB3    sing N N 365 
TRP CG    CD1    doub Y N 366 
TRP CG    CD2    sing Y N 367 
TRP CD1   NE1    sing Y N 368 
TRP CD1   HD1    sing N N 369 
TRP CD2   CE2    doub Y N 370 
TRP CD2   CE3    sing Y N 371 
TRP NE1   CE2    sing Y N 372 
TRP NE1   HE1    sing N N 373 
TRP CE2   CZ2    sing Y N 374 
TRP CE3   CZ3    doub Y N 375 
TRP CE3   HE3    sing N N 376 
TRP CZ2   CH2    doub Y N 377 
TRP CZ2   HZ2    sing N N 378 
TRP CZ3   CH2    sing Y N 379 
TRP CZ3   HZ3    sing N N 380 
TRP CH2   HH2    sing N N 381 
TRP OXT   HXT    sing N N 382 
TYR N     CA     sing N N 383 
TYR N     H      sing N N 384 
TYR N     H2     sing N N 385 
TYR CA    C      sing N N 386 
TYR CA    CB     sing N N 387 
TYR CA    HA     sing N N 388 
TYR C     O      doub N N 389 
TYR C     OXT    sing N N 390 
TYR CB    CG     sing N N 391 
TYR CB    HB2    sing N N 392 
TYR CB    HB3    sing N N 393 
TYR CG    CD1    doub Y N 394 
TYR CG    CD2    sing Y N 395 
TYR CD1   CE1    sing Y N 396 
TYR CD1   HD1    sing N N 397 
TYR CD2   CE2    doub Y N 398 
TYR CD2   HD2    sing N N 399 
TYR CE1   CZ     doub Y N 400 
TYR CE1   HE1    sing N N 401 
TYR CE2   CZ     sing Y N 402 
TYR CE2   HE2    sing N N 403 
TYR CZ    OH     sing N N 404 
TYR OH    HH     sing N N 405 
TYR OXT   HXT    sing N N 406 
VAL N     CA     sing N N 407 
VAL N     H      sing N N 408 
VAL N     H2     sing N N 409 
VAL CA    C      sing N N 410 
VAL CA    CB     sing N N 411 
VAL CA    HA     sing N N 412 
VAL C     O      doub N N 413 
VAL C     OXT    sing N N 414 
VAL CB    CG1    sing N N 415 
VAL CB    CG2    sing N N 416 
VAL CB    HB     sing N N 417 
VAL CG1   HG11   sing N N 418 
VAL CG1   HG12   sing N N 419 
VAL CG1   HG13   sing N N 420 
VAL CG2   HG21   sing N N 421 
VAL CG2   HG22   sing N N 422 
VAL CG2   HG23   sing N N 423 
VAL OXT   HXT    sing N N 424 
# 
_atom_sites.entry_id                    3DDY 
_atom_sites.fract_transf_matrix[1][1]   -0.00146004 
_atom_sites.fract_transf_matrix[1][2]   0.00578891 
_atom_sites.fract_transf_matrix[1][3]   0.01330345 
_atom_sites.fract_transf_matrix[2][1]   -0.00726816 
_atom_sites.fract_transf_matrix[2][2]   -0.00725628 
_atom_sites.fract_transf_matrix[2][3]   0.01035157 
_atom_sites.fract_transf_matrix[3][1]   0.01256564 
_atom_sites.fract_transf_matrix[3][2]   -0.00655178 
_atom_sites.fract_transf_matrix[3][3]   0.00423004 
_atom_sites.fract_transf_vector[1]      0.171359 
_atom_sites.fract_transf_vector[2]      -0.418976 
_atom_sites.fract_transf_vector[3]      0.000425 
# 
loop_
_atom_type.symbol 
C 
N 
O 
S 
# 
loop_
_atom_site.group_PDB 
_atom_site.id 
_atom_site.type_symbol 
_atom_site.label_atom_id 
_atom_site.label_alt_id 
_atom_site.label_comp_id 
_atom_site.label_asym_id 
_atom_site.label_entity_id 
_atom_site.label_seq_id 
_atom_site.pdbx_PDB_ins_code 
_atom_site.Cartn_x 
_atom_site.Cartn_y 
_atom_site.Cartn_z 
_atom_site.occupancy 
_atom_site.B_iso_or_equiv 
_atom_site.pdbx_formal_charge 
_atom_site.auth_seq_id 
_atom_site.auth_comp_id 
_atom_site.auth_asym_id 
_atom_site.auth_atom_id 
_atom_site.pdbx_PDB_model_num 
ATOM   1    N N     . MET A 1 1   ? -0.587  12.319  11.355  1.00 62.46  ? 1   MET A N     1 
ATOM   2    C CA    . MET A 1 1   ? 0.182   11.767  10.205  1.00 62.46  ? 1   MET A CA    1 
ATOM   3    C C     . MET A 1 1   ? 0.611   10.319  10.450  1.00 62.46  ? 1   MET A C     1 
ATOM   4    O O     . MET A 1 1   ? 0.736   9.879   11.590  1.00 62.46  ? 1   MET A O     1 
ATOM   5    C CB    . MET A 1 1   ? 1.407   12.644  9.950   1.00 67.84  ? 1   MET A CB    1 
ATOM   6    C CG    . MET A 1 1   ? 2.103   12.371  8.639   1.00 67.84  ? 1   MET A CG    1 
ATOM   7    S SD    . MET A 1 1   ? 2.837   13.867  7.964   1.00 67.84  ? 1   MET A SD    1 
ATOM   8    C CE    . MET A 1 1   ? 1.438   14.550  7.065   1.00 67.84  ? 1   MET A CE    1 
ATOM   9    N N     . PHE A 1 2   ? 0.825   9.579   9.368   1.00 28.51  ? 2   PHE A N     1 
ATOM   10   C CA    . PHE A 1 2   ? 1.236   8.183   9.460   1.00 28.51  ? 2   PHE A CA    1 
ATOM   11   C C     . PHE A 1 2   ? 2.742   8.042   9.269   1.00 28.51  ? 2   PHE A C     1 
ATOM   12   O O     . PHE A 1 2   ? 3.389   8.900   8.661   1.00 28.51  ? 2   PHE A O     1 
ATOM   13   C CB    . PHE A 1 2   ? 0.508   7.337   8.411   1.00 17.07  ? 2   PHE A CB    1 
ATOM   14   C CG    . PHE A 1 2   ? -0.988  7.396   8.517   1.00 17.07  ? 2   PHE A CG    1 
ATOM   15   C CD1   . PHE A 1 2   ? -1.706  8.413   7.899   1.00 17.07  ? 2   PHE A CD1   1 
ATOM   16   C CD2   . PHE A 1 2   ? -1.684  6.427   9.227   1.00 17.07  ? 2   PHE A CD2   1 
ATOM   17   C CE1   . PHE A 1 2   ? -3.098  8.473   8.003   1.00 17.07  ? 2   PHE A CE1   1 
ATOM   18   C CE2   . PHE A 1 2   ? -3.076  6.481   9.336   1.00 17.07  ? 2   PHE A CE2   1 
ATOM   19   C CZ    . PHE A 1 2   ? -3.781  7.500   8.717   1.00 17.07  ? 2   PHE A CZ    1 
ATOM   20   N N     . ARG A 1 3   ? 3.300   6.958   9.789   1.00 23.27  ? 3   ARG A N     1 
ATOM   21   C CA    . ARG A 1 3   ? 4.733   6.723   9.668   1.00 23.27  ? 3   ARG A CA    1 
ATOM   22   C C     . ARG A 1 3   ? 5.162   6.048   8.377   1.00 23.27  ? 3   ARG A C     1 
ATOM   23   O O     . ARG A 1 3   ? 6.312   6.201   7.952   1.00 23.27  ? 3   ARG A O     1 
ATOM   24   C CB    . ARG A 1 3   ? 5.248   5.872   10.830  1.00 44.77  ? 3   ARG A CB    1 
ATOM   25   C CG    . ARG A 1 3   ? 5.790   6.678   11.982  1.00 44.77  ? 3   ARG A CG    1 
ATOM   26   C CD    . ARG A 1 3   ? 4.678   7.077   12.906  1.00 44.77  ? 3   ARG A CD    1 
ATOM   27   N NE    . ARG A 1 3   ? 4.287   5.977   13.786  1.00 44.77  ? 3   ARG A NE    1 
ATOM   28   C CZ    . ARG A 1 3   ? 4.836   5.747   14.972  1.00 44.77  ? 3   ARG A CZ    1 
ATOM   29   N NH1   . ARG A 1 3   ? 5.805   6.533   15.423  1.00 44.77  ? 3   ARG A NH1   1 
ATOM   30   N NH2   . ARG A 1 3   ? 4.399   4.739   15.707  1.00 44.77  ? 3   ARG A NH2   1 
ATOM   31   N N     . GLY A 1 4   ? 4.252   5.314   7.750   1.00 25.33  ? 4   GLY A N     1 
ATOM   32   C CA    . GLY A 1 4   ? 4.627   4.608   6.547   1.00 25.33  ? 4   GLY A CA    1 
ATOM   33   C C     . GLY A 1 4   ? 5.420   3.399   7.023   1.00 25.33  ? 4   GLY A C     1 
ATOM   34   O O     . GLY A 1 4   ? 6.370   2.928   6.378   1.00 25.33  ? 4   GLY A O     1 
ATOM   35   N N     . ILE A 1 5   ? 5.023   2.925   8.201   1.00 24.86  ? 5   ILE A N     1 
ATOM   36   C CA    . ILE A 1 5   ? 5.614   1.775   8.859   1.00 24.86  ? 5   ILE A CA    1 
ATOM   37   C C     . ILE A 1 5   ? 4.468   0.799   9.077   1.00 24.86  ? 5   ILE A C     1 
ATOM   38   O O     . ILE A 1 5   ? 3.658   0.964   9.986   1.00 24.86  ? 5   ILE A O     1 
ATOM   39   C CB    . ILE A 1 5   ? 6.234   2.176   10.221  1.00 26.51  ? 5   ILE A CB    1 
ATOM   40   C CG1   . ILE A 1 5   ? 7.466   3.047   9.989   1.00 26.51  ? 5   ILE A CG1   1 
ATOM   41   C CG2   . ILE A 1 5   ? 6.600   0.942   11.018  1.00 26.51  ? 5   ILE A CG2   1 
ATOM   42   C CD1   . ILE A 1 5   ? 8.194   3.426   11.268  1.00 26.51  ? 5   ILE A CD1   1 
ATOM   43   N N     . VAL A 1 6   ? 4.393   -0.211  8.217   1.00 25.62  ? 6   VAL A N     1 
ATOM   44   C CA    . VAL A 1 6   ? 3.335   -1.209  8.289   1.00 25.62  ? 6   VAL A CA    1 
ATOM   45   C C     . VAL A 1 6   ? 3.407   -2.039  9.572   1.00 25.62  ? 6   VAL A C     1 
ATOM   46   O O     . VAL A 1 6   ? 4.395   -2.709  9.835   1.00 25.62  ? 6   VAL A O     1 
ATOM   47   C CB    . VAL A 1 6   ? 3.380   -2.131  7.039   1.00 31.81  ? 6   VAL A CB    1 
ATOM   48   C CG1   . VAL A 1 6   ? 2.245   -3.144  7.084   1.00 31.81  ? 6   VAL A CG1   1 
ATOM   49   C CG2   . VAL A 1 6   ? 3.288   -1.282  5.777   1.00 31.81  ? 6   VAL A CG2   1 
ATOM   50   N N     . GLN A 1 7   ? 2.338   -1.967  10.362  1.00 23.06  ? 7   GLN A N     1 
ATOM   51   C CA    . GLN A 1 7   ? 2.212   -2.679  11.633  1.00 23.06  ? 7   GLN A CA    1 
ATOM   52   C C     . GLN A 1 7   ? 1.849   -4.148  11.416  1.00 23.06  ? 7   GLN A C     1 
ATOM   53   O O     . GLN A 1 7   ? 2.130   -5.006  12.253  1.00 23.06  ? 7   GLN A O     1 
ATOM   54   C CB    . GLN A 1 7   ? 1.127   -2.018  12.496  1.00 68.87  ? 7   GLN A CB    1 
ATOM   55   C CG    . GLN A 1 7   ? 1.415   -0.589  12.950  1.00 68.87  ? 7   GLN A CG    1 
ATOM   56   C CD    . GLN A 1 7   ? 2.374   -0.521  14.134  1.00 68.87  ? 7   GLN A CD    1 
ATOM   57   O OE1   . GLN A 1 7   ? 2.132   -1.126  15.178  1.00 68.87  ? 7   GLN A OE1   1 
ATOM   58   N NE2   . GLN A 1 7   ? 3.460   0.228   13.975  1.00 68.87  ? 7   GLN A NE2   1 
ATOM   59   N N     . GLY A 1 8   ? 1.221   -4.430  10.283  1.00 22.66  ? 8   GLY A N     1 
ATOM   60   C CA    . GLY A 1 8   ? 0.817   -5.785  9.966   1.00 22.66  ? 8   GLY A CA    1 
ATOM   61   C C     . GLY A 1 8   ? 0.061   -5.829  8.650   1.00 22.66  ? 8   GLY A C     1 
ATOM   62   O O     . GLY A 1 8   ? -0.248  -4.788  8.075   1.00 22.66  ? 8   GLY A O     1 
ATOM   63   N N     . ARG A 1 9   ? -0.234  -7.033  8.172   1.00 23.35  ? 9   ARG A N     1 
ATOM   64   C CA    . ARG A 1 9   ? -0.946  -7.190  6.918   1.00 23.35  ? 9   ARG A CA    1 
ATOM   65   C C     . ARG A 1 9   ? -2.236  -7.968  7.090   1.00 23.35  ? 9   ARG A C     1 
ATOM   66   O O     . ARG A 1 9   ? -2.304  -8.918  7.877   1.00 23.35  ? 9   ARG A O     1 
ATOM   67   C CB    . ARG A 1 9   ? -0.076  -7.909  5.890   1.00 28.16  ? 9   ARG A CB    1 
ATOM   68   C CG    . ARG A 1 9   ? 0.417   -9.256  6.369   1.00 28.16  ? 9   ARG A CG    1 
ATOM   69   C CD    . ARG A 1 9   ? 0.634   -10.233 5.228   1.00 28.16  ? 9   ARG A CD    1 
ATOM   70   N NE    . ARG A 1 9   ? 1.229   -11.470 5.730   1.00 28.16  ? 9   ARG A NE    1 
ATOM   71   C CZ    . ARG A 1 9   ? 2.537   -11.653 5.895   1.00 28.16  ? 9   ARG A CZ    1 
ATOM   72   N NH1   . ARG A 1 9   ? 3.395   -10.683 5.582   1.00 28.16  ? 9   ARG A NH1   1 
ATOM   73   N NH2   . ARG A 1 9   ? 2.987   -12.793 6.400   1.00 28.16  ? 9   ARG A NH2   1 
ATOM   74   N N     . GLY A 1 10  ? -3.255  -7.563  6.336   1.00 15.42  ? 10  GLY A N     1 
ATOM   75   C CA    . GLY A 1 10  ? -4.535  -8.243  6.384   1.00 15.42  ? 10  GLY A CA    1 
ATOM   76   C C     . GLY A 1 10  ? -4.738  -9.019  5.100   1.00 15.42  ? 10  GLY A C     1 
ATOM   77   O O     . GLY A 1 10  ? -3.937  -8.908  4.177   1.00 15.42  ? 10  GLY A O     1 
ATOM   78   N N     . VAL A 1 11  ? -5.799  -9.813  5.041   1.00 22.06  ? 11  VAL A N     1 
ATOM   79   C CA    . VAL A 1 11  ? -6.098  -10.578 3.842   1.00 22.06  ? 11  VAL A CA    1 
ATOM   80   C C     . VAL A 1 11  ? -7.501  -10.215 3.390   1.00 22.06  ? 11  VAL A C     1 
ATOM   81   O O     . VAL A 1 11  ? -8.441  -10.287 4.175   1.00 22.06  ? 11  VAL A O     1 
ATOM   82   C CB    . VAL A 1 11  ? -6.030  -12.100 4.104   1.00 36.04  ? 11  VAL A CB    1 
ATOM   83   C CG1   . VAL A 1 11  ? -6.511  -12.863 2.877   1.00 36.04  ? 11  VAL A CG1   1 
ATOM   84   C CG2   . VAL A 1 11  ? -4.607  -12.508 4.445   1.00 36.04  ? 11  VAL A CG2   1 
ATOM   85   N N     . ILE A 1 12  ? -7.647  -9.803  2.135   1.00 18.69  ? 12  ILE A N     1 
ATOM   86   C CA    . ILE A 1 12  ? -8.974  -9.461  1.635   1.00 18.69  ? 12  ILE A CA    1 
ATOM   87   C C     . ILE A 1 12  ? -9.810  -10.745 1.628   1.00 18.69  ? 12  ILE A C     1 
ATOM   88   O O     . ILE A 1 12  ? -9.419  -11.746 1.021   1.00 18.69  ? 12  ILE A O     1 
ATOM   89   C CB    . ILE A 1 12  ? -8.898  -8.871  0.203   1.00 13.19  ? 12  ILE A CB    1 
ATOM   90   C CG1   . ILE A 1 12  ? -8.161  -7.526  0.239   1.00 13.19  ? 12  ILE A CG1   1 
ATOM   91   C CG2   . ILE A 1 12  ? -10.302 -8.698  -0.373  1.00 13.19  ? 12  ILE A CG2   1 
ATOM   92   C CD1   . ILE A 1 12  ? -7.996  -6.869  -1.130  1.00 13.19  ? 12  ILE A CD1   1 
ATOM   93   N N     . ARG A 1 13  ? -10.937 -10.737 2.330   1.00 33.99  ? 13  ARG A N     1 
ATOM   94   C CA    . ARG A 1 13  ? -11.788 -11.925 2.376   1.00 33.99  ? 13  ARG A CA    1 
ATOM   95   C C     . ARG A 1 13  ? -13.008 -11.810 1.480   1.00 33.99  ? 13  ARG A C     1 
ATOM   96   O O     . ARG A 1 13  ? -13.401 -12.782 0.840   1.00 33.99  ? 13  ARG A O     1 
ATOM   97   C CB    . ARG A 1 13  ? -12.232 -12.233 3.810   1.00 51.96  ? 13  ARG A CB    1 
ATOM   98   C CG    . ARG A 1 13  ? -11.127 -12.797 4.675   1.00 51.96  ? 13  ARG A CG    1 
ATOM   99   C CD    . ARG A 1 13  ? -10.474 -14.001 4.012   1.00 51.96  ? 13  ARG A CD    1 
ATOM   100  N NE    . ARG A 1 13  ? -9.273  -14.431 4.722   1.00 51.96  ? 13  ARG A NE    1 
ATOM   101  C CZ    . ARG A 1 13  ? -8.410  -15.326 4.254   1.00 51.96  ? 13  ARG A CZ    1 
ATOM   102  N NH1   . ARG A 1 13  ? -8.614  -15.893 3.071   1.00 51.96  ? 13  ARG A NH1   1 
ATOM   103  N NH2   . ARG A 1 13  ? -7.337  -15.652 4.965   1.00 51.96  ? 13  ARG A NH2   1 
ATOM   104  N N     . SER A 1 14  ? -13.605 -10.626 1.429   1.00 36.39  ? 14  SER A N     1 
ATOM   105  C CA    . SER A 1 14  ? -14.778 -10.434 0.591   1.00 36.39  ? 14  SER A CA    1 
ATOM   106  C C     . SER A 1 14  ? -14.743 -9.111  -0.167  1.00 36.39  ? 14  SER A C     1 
ATOM   107  O O     . SER A 1 14  ? -14.199 -8.114  0.316   1.00 36.39  ? 14  SER A O     1 
ATOM   108  C CB    . SER A 1 14  ? -16.049 -10.512 1.437   1.00 23.32  ? 14  SER A CB    1 
ATOM   109  O OG    . SER A 1 14  ? -16.106 -9.437  2.354   1.00 23.32  ? 14  SER A OG    1 
ATOM   110  N N     . ILE A 1 15  ? -15.330 -9.113  -1.360  1.00 30.95  ? 15  ILE A N     1 
ATOM   111  C CA    . ILE A 1 15  ? -15.366 -7.929  -2.195  1.00 30.95  ? 15  ILE A CA    1 
ATOM   112  C C     . ILE A 1 15  ? -16.687 -7.847  -2.945  1.00 30.95  ? 15  ILE A C     1 
ATOM   113  O O     . ILE A 1 15  ? -16.886 -8.543  -3.948  1.00 30.95  ? 15  ILE A O     1 
ATOM   114  C CB    . ILE A 1 15  ? -14.218 -7.945  -3.233  1.00 13.82  ? 15  ILE A CB    1 
ATOM   115  C CG1   . ILE A 1 15  ? -12.868 -7.953  -2.530  1.00 13.82  ? 15  ILE A CG1   1 
ATOM   116  C CG2   . ILE A 1 15  ? -14.310 -6.722  -4.133  1.00 13.82  ? 15  ILE A CG2   1 
ATOM   117  C CD1   . ILE A 1 15  ? -11.686 -8.087  -3.479  1.00 13.82  ? 15  ILE A CD1   1 
ATOM   118  N N     . SER A 1 16  ? -17.613 -7.049  -2.438  1.00 25.63  ? 16  SER A N     1 
ATOM   119  C CA    . SER A 1 16  ? -18.884 -6.841  -3.122  1.00 25.63  ? 16  SER A CA    1 
ATOM   120  C C     . SER A 1 16  ? -18.844 -5.589  -3.994  1.00 25.63  ? 16  SER A C     1 
ATOM   121  O O     . SER A 1 16  ? -18.665 -4.467  -3.461  1.00 25.63  ? 16  SER A O     1 
ATOM   122  C CB    . SER A 1 16  ? -20.029 -6.740  -2.111  1.00 20.00  ? 16  SER A CB    1 
ATOM   123  O OG    . SER A 1 16  ? -19.888 -5.587  -1.298  1.00 0.00   ? 16  SER A OG    1 
ATOM   124  N N     . LYS A 1 17  ? -18.858 -5.763  -5.295  1.00 47.06  ? 17  LYS A N     1 
ATOM   125  C CA    . LYS A 1 17  ? -18.780 -4.640  -6.215  1.00 47.06  ? 17  LYS A CA    1 
ATOM   126  C C     . LYS A 1 17  ? -20.160 -4.168  -6.645  1.00 47.06  ? 17  LYS A C     1 
ATOM   127  O O     . LYS A 1 17  ? -21.040 -4.980  -6.930  1.00 47.06  ? 17  LYS A O     1 
ATOM   128  C CB    . LYS A 1 17  ? -17.976 -5.033  -7.459  1.00 37.43  ? 17  LYS A CB    1 
ATOM   129  C CG    . LYS A 1 17  ? -16.539 -5.438  -7.186  1.00 37.43  ? 17  LYS A CG    1 
ATOM   130  C CD    . LYS A 1 17  ? -15.786 -5.723  -8.481  1.00 37.43  ? 17  LYS A CD    1 
ATOM   131  C CE    . LYS A 1 17  ? -14.333 -6.106  -8.219  1.00 37.43  ? 17  LYS A CE    1 
ATOM   132  N NZ    . LYS A 1 17  ? -13.504 -6.067  -9.452  1.00 37.43  ? 17  LYS A NZ    1 
ATOM   133  N N     . SER A 1 18  ? -20.348 -2.853  -6.675  1.00 50.98  ? 18  SER A N     1 
ATOM   134  C CA    . SER A 1 18  ? -21.610 -2.264  -7.113  1.00 50.98  ? 18  SER A CA    1 
ATOM   135  C C     . SER A 1 18  ? -21.287 -1.193  -8.150  1.00 50.98  ? 18  SER A C     1 
ATOM   136  O O     . SER A 1 18  ? -20.117 -0.909  -8.407  1.00 50.98  ? 18  SER A O     1 
ATOM   137  C CB    . SER A 1 18  ? -22.388 -1.665  -5.930  1.00 35.29  ? 18  SER A CB    1 
ATOM   138  O OG    . SER A 1 18  ? -21.637 -0.674  -5.244  1.00 35.29  ? 18  SER A OG    1 
ATOM   139  N N     . GLU A 1 19  ? -22.283 -0.574  -8.718  1.00 67.96  ? 19  GLU A N     1 
ATOM   140  C CA    . GLU A 1 19  ? -22.125 0.410   -9.783  1.00 67.96  ? 19  GLU A CA    1 
ATOM   141  C C     . GLU A 1 19  ? -21.221 1.556   -9.344  1.00 67.96  ? 19  GLU A C     1 
ATOM   142  O O     . GLU A 1 19  ? -20.551 2.157   -10.252 1.00 67.96  ? 19  GLU A O     1 
ATOM   143  C CB    . GLU A 1 19  ? -23.489 0.952   -10.217 1.00 0.00   ? 19  GLU A CB    1 
ATOM   144  C CG    . GLU A 1 19  ? -24.370 -0.071  -10.915 1.00 0.00   ? 19  GLU A CG    1 
ATOM   145  C CD    . GLU A 1 19  ? -25.732 0.489   -11.282 1.00 0.00   ? 19  GLU A CD    1 
ATOM   146  O OE1   . GLU A 1 19  ? -26.001 1.663   -10.953 1.00 0.00   ? 19  GLU A OE1   1 
ATOM   147  O OE2   . GLU A 1 19  ? -26.533 -0.248  -11.897 1.00 0.00   ? 19  GLU A OE2   1 
ATOM   148  N N     . ASP A 1 20  ? -21.202 1.936   -8.111  1.00 41.69  ? 20  ASP A N     1 
ATOM   149  C CA    . ASP A 1 20  ? -20.397 3.070   -7.653  1.00 41.69  ? 20  ASP A CA    1 
ATOM   150  C C     . ASP A 1 20  ? -19.108 2.760   -6.904  1.00 41.69  ? 20  ASP A C     1 
ATOM   151  O O     . ASP A 1 20  ? -18.093 3.418   -7.119  1.00 41.69  ? 20  ASP A O     1 
ATOM   152  C CB    . ASP A 1 20  ? -21.249 4.006   -6.790  1.00 102.20 ? 20  ASP A CB    1 
ATOM   153  C CG    . ASP A 1 20  ? -21.988 5.035   -7.613  1.00 102.20 ? 20  ASP A CG    1 
ATOM   154  O OD1   . ASP A 1 20  ? -21.325 5.748   -8.395  1.00 102.20 ? 20  ASP A OD1   1 
ATOM   155  O OD2   . ASP A 1 20  ? -23.226 5.132   -7.479  1.00 102.20 ? 20  ASP A OD2   1 
ATOM   156  N N     . SER A 1 21  ? -19.145 1.780   -6.012  1.00 26.01  ? 21  SER A N     1 
ATOM   157  C CA    . SER A 1 21  ? -17.957 1.424   -5.259  1.00 26.01  ? 21  SER A CA    1 
ATOM   158  C C     . SER A 1 21  ? -17.854 -0.081  -5.034  1.00 26.01  ? 21  SER A C     1 
ATOM   159  O O     . SER A 1 21  ? -18.594 -0.863  -5.617  1.00 26.01  ? 21  SER A O     1 
ATOM   160  C CB    . SER A 1 21  ? -17.946 2.144   -3.910  1.00 49.76  ? 21  SER A CB    1 
ATOM   161  O OG    . SER A 1 21  ? -19.037 1.759   -3.086  1.00 49.76  ? 21  SER A OG    1 
ATOM   162  N N     . GLN A 1 22  ? -16.899 -0.465  -4.196  1.00 18.14  ? 22  GLN A N     1 
ATOM   163  C CA    . GLN A 1 22  ? -16.669 -1.862  -3.855  1.00 18.14  ? 22  GLN A CA    1 
ATOM   164  C C     . GLN A 1 22  ? -16.516 -1.905  -2.344  1.00 18.14  ? 22  GLN A C     1 
ATOM   165  O O     . GLN A 1 22  ? -15.829 -1.057  -1.772  1.00 18.14  ? 22  GLN A O     1 
ATOM   166  C CB    . GLN A 1 22  ? -15.368 -2.394  -4.465  1.00 36.53  ? 22  GLN A CB    1 
ATOM   167  C CG    . GLN A 1 22  ? -15.126 -2.076  -5.919  1.00 36.53  ? 22  GLN A CG    1 
ATOM   168  C CD    . GLN A 1 22  ? -13.878 -2.754  -6.442  1.00 36.53  ? 22  GLN A CD    1 
ATOM   169  O OE1   . GLN A 1 22  ? -12.895 -2.904  -5.718  1.00 36.53  ? 22  GLN A OE1   1 
ATOM   170  N NE2   . GLN A 1 22  ? -13.902 -3.155  -7.706  1.00 36.53  ? 22  GLN A NE2   1 
ATOM   171  N N     . ARG A 1 23  ? -17.151 -2.880  -1.705  1.00 25.77  ? 23  ARG A N     1 
ATOM   172  C CA    . ARG A 1 23  ? -17.057 -3.033  -0.268  1.00 25.77  ? 23  ARG A CA    1 
ATOM   173  C C     . ARG A 1 23  ? -16.006 -4.100  0.013   1.00 25.77  ? 23  ARG A C     1 
ATOM   174  O O     . ARG A 1 23  ? -16.233 -5.274  -0.277  1.00 25.77  ? 23  ARG A O     1 
ATOM   175  C CB    . ARG A 1 23  ? -18.399 -3.499  0.299   1.00 25.67  ? 23  ARG A CB    1 
ATOM   176  C CG    . ARG A 1 23  ? -18.403 -3.766  1.802   1.00 25.67  ? 23  ARG A CG    1 
ATOM   177  C CD    . ARG A 1 23  ? -18.870 -2.536  2.526   1.00 25.67  ? 23  ARG A CD    1 
ATOM   178  N NE    . ARG A 1 23  ? -19.880 -2.839  3.537   1.00 25.67  ? 23  ARG A NE    1 
ATOM   179  C CZ    . ARG A 1 23  ? -20.736 -1.944  4.017   1.00 25.67  ? 23  ARG A CZ    1 
ATOM   180  N NH1   . ARG A 1 23  ? -20.711 -0.697  3.572   1.00 25.67  ? 23  ARG A NH1   1 
ATOM   181  N NH2   . ARG A 1 23  ? -21.600 -2.295  4.959   1.00 25.67  ? 23  ARG A NH2   1 
ATOM   182  N N     . HIS A 1 24  ? -14.857 -3.715  0.557   1.00 17.03  ? 24  HIS A N     1 
ATOM   183  C CA    . HIS A 1 24  ? -13.844 -4.714  0.857   1.00 17.03  ? 24  HIS A CA    1 
ATOM   184  C C     . HIS A 1 24  ? -13.907 -5.153  2.318   1.00 17.03  ? 24  HIS A C     1 
ATOM   185  O O     . HIS A 1 24  ? -13.902 -4.325  3.233   1.00 17.03  ? 24  HIS A O     1 
ATOM   186  C CB    . HIS A 1 24  ? -12.434 -4.197  0.534   1.00 26.57  ? 24  HIS A CB    1 
ATOM   187  C CG    . HIS A 1 24  ? -12.143 -4.099  -0.937  1.00 26.57  ? 24  HIS A CG    1 
ATOM   188  N ND1   . HIS A 1 24  ? -10.886 -4.301  -1.456  1.00 26.57  ? 24  HIS A ND1   1 
ATOM   189  C CD2   . HIS A 1 24  ? -12.949 -3.801  -1.983  1.00 26.57  ? 24  HIS A CD2   1 
ATOM   190  C CE1   . HIS A 1 24  ? -10.927 -4.131  -2.769  1.00 26.57  ? 24  HIS A CE1   1 
ATOM   191  N NE2   . HIS A 1 24  ? -12.165 -3.827  -3.112  1.00 26.57  ? 24  HIS A NE2   1 
ATOM   192  N N     . GLY A 1 25  ? -13.998 -6.466  2.515   1.00 24.09  ? 25  GLY A N     1 
ATOM   193  C CA    . GLY A 1 25  ? -14.048 -7.035  3.851   1.00 24.09  ? 25  GLY A CA    1 
ATOM   194  C C     . GLY A 1 25  ? -12.674 -7.595  4.146   1.00 24.09  ? 25  GLY A C     1 
ATOM   195  O O     . GLY A 1 25  ? -12.293 -8.654  3.645   1.00 24.09  ? 25  GLY A O     1 
ATOM   196  N N     . ILE A 1 26  ? -11.918 -6.880  4.962   1.00 28.68  ? 26  ILE A N     1 
ATOM   197  C CA    . ILE A 1 26  ? -10.573 -7.304  5.277   1.00 28.68  ? 26  ILE A CA    1 
ATOM   198  C C     . ILE A 1 26  ? -10.430 -7.971  6.641   1.00 28.68  ? 26  ILE A C     1 
ATOM   199  O O     . ILE A 1 26  ? -10.833 -7.431  7.665   1.00 28.68  ? 26  ILE A O     1 
ATOM   200  C CB    . ILE A 1 26  ? -9.610  -6.106  5.184   1.00 31.47  ? 26  ILE A CB    1 
ATOM   201  C CG1   . ILE A 1 26  ? -9.685  -5.513  3.778   1.00 31.47  ? 26  ILE A CG1   1 
ATOM   202  C CG2   . ILE A 1 26  ? -8.195  -6.530  5.528   1.00 31.47  ? 26  ILE A CG2   1 
ATOM   203  C CD1   . ILE A 1 26  ? -8.842  -4.284  3.578   1.00 31.47  ? 26  ILE A CD1   1 
ATOM   204  N N     . ALA A 1 27  ? -9.866  -9.172  6.632   1.00 16.94  ? 27  ALA A N     1 
ATOM   205  C CA    . ALA A 1 27  ? -9.622  -9.912  7.863   1.00 16.94  ? 27  ALA A CA    1 
ATOM   206  C C     . ALA A 1 27  ? -8.318  -9.334  8.433   1.00 16.94  ? 27  ALA A C     1 
ATOM   207  O O     . ALA A 1 27  ? -7.263  -9.435  7.803   1.00 16.94  ? 27  ALA A O     1 
ATOM   208  C CB    . ALA A 1 27  ? -9.458  -11.401 7.569   1.00 16.25  ? 27  ALA A CB    1 
ATOM   209  N N     . PHE A 1 28  ? -8.401  -8.723  9.612   1.00 25.79  ? 28  PHE A N     1 
ATOM   210  C CA    . PHE A 1 28  ? -7.235  -8.126  10.256  1.00 25.79  ? 28  PHE A CA    1 
ATOM   211  C C     . PHE A 1 28  ? -6.404  -9.081  11.097  1.00 25.79  ? 28  PHE A C     1 
ATOM   212  O O     . PHE A 1 28  ? -6.901  -10.086 11.609  1.00 25.79  ? 28  PHE A O     1 
ATOM   213  C CB    . PHE A 1 28  ? -7.640  -6.959  11.168  1.00 20.80  ? 28  PHE A CB    1 
ATOM   214  C CG    . PHE A 1 28  ? -7.822  -5.656  10.447  1.00 20.80  ? 28  PHE A CG    1 
ATOM   215  C CD1   . PHE A 1 28  ? -7.713  -4.455  11.137  1.00 20.80  ? 28  PHE A CD1   1 
ATOM   216  C CD2   . PHE A 1 28  ? -8.117  -5.623  9.086   1.00 20.80  ? 28  PHE A CD2   1 
ATOM   217  C CE1   . PHE A 1 28  ? -7.873  -3.233  10.479  1.00 20.80  ? 28  PHE A CE1   1 
ATOM   218  C CE2   . PHE A 1 28  ? -8.277  -4.410  8.424   1.00 20.80  ? 28  PHE A CE2   1 
ATOM   219  C CZ    . PHE A 1 28  ? -8.163  -3.212  9.123   1.00 20.80  ? 28  PHE A CZ    1 
ATOM   220  N N     . PRO A 1 29  ? -5.116  -8.763  11.252  1.00 32.41  ? 29  PRO A N     1 
ATOM   221  C CA    . PRO A 1 29  ? -4.210  -9.588  12.049  1.00 32.41  ? 29  PRO A CA    1 
ATOM   222  C C     . PRO A 1 29  ? -4.563  -9.427  13.532  1.00 32.41  ? 29  PRO A C     1 
ATOM   223  O O     . PRO A 1 29  ? -5.096  -8.394  13.937  1.00 32.41  ? 29  PRO A O     1 
ATOM   224  C CB    . PRO A 1 29  ? -2.831  -9.020  11.707  1.00 12.10  ? 29  PRO A CB    1 
ATOM   225  C CG    . PRO A 1 29  ? -3.127  -7.566  11.407  1.00 12.10  ? 29  PRO A CG    1 
ATOM   226  C CD    . PRO A 1 29  ? -4.403  -7.647  10.610  1.00 12.10  ? 29  PRO A CD    1 
ATOM   227  N N     . GLU A 1 30  ? -4.291  -10.472 14.334  1.00 25.31  ? 30  GLU A N     1 
ATOM   228  C CA    . GLU A 1 30  ? -4.570  -10.401 15.763  1.00 25.31  ? 30  GLU A CA    1 
ATOM   229  C C     . GLU A 1 30  ? -3.992  -9.130  16.375  1.00 25.31  ? 30  GLU A C     1 
ATOM   230  O O     . GLU A 1 30  ? -2.826  -8.789  16.096  1.00 25.31  ? 30  GLU A O     1 
ATOM   231  C CB    . GLU A 1 30  ? -4.010  -11.632 16.479  1.00 25.31  ? 30  GLU A CB    1 
ATOM   232  C CG    . GLU A 1 30  ? -4.715  -12.931 16.124  1.00 0.00   ? 30  GLU A CG    1 
ATOM   233  C CD    . GLU A 1 30  ? -4.098  -14.134 16.813  1.00 0.00   ? 30  GLU A CD    1 
ATOM   234  O OE1   . GLU A 1 30  ? -3.094  -13.957 17.534  1.00 0.00   ? 30  GLU A OE1   1 
ATOM   235  O OE2   . GLU A 1 30  ? -4.617  -15.255 16.632  1.00 0.00   ? 30  GLU A OE2   1 
ATOM   236  N N     . GLY A 1 31  ? -4.784  -8.400  17.132  1.00 15.77  ? 31  GLY A N     1 
ATOM   237  C CA    . GLY A 1 31  ? -4.300  -7.175  17.740  1.00 15.77  ? 31  GLY A CA    1 
ATOM   238  C C     . GLY A 1 31  ? -4.659  -5.870  17.048  1.00 15.77  ? 31  GLY A C     1 
ATOM   239  O O     . GLY A 1 31  ? -4.755  -4.837  17.712  1.00 15.77  ? 31  GLY A O     1 
ATOM   240  N N     . MET A 1 32  ? -4.857  -5.892  15.731  1.00 23.77  ? 32  MET A N     1 
ATOM   241  C CA    . MET A 1 32  ? -5.205  -4.670  15.013  1.00 23.77  ? 32  MET A CA    1 
ATOM   242  C C     . MET A 1 32  ? -6.705  -4.338  14.944  1.00 23.77  ? 32  MET A C     1 
ATOM   243  O O     . MET A 1 32  ? -7.073  -3.161  14.963  1.00 23.77  ? 32  MET A O     1 
ATOM   244  C CB    . MET A 1 32  ? -4.592  -4.687  13.597  1.00 30.90  ? 32  MET A CB    1 
ATOM   245  C CG    . MET A 1 32  ? -3.100  -4.334  13.568  1.00 30.90  ? 32  MET A CG    1 
ATOM   246  S SD    . MET A 1 32  ? -2.376  -4.141  11.907  1.00 30.90  ? 32  MET A SD    1 
ATOM   247  C CE    . MET A 1 32  ? -3.112  -2.587  11.405  1.00 30.90  ? 32  MET A CE    1 
ATOM   248  N N     . PHE A 1 33  ? -7.572  -5.345  14.886  1.00 25.45  ? 33  PHE A N     1 
ATOM   249  C CA    . PHE A 1 33  ? -9.008  -5.075  14.820  1.00 25.45  ? 33  PHE A CA    1 
ATOM   250  C C     . PHE A 1 33  ? -9.558  -4.458  16.111  1.00 25.45  ? 33  PHE A C     1 
ATOM   251  O O     . PHE A 1 33  ? -10.610 -3.813  16.096  1.00 25.45  ? 33  PHE A O     1 
ATOM   252  C CB    . PHE A 1 33  ? -9.796  -6.345  14.438  1.00 19.01  ? 33  PHE A CB    1 
ATOM   253  C CG    . PHE A 1 33  ? -9.607  -7.510  15.371  1.00 19.01  ? 33  PHE A CG    1 
ATOM   254  C CD1   . PHE A 1 33  ? -10.384 -7.637  16.528  1.00 19.01  ? 33  PHE A CD1   1 
ATOM   255  C CD2   . PHE A 1 33  ? -8.659  -8.500  15.087  1.00 19.01  ? 33  PHE A CD2   1 
ATOM   256  C CE1   . PHE A 1 33  ? -10.229 -8.737  17.375  1.00 19.01  ? 33  PHE A CE1   1 
ATOM   257  C CE2   . PHE A 1 33  ? -8.495  -9.603  15.928  1.00 19.01  ? 33  PHE A CE2   1 
ATOM   258  C CZ    . PHE A 1 33  ? -9.283  -9.717  17.079  1.00 19.01  ? 33  PHE A CZ    1 
ATOM   259  N N     . GLN A 1 34  ? -8.836  -4.635  17.219  1.00 26.90  ? 34  GLN A N     1 
ATOM   260  C CA    . GLN A 1 34  ? -9.249  -4.080  18.513  1.00 26.90  ? 34  GLN A CA    1 
ATOM   261  C C     . GLN A 1 34  ? -8.857  -2.608  18.617  1.00 26.90  ? 34  GLN A C     1 
ATOM   262  O O     . GLN A 1 34  ? -9.326  -1.895  19.506  1.00 26.90  ? 34  GLN A O     1 
ATOM   263  C CB    . GLN A 1 34  ? -8.599  -4.843  19.680  1.00 18.80  ? 34  GLN A CB    1 
ATOM   264  C CG    . GLN A 1 34  ? -8.994  -6.303  19.791  1.00 18.80  ? 34  GLN A CG    1 
ATOM   265  C CD    . GLN A 1 34  ? -7.962  -7.245  19.188  1.00 18.80  ? 34  GLN A CD    1 
ATOM   266  O OE1   . GLN A 1 34  ? -7.432  -6.995  18.110  1.00 18.80  ? 34  GLN A OE1   1 
ATOM   267  N NE2   . GLN A 1 34  ? -7.683  -8.339  19.879  1.00 18.80  ? 34  GLN A NE2   1 
ATOM   268  N N     . LEU A 1 35  ? -8.002  -2.152  17.707  1.00 27.43  ? 35  LEU A N     1 
ATOM   269  C CA    . LEU A 1 35  ? -7.543  -0.772  17.730  1.00 27.43  ? 35  LEU A CA    1 
ATOM   270  C C     . LEU A 1 35  ? -8.327  0.144   16.805  1.00 27.43  ? 35  LEU A C     1 
ATOM   271  O O     . LEU A 1 35  ? -8.044  1.340   16.717  1.00 27.43  ? 35  LEU A O     1 
ATOM   272  C CB    . LEU A 1 35  ? -6.052  -0.716  17.371  1.00 19.95  ? 35  LEU A CB    1 
ATOM   273  C CG    . LEU A 1 35  ? -5.125  -1.596  18.211  1.00 19.95  ? 35  LEU A CG    1 
ATOM   274  C CD1   . LEU A 1 35  ? -3.696  -1.447  17.724  1.00 19.95  ? 35  LEU A CD1   1 
ATOM   275  C CD2   . LEU A 1 35  ? -5.234  -1.226  19.683  1.00 19.95  ? 35  LEU A CD2   1 
ATOM   276  N N     . VAL A 1 36  ? -9.320  -0.411  16.120  1.00 20.27  ? 36  VAL A N     1 
ATOM   277  C CA    . VAL A 1 36  ? -10.123 0.369   15.184  1.00 20.27  ? 36  VAL A CA    1 
ATOM   278  C C     . VAL A 1 36  ? -11.618 0.101   15.359  1.00 20.27  ? 36  VAL A C     1 
ATOM   279  O O     . VAL A 1 36  ? -12.023 -0.872  16.003  1.00 20.27  ? 36  VAL A O     1 
ATOM   280  C CB    . VAL A 1 36  ? -9.726  0.050   13.724  1.00 15.37  ? 36  VAL A CB    1 
ATOM   281  C CG1   . VAL A 1 36  ? -8.218  0.151   13.569  1.00 15.37  ? 36  VAL A CG1   1 
ATOM   282  C CG2   . VAL A 1 36  ? -10.202 -1.343  13.330  1.00 15.37  ? 36  VAL A CG2   1 
ATOM   283  N N     . ASP A 1 37  ? -12.438 0.969   14.783  1.00 19.93  ? 37  ASP A N     1 
ATOM   284  C CA    . ASP A 1 37  ? -13.883 0.818   14.865  1.00 19.93  ? 37  ASP A CA    1 
ATOM   285  C C     . ASP A 1 37  ? -14.485 1.637   13.726  1.00 19.93  ? 37  ASP A C     1 
ATOM   286  O O     . ASP A 1 37  ? -13.753 2.258   12.951  1.00 19.93  ? 37  ASP A O     1 
ATOM   287  C CB    . ASP A 1 37  ? -14.389 1.345   16.208  1.00 36.10  ? 37  ASP A CB    1 
ATOM   288  C CG    . ASP A 1 37  ? -15.684 0.695   16.639  1.00 36.10  ? 37  ASP A CG    1 
ATOM   289  O OD1   . ASP A 1 37  ? -16.528 0.399   15.767  1.00 36.10  ? 37  ASP A OD1   1 
ATOM   290  O OD2   . ASP A 1 37  ? -15.866 0.484   17.856  1.00 36.10  ? 37  ASP A OD2   1 
ATOM   291  N N     . VAL A 1 38  ? -15.811 1.632   13.611  1.00 23.21  ? 38  VAL A N     1 
ATOM   292  C CA    . VAL A 1 38  ? -16.478 2.394   12.556  1.00 23.21  ? 38  VAL A CA    1 
ATOM   293  C C     . VAL A 1 38  ? -16.046 3.848   12.680  1.00 23.21  ? 38  VAL A C     1 
ATOM   294  O O     . VAL A 1 38  ? -16.018 4.398   13.787  1.00 23.21  ? 38  VAL A O     1 
ATOM   295  C CB    . VAL A 1 38  ? -18.020 2.339   12.678  1.00 30.62  ? 38  VAL A CB    1 
ATOM   296  C CG1   . VAL A 1 38  ? -18.652 3.151   11.555  1.00 30.62  ? 38  VAL A CG1   1 
ATOM   297  C CG2   . VAL A 1 38  ? -18.502 0.905   12.627  1.00 30.62  ? 38  VAL A CG2   1 
ATOM   298  N N     . ASP A 1 39  ? -15.717 4.457   11.538  1.00 27.66  ? 39  ASP A N     1 
ATOM   299  C CA    . ASP A 1 39  ? -15.278 5.857   11.450  1.00 27.66  ? 39  ASP A CA    1 
ATOM   300  C C     . ASP A 1 39  ? -13.784 6.042   11.583  1.00 27.66  ? 39  ASP A C     1 
ATOM   301  O O     . ASP A 1 39  ? -13.275 7.154   11.429  1.00 27.66  ? 39  ASP A O     1 
ATOM   302  C CB    . ASP A 1 39  ? -15.978 6.739   12.480  1.00 38.57  ? 39  ASP A CB    1 
ATOM   303  C CG    . ASP A 1 39  ? -17.406 7.065   12.090  1.00 38.57  ? 39  ASP A CG    1 
ATOM   304  O OD1   . ASP A 1 39  ? -17.797 6.773   10.939  1.00 38.57  ? 39  ASP A OD1   1 
ATOM   305  O OD2   . ASP A 1 39  ? -18.133 7.622   12.945  1.00 38.57  ? 39  ASP A OD2   1 
ATOM   306  N N     . THR A 1 40  ? -13.081 4.955   11.887  1.00 17.41  ? 40  THR A N     1 
ATOM   307  C CA    . THR A 1 40  ? -11.627 5.003   12.001  1.00 17.41  ? 40  THR A CA    1 
ATOM   308  C C     . THR A 1 40  ? -11.094 5.227   10.601  1.00 17.41  ? 40  THR A C     1 
ATOM   309  O O     . THR A 1 40  ? -11.540 4.570   9.650   1.00 17.41  ? 40  THR A O     1 
ATOM   310  C CB    . THR A 1 40  ? -11.039 3.668   12.492  1.00 16.72  ? 40  THR A CB    1 
ATOM   311  O OG1   . THR A 1 40  ? -11.330 3.499   13.880  1.00 16.72  ? 40  THR A OG1   1 
ATOM   312  C CG2   . THR A 1 40  ? -9.525  3.627   12.263  1.00 16.72  ? 40  THR A CG2   1 
ATOM   313  N N     . VAL A 1 41  ? -10.163 6.166   10.472  1.00 29.19  ? 41  VAL A N     1 
ATOM   314  C CA    . VAL A 1 41  ? -9.533  6.452   9.193   1.00 29.19  ? 41  VAL A CA    1 
ATOM   315  C C     . VAL A 1 41  ? -8.135  5.869   9.294   1.00 29.19  ? 41  VAL A C     1 
ATOM   316  O O     . VAL A 1 41  ? -7.319  6.334   10.088  1.00 29.19  ? 41  VAL A O     1 
ATOM   317  C CB    . VAL A 1 41  ? -9.428  7.966   8.924   1.00 26.03  ? 41  VAL A CB    1 
ATOM   318  C CG1   . VAL A 1 41  ? -8.565  8.209   7.687   1.00 26.03  ? 41  VAL A CG1   1 
ATOM   319  C CG2   . VAL A 1 41  ? -10.818 8.568   8.740   1.00 26.03  ? 41  VAL A CG2   1 
ATOM   320  N N     . MET A 1 42  ? -7.854  4.838   8.509   1.00 26.70  ? 42  MET A N     1 
ATOM   321  C CA    . MET A 1 42  ? -6.538  4.225   8.556   1.00 26.70  ? 42  MET A CA    1 
ATOM   322  C C     . MET A 1 42  ? -5.970  4.047   7.161   1.00 26.70  ? 42  MET A C     1 
ATOM   323  O O     . MET A 1 42  ? -6.600  4.414   6.166   1.00 26.70  ? 42  MET A O     1 
ATOM   324  C CB    . MET A 1 42  ? -6.607  2.877   9.263   1.00 23.22  ? 42  MET A CB    1 
ATOM   325  C CG    . MET A 1 42  ? -7.469  1.868   8.552   1.00 23.22  ? 42  MET A CG    1 
ATOM   326  S SD    . MET A 1 42  ? -7.535  0.313   9.448   1.00 23.22  ? 42  MET A SD    1 
ATOM   327  C CE    . MET A 1 42  ? -5.905  -0.376  9.020   1.00 23.22  ? 42  MET A CE    1 
ATOM   328  N N     . LEU A 1 43  ? -4.772  3.478   7.097   1.00 22.04  ? 43  LEU A N     1 
ATOM   329  C CA    . LEU A 1 43  ? -4.100  3.253   5.825   1.00 22.04  ? 43  LEU A CA    1 
ATOM   330  C C     . LEU A 1 43  ? -4.120  1.796   5.372   1.00 22.04  ? 43  LEU A C     1 
ATOM   331  O O     . LEU A 1 43  ? -3.684  0.890   6.094   1.00 22.04  ? 43  LEU A O     1 
ATOM   332  C CB    . LEU A 1 43  ? -2.659  3.770   5.897   1.00 27.24  ? 43  LEU A CB    1 
ATOM   333  C CG    . LEU A 1 43  ? -2.405  5.149   5.282   1.00 27.24  ? 43  LEU A CG    1 
ATOM   334  C CD1   . LEU A 1 43  ? -3.491  6.128   5.690   1.00 27.24  ? 43  LEU A CD1   1 
ATOM   335  C CD2   . LEU A 1 43  ? -1.036  5.639   5.695   1.00 27.24  ? 43  LEU A CD2   1 
ATOM   336  N N     . VAL A 1 44  ? -4.658  1.595   4.173   1.00 15.18  ? 44  VAL A N     1 
ATOM   337  C CA    . VAL A 1 44  ? -4.732  0.278   3.553   1.00 15.18  ? 44  VAL A CA    1 
ATOM   338  C C     . VAL A 1 44  ? -3.890  0.472   2.301   1.00 15.18  ? 44  VAL A C     1 
ATOM   339  O O     . VAL A 1 44  ? -4.264  1.248   1.410   1.00 15.18  ? 44  VAL A O     1 
ATOM   340  C CB    . VAL A 1 44  ? -6.184  -0.098  3.188   1.00 8.38   ? 44  VAL A CB    1 
ATOM   341  C CG1   . VAL A 1 44  ? -6.232  -1.453  2.503   1.00 8.38   ? 44  VAL A CG1   1 
ATOM   342  C CG2   . VAL A 1 44  ? -7.035  -0.125  4.449   1.00 8.38   ? 44  VAL A CG2   1 
ATOM   343  N N     . ASN A 1 45  ? -2.740  -0.204  2.264   1.00 21.88  ? 45  ASN A N     1 
ATOM   344  C CA    . ASN A 1 45  ? -1.801  -0.071  1.157   1.00 21.88  ? 45  ASN A CA    1 
ATOM   345  C C     . ASN A 1 45  ? -1.452  1.403   1.021   1.00 21.88  ? 45  ASN A C     1 
ATOM   346  O O     . ASN A 1 45  ? -1.225  1.900   -0.076  1.00 21.88  ? 45  ASN A O     1 
ATOM   347  C CB    . ASN A 1 45  ? -2.393  -0.606  -0.146  1.00 15.93  ? 45  ASN A CB    1 
ATOM   348  C CG    . ASN A 1 45  ? -2.276  -2.112  -0.262  1.00 15.93  ? 45  ASN A CG    1 
ATOM   349  O OD1   . ASN A 1 45  ? -2.779  -2.712  -1.217  1.00 15.93  ? 45  ASN A OD1   1 
ATOM   350  N ND2   . ASN A 1 45  ? -1.599  -2.732  0.704   1.00 15.93  ? 45  ASN A ND2   1 
ATOM   351  N N     . GLY A 1 46  ? -1.431  2.091   2.159   1.00 18.27  ? 46  GLY A N     1 
ATOM   352  C CA    . GLY A 1 46  ? -1.084  3.495   2.175   1.00 18.27  ? 46  GLY A CA    1 
ATOM   353  C C     . GLY A 1 46  ? -2.185  4.451   1.775   1.00 18.27  ? 46  GLY A C     1 
ATOM   354  O O     . GLY A 1 46  ? -1.953  5.653   1.702   1.00 18.27  ? 46  GLY A O     1 
ATOM   355  N N     . CYS A 1 47  ? -3.384  3.935   1.524   1.00 14.34  ? 47  CYS A N     1 
ATOM   356  C CA    . CYS A 1 47  ? -4.495  4.785   1.121   1.00 14.34  ? 47  CYS A CA    1 
ATOM   357  C C     . CYS A 1 47  ? -5.484  5.036   2.259   1.00 14.34  ? 47  CYS A C     1 
ATOM   358  O O     . CYS A 1 47  ? -5.984  4.093   2.873   1.00 14.34  ? 47  CYS A O     1 
ATOM   359  C CB    . CYS A 1 47  ? -5.215  4.144   -0.059  1.00 15.39  ? 47  CYS A CB    1 
ATOM   360  S SG    . CYS A 1 47  ? -6.584  5.118   -0.704  1.00 15.39  ? 47  CYS A SG    1 
ATOM   361  N N     . SER A 1 48  ? -5.758  6.305   2.547   1.00 15.08  ? 48  SER A N     1 
ATOM   362  C CA    . SER A 1 48  ? -6.700  6.643   3.612   1.00 15.08  ? 48  SER A CA    1 
ATOM   363  C C     . SER A 1 48  ? -8.086  6.057   3.346   1.00 15.08  ? 48  SER A C     1 
ATOM   364  O O     . SER A 1 48  ? -8.737  6.409   2.377   1.00 15.08  ? 48  SER A O     1 
ATOM   365  C CB    . SER A 1 48  ? -6.839  8.156   3.762   1.00 30.89  ? 48  SER A CB    1 
ATOM   366  O OG    . SER A 1 48  ? -5.679  8.732   4.322   1.00 30.89  ? 48  SER A OG    1 
ATOM   367  N N     . ASN A 1 49  ? -8.524  5.133   4.128   1.00 21.38  ? 49  ASN A N     1 
ATOM   368  C CA    . ASN A 1 49  ? -9.872  4.595   3.997   1.00 18.35  ? 49  ASN A CA    1 
ATOM   369  C C     . ASN A 1 49  ? -10.662 4.697   5.298   1.00 18.35  ? 49  ASN A C     1 
ATOM   370  O O     . ASN A 1 49  ? -9.967  4.864   6.377   1.00 21.38  ? 49  ASN A O     1 
ATOM   371  C CB    . ASN A 1 49  ? -9.827  3.142   3.521   1.00 18.35  ? 49  ASN A CB    1 
ATOM   372  C CG    . ASN A 1 49  ? -9.382  3.014   2.078   1.00 18.35  ? 49  ASN A CG    1 
ATOM   373  O OD1   . ASN A 1 49  ? -9.505  3.955   1.293   1.00 21.38  ? 49  ASN A OD1   1 
ATOM   374  N ND2   . ASN A 1 49  ? -8.861  1.847   1.721   1.00 21.38  ? 49  ASN A ND2   1 
ATOM   375  N N     . THR A 1 50  ? -11.933 4.705   5.293   1.00 26.12  ? 50  THR A N     1 
ATOM   376  C CA    . THR A 1 50  ? -12.699 4.837   6.522   1.00 26.12  ? 50  THR A CA    1 
ATOM   377  C C     . THR A 1 50  ? -13.454 3.560   6.831   1.00 26.12  ? 50  THR A C     1 
ATOM   378  O O     . THR A 1 50  ? -14.237 3.091   6.006   1.00 26.12  ? 50  THR A O     1 
ATOM   379  C CB    . THR A 1 50  ? -13.718 5.987   6.421   1.00 22.55  ? 50  THR A CB    1 
ATOM   380  O OG1   . THR A 1 50  ? -13.033 7.203   6.099   1.00 22.55  ? 50  THR A OG1   1 
ATOM   381  C CG2   . THR A 1 50  ? -14.476 6.159   7.739   1.00 22.55  ? 50  THR A CG2   1 
ATOM   382  N N     . VAL A 1 51  ? -13.219 2.994   8.014   1.00 30.32  ? 51  VAL A N     1 
ATOM   383  C CA    . VAL A 1 51  ? -13.915 1.770   8.415   1.00 30.32  ? 51  VAL A CA    1 
ATOM   384  C C     . VAL A 1 51  ? -15.417 2.076   8.398   1.00 30.32  ? 51  VAL A C     1 
ATOM   385  O O     . VAL A 1 51  ? -15.887 2.947   9.127   1.00 30.32  ? 51  VAL A O     1 
ATOM   386  C CB    . VAL A 1 51  ? -13.519 1.299   9.839   1.00 21.09  ? 51  VAL A CB    1 
ATOM   387  C CG1   . VAL A 1 51  ? -14.359 0.099   10.228  1.00 21.09  ? 51  VAL A CG1   1 
ATOM   388  C CG2   . VAL A 1 51  ? -12.050 0.938   9.889   1.00 21.09  ? 51  VAL A CG2   1 
ATOM   389  N N     . VAL A 1 52  ? -16.162 1.367   7.558   1.00 37.00  ? 52  VAL A N     1 
ATOM   390  C CA    . VAL A 1 52  ? -17.592 1.594   7.444   1.00 37.00  ? 52  VAL A CA    1 
ATOM   391  C C     . VAL A 1 52  ? -18.378 0.579   8.272   1.00 37.00  ? 52  VAL A C     1 
ATOM   392  O O     . VAL A 1 52  ? -19.512 0.827   8.669   1.00 37.00  ? 52  VAL A O     1 
ATOM   393  C CB    . VAL A 1 52  ? -18.030 1.515   5.958   1.00 19.04  ? 52  VAL A CB    1 
ATOM   394  C CG1   . VAL A 1 52  ? -17.852 0.102   5.431   1.00 19.04  ? 52  VAL A CG1   1 
ATOM   395  C CG2   . VAL A 1 52  ? -19.466 1.950   5.813   1.00 19.04  ? 52  VAL A CG2   1 
ATOM   396  N N     . ARG A 1 53  ? -17.748 -0.559  8.541   1.00 23.64  ? 53  ARG A N     1 
ATOM   397  C CA    . ARG A 1 53  ? -18.376 -1.628  9.309   1.00 23.64  ? 53  ARG A CA    1 
ATOM   398  C C     . ARG A 1 53  ? -17.328 -2.593  9.855   1.00 23.64  ? 53  ARG A C     1 
ATOM   399  O O     . ARG A 1 53  ? -16.312 -2.841  9.209   1.00 23.64  ? 53  ARG A O     1 
ATOM   400  C CB    . ARG A 1 53  ? -19.370 -2.383  8.418   1.00 58.51  ? 53  ARG A CB    1 
ATOM   401  C CG    . ARG A 1 53  ? -19.835 -3.705  8.981   1.00 58.51  ? 53  ARG A CG    1 
ATOM   402  C CD    . ARG A 1 53  ? -20.851 -4.374  8.069   1.00 58.51  ? 53  ARG A CD    1 
ATOM   403  N NE    . ARG A 1 53  ? -20.907 -5.818  8.286   1.00 58.51  ? 53  ARG A NE    1 
ATOM   404  C CZ    . ARG A 1 53  ? -21.232 -6.404  9.436   1.00 58.51  ? 53  ARG A CZ    1 
ATOM   405  N NH1   . ARG A 1 53  ? -21.539 -5.676  10.501  1.00 58.51  ? 53  ARG A NH1   1 
ATOM   406  N NH2   . ARG A 1 53  ? -21.233 -7.731  9.523   1.00 58.51  ? 53  ARG A NH2   1 
ATOM   407  N N     . ILE A 1 54  ? -17.571 -3.134  11.046  1.00 25.21  ? 54  ILE A N     1 
ATOM   408  C CA    . ILE A 1 54  ? -16.632 -4.074  11.638  1.00 25.21  ? 54  ILE A CA    1 
ATOM   409  C C     . ILE A 1 54  ? -17.316 -5.141  12.489  1.00 25.21  ? 54  ILE A C     1 
ATOM   410  O O     . ILE A 1 54  ? -18.233 -4.852  13.261  1.00 25.21  ? 54  ILE A O     1 
ATOM   411  C CB    . ILE A 1 54  ? -15.558 -3.323  12.461  1.00 10.46  ? 54  ILE A CB    1 
ATOM   412  C CG1   . ILE A 1 54  ? -14.549 -4.317  13.046  1.00 10.46  ? 54  ILE A CG1   1 
ATOM   413  C CG2   . ILE A 1 54  ? -16.216 -2.466  13.541  1.00 10.46  ? 54  ILE A CG2   1 
ATOM   414  C CD1   . ILE A 1 54  ? -13.319 -3.655  13.664  1.00 10.46  ? 54  ILE A CD1   1 
ATOM   415  N N     . LEU A 1 55  ? -16.865 -6.382  12.324  1.00 26.51  ? 55  LEU A N     1 
ATOM   416  C CA    . LEU A 1 55  ? -17.419 -7.514  13.053  1.00 26.51  ? 55  LEU A CA    1 
ATOM   417  C C     . LEU A 1 55  ? -16.297 -8.497  13.387  1.00 26.51  ? 55  LEU A C     1 
ATOM   418  O O     . LEU A 1 55  ? -15.840 -9.255  12.530  1.00 26.51  ? 55  LEU A O     1 
ATOM   419  C CB    . LEU A 1 55  ? -18.503 -8.176  12.201  1.00 33.19  ? 55  LEU A CB    1 
ATOM   420  C CG    . LEU A 1 55  ? -19.475 -9.178  12.837  1.00 33.19  ? 55  LEU A CG    1 
ATOM   421  C CD1   . LEU A 1 55  ? -18.943 -10.578 12.676  1.00 33.19  ? 55  LEU A CD1   1 
ATOM   422  C CD2   . LEU A 1 55  ? -19.713 -8.830  14.302  1.00 33.19  ? 55  LEU A CD2   1 
ATOM   423  N N     . GLY A 1 56  ? -15.853 -8.475  14.641  1.00 23.07  ? 56  GLY A N     1 
ATOM   424  C CA    . GLY A 1 56  ? -14.770 -9.355  15.037  1.00 23.07  ? 56  GLY A CA    1 
ATOM   425  C C     . GLY A 1 56  ? -13.483 -8.835  14.423  1.00 23.07  ? 56  GLY A C     1 
ATOM   426  O O     . GLY A 1 56  ? -13.073 -7.704  14.708  1.00 23.07  ? 56  GLY A O     1 
ATOM   427  N N     . ASP A 1 57  ? -12.848 -9.644  13.579  1.00 28.59  ? 57  ASP A N     1 
ATOM   428  C CA    . ASP A 1 57  ? -11.610 -9.248  12.920  1.00 28.59  ? 57  ASP A CA    1 
ATOM   429  C C     . ASP A 1 57  ? -11.845 -8.902  11.451  1.00 28.59  ? 57  ASP A C     1 
ATOM   430  O O     . ASP A 1 57  ? -10.896 -8.726  10.690  1.00 28.59  ? 57  ASP A O     1 
ATOM   431  C CB    . ASP A 1 57  ? -10.563 -10.361 13.035  1.00 22.92  ? 57  ASP A CB    1 
ATOM   432  C CG    . ASP A 1 57  ? -10.935 -11.607 12.250  1.00 22.92  ? 57  ASP A CG    1 
ATOM   433  O OD1   . ASP A 1 57  ? -12.068 -11.688 11.730  1.00 22.92  ? 57  ASP A OD1   1 
ATOM   434  O OD2   . ASP A 1 57  ? -10.082 -12.514 12.159  1.00 22.92  ? 57  ASP A OD2   1 
ATOM   435  N N     . MET A 1 58  ? -13.115 -8.833  11.058  1.00 21.62  ? 58  MET A N     1 
ATOM   436  C CA    . MET A 1 58  ? -13.485 -8.475  9.685   1.00 21.62  ? 58  MET A CA    1 
ATOM   437  C C     . MET A 1 58  ? -13.788 -6.978  9.657   1.00 21.62  ? 58  MET A C     1 
ATOM   438  O O     . MET A 1 58  ? -14.716 -6.497  10.309  1.00 21.62  ? 58  MET A O     1 
ATOM   439  C CB    . MET A 1 58  ? -14.716 -9.269  9.213   1.00 31.85  ? 58  MET A CB    1 
ATOM   440  C CG    . MET A 1 58  ? -14.437 -10.713 8.805   1.00 31.85  ? 58  MET A CG    1 
ATOM   441  S SD    . MET A 1 58  ? -13.299 -10.891 7.398   1.00 31.85  ? 58  MET A SD    1 
ATOM   442  C CE    . MET A 1 58  ? -14.234 -10.032 6.113   1.00 31.85  ? 58  MET A CE    1 
ATOM   443  N N     . VAL A 1 59  ? -12.990 -6.243  8.901   1.00 19.05  ? 59  VAL A N     1 
ATOM   444  C CA    . VAL A 1 59  ? -13.153 -4.803  8.802   1.00 19.05  ? 59  VAL A CA    1 
ATOM   445  C C     . VAL A 1 59  ? -13.542 -4.464  7.368   1.00 19.05  ? 59  VAL A C     1 
ATOM   446  O O     . VAL A 1 59  ? -12.909 -4.928  6.428   1.00 19.05  ? 59  VAL A O     1 
ATOM   447  C CB    . VAL A 1 59  ? -11.829 -4.093  9.194   1.00 15.65  ? 59  VAL A CB    1 
ATOM   448  C CG1   . VAL A 1 59  ? -12.057 -2.603  9.370   1.00 15.65  ? 59  VAL A CG1   1 
ATOM   449  C CG2   . VAL A 1 59  ? -11.277 -4.709  10.477  1.00 15.65  ? 59  VAL A CG2   1 
ATOM   450  N N     . TYR A 1 60  ? -14.593 -3.662  7.209   1.00 16.95  ? 60  TYR A N     1 
ATOM   451  C CA    . TYR A 1 60  ? -15.073 -3.290  5.885   1.00 16.95  ? 60  TYR A CA    1 
ATOM   452  C C     . TYR A 1 60  ? -14.834 -1.835  5.517   1.00 16.95  ? 60  TYR A C     1 
ATOM   453  O O     . TYR A 1 60  ? -15.026 -0.928  6.324   1.00 16.95  ? 60  TYR A O     1 
ATOM   454  C CB    . TYR A 1 60  ? -16.571 -3.605  5.747   1.00 25.28  ? 60  TYR A CB    1 
ATOM   455  C CG    . TYR A 1 60  ? -16.924 -5.043  6.037   1.00 25.28  ? 60  TYR A CG    1 
ATOM   456  C CD1   . TYR A 1 60  ? -17.017 -5.507  7.350   1.00 25.28  ? 60  TYR A CD1   1 
ATOM   457  C CD2   . TYR A 1 60  ? -17.125 -5.957  4.999   1.00 25.28  ? 60  TYR A CD2   1 
ATOM   458  C CE1   . TYR A 1 60  ? -17.297 -6.846  7.629   1.00 25.28  ? 60  TYR A CE1   1 
ATOM   459  C CE2   . TYR A 1 60  ? -17.406 -7.305  5.264   1.00 25.28  ? 60  TYR A CE2   1 
ATOM   460  C CZ    . TYR A 1 60  ? -17.486 -7.741  6.584   1.00 25.28  ? 60  TYR A CZ    1 
ATOM   461  O OH    . TYR A 1 60  ? -17.720 -9.067  6.852   1.00 25.28  ? 60  TYR A OH    1 
ATOM   462  N N     . PHE A 1 61  ? -14.426 -1.628  4.275   1.00 19.50  ? 61  PHE A N     1 
ATOM   463  C CA    . PHE A 1 61  ? -14.177 -0.295  3.770   1.00 19.50  ? 61  PHE A CA    1 
ATOM   464  C C     . PHE A 1 61  ? -14.944 -0.150  2.458   1.00 19.50  ? 61  PHE A C     1 
ATOM   465  O O     . PHE A 1 61  ? -14.936 -1.063  1.636   1.00 19.50  ? 61  PHE A O     1 
ATOM   466  C CB    . PHE A 1 61  ? -12.687 -0.111  3.483   1.00 20.47  ? 61  PHE A CB    1 
ATOM   467  C CG    . PHE A 1 61  ? -11.810 -0.212  4.693   1.00 20.47  ? 61  PHE A CG    1 
ATOM   468  C CD1   . PHE A 1 61  ? -11.479 0.922   5.425   1.00 20.47  ? 61  PHE A CD1   1 
ATOM   469  C CD2   . PHE A 1 61  ? -11.276 -1.439  5.080   1.00 20.47  ? 61  PHE A CD2   1 
ATOM   470  C CE1   . PHE A 1 61  ? -10.619 0.837   6.524   1.00 20.47  ? 61  PHE A CE1   1 
ATOM   471  C CE2   . PHE A 1 61  ? -10.417 -1.537  6.176   1.00 20.47  ? 61  PHE A CE2   1 
ATOM   472  C CZ    . PHE A 1 61  ? -10.083 -0.405  6.900   1.00 20.47  ? 61  PHE A CZ    1 
ATOM   473  N N     . ASP A 1 62  ? -15.631 0.969   2.276   1.00 19.45  ? 62  ASP A N     1 
ATOM   474  C CA    . ASP A 1 62  ? -16.313 1.194   1.016   1.00 19.45  ? 62  ASP A CA    1 
ATOM   475  C C     . ASP A 1 62  ? -15.275 1.950   0.201   1.00 19.45  ? 62  ASP A C     1 
ATOM   476  O O     . ASP A 1 62  ? -14.876 3.061   0.551   1.00 19.45  ? 62  ASP A O     1 
ATOM   477  C CB    . ASP A 1 62  ? -17.576 2.040   1.185   1.00 26.01  ? 62  ASP A CB    1 
ATOM   478  C CG    . ASP A 1 62  ? -18.765 1.232   1.660   1.00 26.01  ? 62  ASP A CG    1 
ATOM   479  O OD1   . ASP A 1 62  ? -18.949 0.103   1.160   1.00 26.01  ? 62  ASP A OD1   1 
ATOM   480  O OD2   . ASP A 1 62  ? -19.527 1.728   2.518   1.00 26.01  ? 62  ASP A OD2   1 
ATOM   481  N N     . ILE A 1 63  ? -14.807 1.323   -0.869  1.00 28.91  ? 63  ILE A N     1 
ATOM   482  C CA    . ILE A 1 63  ? -13.799 1.933   -1.713  1.00 28.91  ? 63  ILE A CA    1 
ATOM   483  C C     . ILE A 1 63  ? -14.444 2.449   -2.994  1.00 28.91  ? 63  ILE A C     1 
ATOM   484  O O     . ILE A 1 63  ? -14.918 1.667   -3.811  1.00 28.91  ? 63  ILE A O     1 
ATOM   485  C CB    . ILE A 1 63  ? -12.682 0.914   -2.031  1.00 15.60  ? 63  ILE A CB    1 
ATOM   486  C CG1   . ILE A 1 63  ? -12.145 0.332   -0.720  1.00 15.60  ? 63  ILE A CG1   1 
ATOM   487  C CG2   . ILE A 1 63  ? -11.573 1.580   -2.821  1.00 15.60  ? 63  ILE A CG2   1 
ATOM   488  C CD1   . ILE A 1 63  ? -10.999 -0.650  -0.877  1.00 15.60  ? 63  ILE A CD1   1 
ATOM   489  N N     . ASP A 1 64  ? -14.474 3.775   -3.143  1.00 24.56  ? 64  ASP A N     1 
ATOM   490  C CA    . ASP A 1 64  ? -15.056 4.434   -4.311  1.00 24.56  ? 64  ASP A CA    1 
ATOM   491  C C     . ASP A 1 64  ? -14.254 5.646   -4.787  1.00 24.56  ? 64  ASP A C     1 
ATOM   492  O O     . ASP A 1 64  ? -13.707 5.652   -5.887  1.00 24.56  ? 64  ASP A O     1 
ATOM   493  C CB    . ASP A 1 64  ? -16.493 4.878   -4.012  1.00 27.68  ? 64  ASP A CB    1 
ATOM   494  C CG    . ASP A 1 64  ? -16.653 5.466   -2.618  1.00 27.68  ? 64  ASP A CG    1 
ATOM   495  O OD1   . ASP A 1 64  ? -15.697 6.080   -2.115  1.00 27.68  ? 64  ASP A OD1   1 
ATOM   496  O OD2   . ASP A 1 64  ? -17.744 5.324   -2.031  1.00 27.68  ? 64  ASP A OD2   1 
ATOM   497  N N     . GLN A 1 65  ? -14.211 6.681   -3.959  1.00 24.27  ? 65  GLN A N     1 
ATOM   498  C CA    . GLN A 1 65  ? -13.479 7.906   -4.285  1.00 24.27  ? 65  GLN A CA    1 
ATOM   499  C C     . GLN A 1 65  ? -12.042 7.601   -4.718  1.00 24.27  ? 65  GLN A C     1 
ATOM   500  O O     . GLN A 1 65  ? -11.448 8.349   -5.493  1.00 24.27  ? 65  GLN A O     1 
ATOM   501  C CB    . GLN A 1 65  ? -13.450 8.821   -3.063  1.00 26.58  ? 65  GLN A CB    1 
ATOM   502  C CG    . GLN A 1 65  ? -12.855 10.190  -3.314  1.00 26.58  ? 65  GLN A CG    1 
ATOM   503  C CD    . GLN A 1 65  ? -12.590 10.937  -2.022  1.00 26.58  ? 65  GLN A CD    1 
ATOM   504  O OE1   . GLN A 1 65  ? -13.375 10.868  -1.092  1.00 26.58  ? 65  GLN A OE1   1 
ATOM   505  N NE2   . GLN A 1 65  ? -11.486 11.656  -1.965  1.00 26.58  ? 65  GLN A NE2   1 
ATOM   506  N N     . ALA A 1 66  ? -11.500 6.494   -4.212  1.00 17.49  ? 66  ALA A N     1 
ATOM   507  C CA    . ALA A 1 66  ? -10.126 6.073   -4.497  1.00 17.49  ? 66  ALA A CA    1 
ATOM   508  C C     . ALA A 1 66  ? -9.966  5.111   -5.674  1.00 17.49  ? 66  ALA A C     1 
ATOM   509  O O     . ALA A 1 66  ? -8.862  4.916   -6.167  1.00 17.49  ? 66  ALA A O     1 
ATOM   510  C CB    . ALA A 1 66  ? -9.506  5.443   -3.236  1.00 12.74  ? 66  ALA A CB    1 
ATOM   511  N N     . LEU A 1 67  ? -11.064 4.520   -6.121  1.00 28.17  ? 67  LEU A N     1 
ATOM   512  C CA    . LEU A 1 67  ? -11.033 3.555   -7.216  1.00 28.17  ? 67  LEU A CA    1 
ATOM   513  C C     . LEU A 1 67  ? -10.259 3.934   -8.482  1.00 28.17  ? 67  LEU A C     1 
ATOM   514  O O     . LEU A 1 67  ? -9.661  3.076   -9.129  1.00 28.17  ? 67  LEU A O     1 
ATOM   515  C CB    . LEU A 1 67  ? -12.467 3.152   -7.611  1.00 16.91  ? 67  LEU A CB    1 
ATOM   516  C CG    . LEU A 1 67  ? -13.242 2.218   -6.671  1.00 16.91  ? 67  LEU A CG    1 
ATOM   517  C CD1   . LEU A 1 67  ? -14.636 1.992   -7.235  1.00 16.91  ? 67  LEU A CD1   1 
ATOM   518  C CD2   . LEU A 1 67  ? -12.506 0.897   -6.516  1.00 16.91  ? 67  LEU A CD2   1 
ATOM   519  N N     . GLY A 1 68  ? -10.245 5.211   -8.832  1.00 22.38  ? 68  GLY A N     1 
ATOM   520  C CA    . GLY A 1 68  ? -9.579  5.620   -10.056 1.00 22.38  ? 68  GLY A CA    1 
ATOM   521  C C     . GLY A 1 68  ? -8.093  5.933   -10.058 1.00 22.38  ? 68  GLY A C     1 
ATOM   522  O O     . GLY A 1 68  ? -7.485  6.024   -11.127 1.00 22.38  ? 68  GLY A O     1 
ATOM   523  N N     . THR A 1 69  ? -7.497  6.094   -8.885  1.00 35.04  ? 69  THR A N     1 
ATOM   524  C CA    . THR A 1 69  ? -6.073  6.423   -8.807  1.00 35.04  ? 69  THR A CA    1 
ATOM   525  C C     . THR A 1 69  ? -5.386  5.473   -7.845  1.00 35.04  ? 69  THR A C     1 
ATOM   526  O O     . THR A 1 69  ? -4.294  5.741   -7.341  1.00 35.04  ? 69  THR A O     1 
ATOM   527  C CB    . THR A 1 69  ? -5.905  7.842   -8.283  1.00 38.41  ? 69  THR A CB    1 
ATOM   528  O OG1   . THR A 1 69  ? -6.559  7.933   -7.018  1.00 38.41  ? 69  THR A OG1   1 
ATOM   529  C CG2   . THR A 1 69  ? -6.540  8.842   -9.233  1.00 38.41  ? 69  THR A CG2   1 
ATOM   530  N N     . THR A 1 70  ? -6.038  4.344   -7.623  1.00 33.39  ? 70  THR A N     1 
ATOM   531  C CA    . THR A 1 70  ? -5.548  3.364   -6.679  1.00 33.39  ? 70  THR A CA    1 
ATOM   532  C C     . THR A 1 70  ? -5.526  1.957   -7.305  1.00 33.39  ? 70  THR A C     1 
ATOM   533  O O     . THR A 1 70  ? -5.951  1.779   -8.451  1.00 33.39  ? 70  THR A O     1 
ATOM   534  C CB    . THR A 1 70  ? -6.456  3.437   -5.443  1.00 37.14  ? 70  THR A CB    1 
ATOM   535  O OG1   . THR A 1 70  ? -5.657  3.461   -4.262  1.00 37.14  ? 70  THR A OG1   1 
ATOM   536  C CG2   . THR A 1 70  ? -7.435  2.288   -5.430  1.00 37.14  ? 70  THR A CG2   1 
ATOM   537  N N     . THR A 1 71  ? -5.031  0.963   -6.568  1.00 21.34  ? 71  THR A N     1 
ATOM   538  C CA    . THR A 1 71  ? -4.958  -0.407  -7.091  1.00 21.34  ? 71  THR A CA    1 
ATOM   539  C C     . THR A 1 71  ? -6.093  -1.311  -6.608  1.00 21.34  ? 71  THR A C     1 
ATOM   540  O O     . THR A 1 71  ? -6.172  -2.472  -7.008  1.00 21.34  ? 71  THR A O     1 
ATOM   541  C CB    . THR A 1 71  ? -3.657  -1.118  -6.657  1.00 22.41  ? 71  THR A CB    1 
ATOM   542  O OG1   . THR A 1 71  ? -3.698  -1.370  -5.240  1.00 22.41  ? 71  THR A OG1   1 
ATOM   543  C CG2   . THR A 1 71  ? -2.431  -0.271  -6.979  1.00 22.41  ? 71  THR A CG2   1 
ATOM   544  N N     . PHE A 1 72  ? -6.966  -0.789  -5.755  1.00 20.49  ? 72  PHE A N     1 
ATOM   545  C CA    . PHE A 1 72  ? -8.044  -1.591  -5.199  1.00 20.49  ? 72  PHE A CA    1 
ATOM   546  C C     . PHE A 1 72  ? -8.957  -2.365  -6.150  1.00 20.49  ? 72  PHE A C     1 
ATOM   547  O O     . PHE A 1 72  ? -9.266  -3.529  -5.874  1.00 20.49  ? 72  PHE A O     1 
ATOM   548  C CB    . PHE A 1 72  ? -8.878  -0.737  -4.244  1.00 29.41  ? 72  PHE A CB    1 
ATOM   549  C CG    . PHE A 1 72  ? -8.133  -0.345  -3.001  1.00 29.41  ? 72  PHE A CG    1 
ATOM   550  C CD1   . PHE A 1 72  ? -7.717  0.966   -2.802  1.00 29.41  ? 72  PHE A CD1   1 
ATOM   551  C CD2   . PHE A 1 72  ? -7.826  -1.296  -2.034  1.00 29.41  ? 72  PHE A CD2   1 
ATOM   552  C CE1   . PHE A 1 72  ? -6.984  1.321   -1.676  1.00 29.41  ? 72  PHE A CE1   1 
ATOM   553  C CE2   . PHE A 1 72  ? -7.095  -0.953  -0.904  1.00 29.41  ? 72  PHE A CE2   1 
ATOM   554  C CZ    . PHE A 1 72  ? -6.681  0.361   -0.718  1.00 29.41  ? 72  PHE A CZ    1 
ATOM   555  N N     . ASP A 1 73  ? -9.389  -1.760  -7.255  1.00 34.25  ? 73  ASP A N     1 
ATOM   556  C CA    . ASP A 1 73  ? -10.276 -2.462  -8.186  1.00 34.25  ? 73  ASP A CA    1 
ATOM   557  C C     . ASP A 1 73  ? -9.606  -3.623  -8.920  1.00 34.25  ? 73  ASP A C     1 
ATOM   558  O O     . ASP A 1 73  ? -10.235 -4.307  -9.731  1.00 43.93  ? 73  ASP A O     1 
ATOM   559  C CB    . ASP A 1 73  ? -10.872 -1.484  -9.200  1.00 70.49  ? 73  ASP A CB    1 
ATOM   560  C CG    . ASP A 1 73  ? -9.834  -0.571  -9.810  1.00 70.49  ? 73  ASP A CG    1 
ATOM   561  O OD1   . ASP A 1 73  ? -10.148 0.091   -10.822 1.00 70.49  ? 73  ASP A OD1   1 
ATOM   562  O OD2   . ASP A 1 73  ? -8.708  -0.510  -9.278  1.00 70.49  ? 73  ASP A OD2   1 
ATOM   563  N N     . GLY A 1 74  ? -8.327  -3.843  -8.633  1.00 22.37  ? 74  GLY A N     1 
ATOM   564  C CA    . GLY A 1 74  ? -7.596  -4.928  -9.267  1.00 22.37  ? 74  GLY A CA    1 
ATOM   565  C C     . GLY A 1 74  ? -7.184  -6.011  -8.281  1.00 22.37  ? 74  GLY A C     1 
ATOM   566  O O     . GLY A 1 74  ? -6.571  -7.010  -8.658  1.00 22.37  ? 74  GLY A O     1 
ATOM   567  N N     . LEU A 1 75  ? -7.515  -5.816  -7.012  1.00 26.82  ? 75  LEU A N     1 
ATOM   568  C CA    . LEU A 1 75  ? -7.186  -6.801  -5.992  1.00 26.82  ? 75  LEU A CA    1 
ATOM   569  C C     . LEU A 1 75  ? -8.357  -7.762  -5.910  1.00 26.82  ? 75  LEU A C     1 
ATOM   570  O O     . LEU A 1 75  ? -9.482  -7.409  -6.259  1.00 26.82  ? 75  LEU A O     1 
ATOM   571  C CB    . LEU A 1 75  ? -6.993  -6.137  -4.628  1.00 26.54  ? 75  LEU A CB    1 
ATOM   572  C CG    . LEU A 1 75  ? -5.940  -5.037  -4.501  1.00 26.54  ? 75  LEU A CG    1 
ATOM   573  C CD1   . LEU A 1 75  ? -5.927  -4.512  -3.082  1.00 26.54  ? 75  LEU A CD1   1 
ATOM   574  C CD2   . LEU A 1 75  ? -4.585  -5.586  -4.880  1.00 26.54  ? 75  LEU A CD2   1 
ATOM   575  N N     . LYS A 1 76  ? -8.087  -8.978  -5.456  1.00 37.48  ? 76  LYS A N     1 
ATOM   576  C CA    . LYS A 1 76  ? -9.129  -9.974  -5.318  1.00 37.48  ? 76  LYS A CA    1 
ATOM   577  C C     . LYS A 1 76  ? -9.048  -10.679 -3.969  1.00 37.48  ? 76  LYS A C     1 
ATOM   578  O O     . LYS A 1 76  ? -8.066  -10.544 -3.246  1.00 45.47  ? 76  LYS A O     1 
ATOM   579  C CB    . LYS A 1 76  ? -9.064  -10.982 -6.473  1.00 48.73  ? 76  LYS A CB    1 
ATOM   580  C CG    . LYS A 1 76  ? -7.670  -11.443 -6.874  1.00 48.73  ? 76  LYS A CG    1 
ATOM   581  C CD    . LYS A 1 76  ? -7.152  -12.552 -5.981  1.00 48.73  ? 76  LYS A CD    1 
ATOM   582  C CE    . LYS A 1 76  ? -5.912  -13.208 -6.581  1.00 48.73  ? 76  LYS A CE    1 
ATOM   583  N NZ    . LYS A 1 76  ? -4.768  -12.260 -6.727  1.00 48.73  ? 76  LYS A NZ    1 
ATOM   584  N N     . GLU A 1 77  ? -10.098 -11.417 -3.627  1.00 23.01  ? 77  GLU A N     1 
ATOM   585  C CA    . GLU A 1 77  ? -10.161 -12.123 -2.360  1.00 23.01  ? 77  GLU A CA    1 
ATOM   586  C C     . GLU A 1 77  ? -8.918  -12.984 -2.195  1.00 23.01  ? 77  GLU A C     1 
ATOM   587  O O     . GLU A 1 77  ? -8.501  -13.676 -3.129  1.00 18.19  ? 77  GLU A O     1 
ATOM   588  C CB    . GLU A 1 77  ? -11.439 -12.965 -2.303  1.00 42.03  ? 77  GLU A CB    1 
ATOM   589  C CG    . GLU A 1 77  ? -12.680 -12.188 -2.749  1.00 42.03  ? 77  GLU A CG    1 
ATOM   590  C CD    . GLU A 1 77  ? -13.985 -12.933 -2.533  1.00 42.03  ? 77  GLU A CD    1 
ATOM   591  O OE1   . GLU A 1 77  ? -13.994 -14.174 -2.672  1.00 42.03  ? 77  GLU A OE1   1 
ATOM   592  O OE2   . GLU A 1 77  ? -15.008 -12.274 -2.239  1.00 42.03  ? 77  GLU A OE2   1 
ATOM   593  N N     . GLY A 1 78  ? -8.312  -12.928 -1.014  1.00 19.43  ? 78  GLY A N     1 
ATOM   594  C CA    . GLY A 1 78  ? -7.105  -13.703 -0.777  1.00 19.43  ? 78  GLY A CA    1 
ATOM   595  C C     . GLY A 1 78  ? -5.851  -12.848 -0.820  1.00 19.43  ? 78  GLY A C     1 
ATOM   596  O O     . GLY A 1 78  ? -4.809  -13.257 -0.314  1.00 19.43  ? 78  GLY A O     1 
ATOM   597  N N     . ASP A 1 79  ? -5.939  -11.662 -1.418  1.00 21.73  ? 79  ASP A N     1 
ATOM   598  C CA    . ASP A 1 79  ? -4.783  -10.774 -1.488  1.00 21.73  ? 79  ASP A CA    1 
ATOM   599  C C     . ASP A 1 79  ? -4.457  -10.154 -0.141  1.00 21.73  ? 79  ASP A C     1 
ATOM   600  O O     . ASP A 1 79  ? -5.354  -9.879  0.667   1.00 21.73  ? 79  ASP A O     1 
ATOM   601  C CB    . ASP A 1 79  ? -4.997  -9.667  -2.526  1.00 36.24  ? 79  ASP A CB    1 
ATOM   602  C CG    . ASP A 1 79  ? -4.946  -10.189 -3.950  1.00 36.24  ? 79  ASP A CG    1 
ATOM   603  O OD1   . ASP A 1 79  ? -4.323  -11.248 -4.170  1.00 36.24  ? 79  ASP A OD1   1 
ATOM   604  O OD2   . ASP A 1 79  ? -5.517  -9.535  -4.852  1.00 36.24  ? 79  ASP A OD2   1 
ATOM   605  N N     . GLN A 1 80  ? -3.166  -9.949  0.095   1.00 26.99  ? 80  GLN A N     1 
ATOM   606  C CA    . GLN A 1 80  ? -2.693  -9.353  1.335   1.00 26.99  ? 80  GLN A CA    1 
ATOM   607  C C     . GLN A 1 80  ? -2.617  -7.846  1.182   1.00 26.99  ? 80  GLN A C     1 
ATOM   608  O O     . GLN A 1 80  ? -2.333  -7.333  0.103   1.00 26.99  ? 80  GLN A O     1 
ATOM   609  C CB    . GLN A 1 80  ? -1.306  -9.882  1.678   1.00 22.67  ? 80  GLN A CB    1 
ATOM   610  C CG    . GLN A 1 80  ? -1.221  -11.357 1.951   1.00 22.67  ? 80  GLN A CG    1 
ATOM   611  C CD    . GLN A 1 80  ? 0.219   -11.824 2.025   1.00 22.67  ? 80  GLN A CD    1 
ATOM   612  O OE1   . GLN A 1 80  ? 0.516   -12.901 2.551   1.00 22.67  ? 80  GLN A OE1   1 
ATOM   613  N NE2   . GLN A 1 80  ? 1.122   -11.017 1.494   1.00 22.67  ? 80  GLN A NE2   1 
ATOM   614  N N     . VAL A 1 81  ? -2.871  -7.137  2.271   1.00 25.73  ? 81  VAL A N     1 
ATOM   615  C CA    . VAL A 1 81  ? -2.795  -5.686  2.244   1.00 25.73  ? 81  VAL A CA    1 
ATOM   616  C C     . VAL A 1 81  ? -1.990  -5.168  3.425   1.00 25.73  ? 81  VAL A C     1 
ATOM   617  O O     . VAL A 1 81  ? -1.958  -5.782  4.487   1.00 25.73  ? 81  VAL A O     1 
ATOM   618  C CB    . VAL A 1 81  ? -4.200  -5.051  2.269   1.00 18.64  ? 81  VAL A CB    1 
ATOM   619  C CG1   . VAL A 1 81  ? -4.897  -5.285  0.956   1.00 18.64  ? 81  VAL A CG1   1 
ATOM   620  C CG2   . VAL A 1 81  ? -5.019  -5.640  3.408   1.00 18.64  ? 81  VAL A CG2   1 
ATOM   621  N N     . ASN A 1 82  ? -1.323  -4.044  3.219   1.00 26.66  ? 82  ASN A N     1 
ATOM   622  C CA    . ASN A 1 82  ? -0.539  -3.420  4.276   1.00 26.66  ? 82  ASN A CA    1 
ATOM   623  C C     . ASN A 1 82  ? -1.524  -2.606  5.111   1.00 26.66  ? 82  ASN A C     1 
ATOM   624  O O     . ASN A 1 82  ? -2.455  -2.005  4.568   1.00 26.66  ? 82  ASN A O     1 
ATOM   625  C CB    . ASN A 1 82  ? 0.514   -2.503  3.659   1.00 16.85  ? 82  ASN A CB    1 
ATOM   626  C CG    . ASN A 1 82  ? 1.575   -3.268  2.888   1.00 16.85  ? 82  ASN A CG    1 
ATOM   627  O OD1   . ASN A 1 82  ? 2.196   -2.732  1.958   1.00 16.85  ? 82  ASN A OD1   1 
ATOM   628  N ND2   . ASN A 1 82  ? 1.804   -4.519  3.275   1.00 16.85  ? 82  ASN A ND2   1 
ATOM   629  N N     . LEU A 1 83  ? -1.343  -2.586  6.425   1.00 21.37  ? 83  LEU A N     1 
ATOM   630  C CA    . LEU A 1 83  ? -2.265  -1.830  7.268   1.00 21.37  ? 83  LEU A CA    1 
ATOM   631  C C     . LEU A 1 83  ? -1.543  -0.949  8.279   1.00 21.37  ? 83  LEU A C     1 
ATOM   632  O O     . LEU A 1 83  ? -0.607  -1.394  8.947   1.00 21.37  ? 83  LEU A O     1 
ATOM   633  C CB    . LEU A 1 83  ? -3.200  -2.781  8.026   1.00 13.67  ? 83  LEU A CB    1 
ATOM   634  C CG    . LEU A 1 83  ? -4.103  -3.733  7.237   1.00 13.67  ? 83  LEU A CG    1 
ATOM   635  C CD1   . LEU A 1 83  ? -4.712  -4.761  8.186   1.00 13.67  ? 83  LEU A CD1   1 
ATOM   636  C CD2   . LEU A 1 83  ? -5.180  -2.949  6.514   1.00 13.67  ? 83  LEU A CD2   1 
ATOM   637  N N     . GLU A 1 84  ? -1.957  0.308   8.381   1.00 20.50  ? 84  GLU A N     1 
ATOM   638  C CA    . GLU A 1 84  ? -1.353  1.189   9.374   1.00 20.50  ? 84  GLU A CA    1 
ATOM   639  C C     . GLU A 1 84  ? -2.413  1.998   10.093  1.00 20.50  ? 84  GLU A C     1 
ATOM   640  O O     . GLU A 1 84  ? -3.309  2.579   9.483   1.00 20.50  ? 84  GLU A O     1 
ATOM   641  C CB    . GLU A 1 84  ? -0.326  2.148   8.777   1.00 24.26  ? 84  GLU A CB    1 
ATOM   642  C CG    . GLU A 1 84  ? 0.423   2.888   9.877   1.00 24.26  ? 84  GLU A CG    1 
ATOM   643  C CD    . GLU A 1 84  ? 1.517   3.809   9.375   1.00 24.26  ? 84  GLU A CD    1 
ATOM   644  O OE1   . GLU A 1 84  ? 1.796   3.792   8.164   1.00 24.26  ? 84  GLU A OE1   1 
ATOM   645  O OE2   . GLU A 1 84  ? 2.104   4.551   10.194  1.00 24.26  ? 84  GLU A OE2   1 
ATOM   646  N N     . ILE A 1 85  ? -2.315  2.032   11.407  1.00 31.10  ? 85  ILE A N     1 
ATOM   647  C CA    . ILE A 1 85  ? -3.264  2.790   12.199  1.00 31.10  ? 85  ILE A CA    1 
ATOM   648  C C     . ILE A 1 85  ? -2.551  4.057   12.636  1.00 31.10  ? 85  ILE A C     1 
ATOM   649  O O     . ILE A 1 85  ? -1.340  4.044   12.868  1.00 31.10  ? 85  ILE A O     1 
ATOM   650  C CB    . ILE A 1 85  ? -3.706  1.983   13.418  1.00 28.16  ? 85  ILE A CB    1 
ATOM   651  C CG1   . ILE A 1 85  ? -4.451  0.737   12.941  1.00 28.16  ? 85  ILE A CG1   1 
ATOM   652  C CG2   . ILE A 1 85  ? -4.581  2.835   14.308  1.00 28.16  ? 85  ILE A CG2   1 
ATOM   653  C CD1   . ILE A 1 85  ? -4.692  -0.282  14.031  1.00 28.16  ? 85  ILE A CD1   1 
ATOM   654  N N     . HIS A 1 86  ? -3.289  5.154   12.738  1.00 45.74  ? 86  HIS A N     1 
ATOM   655  C CA    . HIS A 1 86  ? -2.679  6.409   13.142  1.00 45.74  ? 86  HIS A CA    1 
ATOM   656  C C     . HIS A 1 86  ? -2.011  6.286   14.515  1.00 45.74  ? 86  HIS A C     1 
ATOM   657  O O     . HIS A 1 86  ? -2.075  5.235   15.155  1.00 74.06  ? 86  HIS A O     1 
ATOM   658  C CB    . HIS A 1 86  ? -3.728  7.516   13.161  1.00 67.74  ? 86  HIS A CB    1 
ATOM   659  C CG    . HIS A 1 86  ? -3.165  8.869   12.859  1.00 67.74  ? 86  HIS A CG    1 
ATOM   660  N ND1   . HIS A 1 86  ? -2.173  9.445   13.621  1.00 67.74  ? 86  HIS A ND1   1 
ATOM   661  C CD2   . HIS A 1 86  ? -3.441  9.744   11.869  1.00 67.74  ? 86  HIS A CD2   1 
ATOM   662  C CE1   . HIS A 1 86  ? -1.862  10.623  13.113  1.00 67.74  ? 86  HIS A CE1   1 
ATOM   663  N NE2   . HIS A 1 86  ? -2.615  10.831  12.048  1.00 67.74  ? 86  HIS A NE2   1 
ATOM   664  N N     . PRO A 1 87  ? -1.361  7.358   14.962  1.00 69.71  ? 87  PRO A N     1 
ATOM   665  C CA    . PRO A 1 87  ? -0.679  7.355   16.259  1.00 69.71  ? 87  PRO A CA    1 
ATOM   666  C C     . PRO A 1 87  ? -1.585  7.815   17.391  1.00 69.71  ? 87  PRO A C     1 
ATOM   667  O O     . PRO A 1 87  ? -1.376  7.452   18.548  1.00 69.71  ? 87  PRO A O     1 
ATOM   668  C CB    . PRO A 1 87  ? 0.553   8.249   16.224  1.00 58.04  ? 87  PRO A CB    1 
ATOM   669  N N     . GLY A 1 97  ? 7.094   10.455  6.567   1.00 21.61  ? 97  GLY A N     1 
ATOM   670  C CA    . GLY A 1 97  ? 5.714   10.497  6.987   1.00 21.61  ? 97  GLY A CA    1 
ATOM   671  C C     . GLY A 1 97  ? 4.761   10.407  5.810   1.00 21.61  ? 97  GLY A C     1 
ATOM   672  O O     . GLY A 1 97  ? 5.055   10.925  4.731   1.00 43.36  ? 97  GLY A O     1 
ATOM   673  N N     . LEU A 1 98  ? 3.616   9.756   6.011   1.00 22.70  ? 98  LEU A N     1 
ATOM   674  C CA    . LEU A 1 98  ? 2.611   9.594   4.958   1.00 22.70  ? 98  LEU A CA    1 
ATOM   675  C C     . LEU A 1 98  ? 1.270   10.233  5.323   1.00 22.70  ? 98  LEU A C     1 
ATOM   676  O O     . LEU A 1 98  ? 0.800   10.112  6.462   1.00 22.70  ? 98  LEU A O     1 
ATOM   677  C CB    . LEU A 1 98  ? 2.364   8.108   4.672   1.00 15.84  ? 98  LEU A CB    1 
ATOM   678  C CG    . LEU A 1 98  ? 3.524   7.223   4.211   1.00 15.84  ? 98  LEU A CG    1 
ATOM   679  C CD1   . LEU A 1 98  ? 2.994   5.820   3.988   1.00 15.84  ? 98  LEU A CD1   1 
ATOM   680  C CD2   . LEU A 1 98  ? 4.134   7.765   2.927   1.00 15.84  ? 98  LEU A CD2   1 
ATOM   681  N N     . THR A 1 99  ? 0.641   10.890  4.352   1.00 22.70  ? 99  THR A N     1 
ATOM   682  C CA    . THR A 1 99  ? -0.646  11.532  4.585   1.00 22.70  ? 99  THR A CA    1 
ATOM   683  C C     . THR A 1 99  ? -1.786  10.595  4.235   1.00 22.70  ? 99  THR A C     1 
ATOM   684  O O     . THR A 1 99  ? -2.920  10.780  4.692   1.00 21.29  ? 99  THR A O     1 
ATOM   685  C CB    . THR A 1 99  ? -0.817  12.795  3.737   1.00 38.79  ? 99  THR A CB    1 
ATOM   686  O OG1   . THR A 1 99  ? -0.703  12.454  2.353   1.00 38.79  ? 99  THR A OG1   1 
ATOM   687  C CG2   . THR A 1 99  ? 0.231   13.820  4.100   1.00 38.79  ? 99  THR A CG2   1 
ATOM   688  N N     . GLY A 1 100 ? -1.487  9.604   3.401   1.00 21.06  ? 100 GLY A N     1 
ATOM   689  C CA    . GLY A 1 100 ? -2.499  8.648   2.992   1.00 21.06  ? 100 GLY A CA    1 
ATOM   690  C C     . GLY A 1 100 ? -3.188  9.001   1.682   1.00 21.06  ? 100 GLY A C     1 
ATOM   691  O O     . GLY A 1 100 ? -4.017  8.239   1.196   1.00 21.06  ? 100 GLY A O     1 
ATOM   692  N N     . ASN A 1 101 ? -2.868  10.165  1.126   1.00 23.72  ? 101 ASN A N     1 
ATOM   693  C CA    . ASN A 1 101 ? -3.431  10.593  -0.149  1.00 23.72  ? 101 ASN A CA    1 
ATOM   694  C C     . ASN A 1 101 ? -2.615  10.089  -1.336  1.00 23.72  ? 101 ASN A C     1 
ATOM   695  O O     . ASN A 1 101 ? -1.581  10.667  -1.684  1.00 23.72  ? 101 ASN A O     1 
ATOM   696  C CB    . ASN A 1 101 ? -3.545  12.117  -0.200  1.00 23.72  ? 101 ASN A CB    1 
ATOM   697  C CG    . ASN A 1 101 ? -4.525  12.663  0.820   1.00 0.00   ? 101 ASN A CG    1 
ATOM   698  O OD1   . ASN A 1 101 ? -4.277  13.694  1.446   1.00 0.00   ? 101 ASN A OD1   1 
ATOM   699  N ND2   . ASN A 1 101 ? -5.645  11.972  0.995   1.00 0.00   ? 101 ASN A ND2   1 
ATOM   700  N N     . ILE A 1 102 ? -3.025  8.965   -1.891  1.00 18.87  ? 102 ILE A N     1 
ATOM   701  C CA    . ILE A 1 102 ? -2.278  8.383   -3.005  1.00 18.87  ? 102 ILE A CA    1 
ATOM   702  C C     . ILE A 1 102 ? -2.269  9.290   -4.237  1.00 18.87  ? 102 ILE A C     1 
ATOM   703  O O     . ILE A 1 102 ? -3.317  9.739   -4.716  1.00 18.87  ? 102 ILE A O     1 
ATOM   704  C CB    . ILE A 1 102 ? -2.833  6.977   -3.361  1.00 8.96   ? 102 ILE A CB    1 
ATOM   705  C CG1   . ILE A 1 102 ? -2.658  6.040   -2.169  1.00 8.96   ? 102 ILE A CG1   1 
ATOM   706  C CG2   . ILE A 1 102 ? -2.098  6.412   -4.564  1.00 8.96   ? 102 ILE A CG2   1 
ATOM   707  C CD1   . ILE A 1 102 ? -1.212  5.912   -1.712  1.00 8.96   ? 102 ILE A CD1   1 
ATOM   708  N N     . LYS A 1 103 ? -1.066  9.562   -4.733  1.00 26.25  ? 103 LYS A N     1 
ATOM   709  C CA    . LYS A 1 103 ? -0.881  10.401  -5.910  1.00 26.25  ? 103 LYS A CA    1 
ATOM   710  C C     . LYS A 1 103 ? -1.349  9.672   -7.157  1.00 26.25  ? 103 LYS A C     1 
ATOM   711  O O     . LYS A 1 103 ? -1.994  10.246  -8.029  1.00 36.14  ? 103 LYS A O     1 
ATOM   712  C CB    . LYS A 1 103 ? 0.598   10.773  -6.068  1.00 33.08  ? 103 LYS A CB    1 
ATOM   713  C CG    . LYS A 1 103 ? 0.889   11.679  -7.259  1.00 33.08  ? 103 LYS A CG    1 
ATOM   714  C CD    . LYS A 1 103 ? 0.063   12.961  -7.181  1.00 33.08  ? 103 LYS A CD    1 
ATOM   715  C CE    . LYS A 1 103 ? 0.373   13.909  -8.333  1.00 33.08  ? 103 LYS A CE    1 
ATOM   716  N NZ    . LYS A 1 103 ? 1.808   14.308  -8.311  1.00 33.08  ? 103 LYS A NZ    1 
ATOM   717  N N     . GLY A 1 104 ? -1.014  8.395   -7.226  1.00 25.18  ? 104 GLY A N     1 
ATOM   718  C CA    . GLY A 1 104 ? -1.401  7.598   -8.362  1.00 25.18  ? 104 GLY A CA    1 
ATOM   719  C C     . GLY A 1 104 ? -0.834  6.199   -8.300  1.00 25.18  ? 104 GLY A C     1 
ATOM   720  O O     . GLY A 1 104 ? -0.308  5.747   -7.273  1.00 25.18  ? 104 GLY A O     1 
ATOM   721  N N     . THR A 1 105 ? -0.916  5.523   -9.435  1.00 24.69  ? 105 THR A N     1 
ATOM   722  C CA    . THR A 1 105 ? -0.467  4.157   -9.570  1.00 24.69  ? 105 THR A CA    1 
ATOM   723  C C     . THR A 1 105 ? 0.833   4.050   -10.385 1.00 24.69  ? 105 THR A C     1 
ATOM   724  O O     . THR A 1 105 ? 1.060   4.855   -11.295 1.00 24.69  ? 105 THR A O     1 
ATOM   725  C CB    . THR A 1 105 ? -1.604  3.370   -10.220 1.00 25.59  ? 105 THR A CB    1 
ATOM   726  O OG1   . THR A 1 105 ? -1.978  2.285   -9.364  1.00 25.59  ? 105 THR A OG1   1 
ATOM   727  C CG2   . THR A 1 105 ? -1.225  2.886   -11.581 1.00 25.59  ? 105 THR A CG2   1 
ATOM   728  N N     . ALA A 1 106 ? 1.682   3.073   -10.048 1.00 22.38  ? 106 ALA A N     1 
ATOM   729  C CA    . ALA A 1 106 ? 2.952   2.837   -10.743 1.00 22.38  ? 106 ALA A CA    1 
ATOM   730  C C     . ALA A 1 106 ? 3.246   1.333   -10.805 1.00 22.38  ? 106 ALA A C     1 
ATOM   731  O O     . ALA A 1 106 ? 2.752   0.581   -9.977  1.00 22.38  ? 106 ALA A O     1 
ATOM   732  C CB    . ALA A 1 106 ? 4.089   3.560   -10.018 1.00 6.85   ? 106 ALA A CB    1 
ATOM   733  N N     . LEU A 1 107 ? 4.057   0.901   -11.770 1.00 21.84  ? 107 LEU A N     1 
ATOM   734  C CA    . LEU A 1 107 ? 4.388   -0.516  -11.908 1.00 21.84  ? 107 LEU A CA    1 
ATOM   735  C C     . LEU A 1 107 ? 5.813   -0.890  -11.523 1.00 21.84  ? 107 LEU A C     1 
ATOM   736  O O     . LEU A 1 107 ? 6.742   -0.096  -11.689 1.00 21.84  ? 107 LEU A O     1 
ATOM   737  C CB    . LEU A 1 107 ? 4.176   -1.000  -13.344 1.00 27.32  ? 107 LEU A CB    1 
ATOM   738  C CG    . LEU A 1 107 ? 2.835   -0.824  -14.054 1.00 27.32  ? 107 LEU A CG    1 
ATOM   739  C CD1   . LEU A 1 107 ? 2.926   -1.538  -15.400 1.00 27.32  ? 107 LEU A CD1   1 
ATOM   740  C CD2   . LEU A 1 107 ? 1.693   -1.388  -13.226 1.00 27.32  ? 107 LEU A CD2   1 
ATOM   741  N N     . VAL A 1 108 ? 5.975   -2.115  -11.027 1.00 27.73  ? 108 VAL A N     1 
ATOM   742  C CA    . VAL A 1 108 ? 7.289   -2.639  -10.658 1.00 27.73  ? 108 VAL A CA    1 
ATOM   743  C C     . VAL A 1 108 ? 7.997   -2.931  -11.979 1.00 27.73  ? 108 VAL A C     1 
ATOM   744  O O     . VAL A 1 108 ? 7.528   -3.758  -12.758 1.00 27.73  ? 108 VAL A O     1 
ATOM   745  C CB    . VAL A 1 108 ? 7.162   -3.969  -9.857  1.00 26.25  ? 108 VAL A CB    1 
ATOM   746  C CG1   . VAL A 1 108 ? 8.551   -4.577  -9.614  1.00 26.25  ? 108 VAL A CG1   1 
ATOM   747  C CG2   . VAL A 1 108 ? 6.451   -3.724  -8.533  1.00 26.25  ? 108 VAL A CG2   1 
ATOM   748  N N     . ALA A 1 109 ? 9.111   -2.253  -12.242 1.00 43.25  ? 109 ALA A N     1 
ATOM   749  C CA    . ALA A 1 109 ? 9.846   -2.469  -13.486 1.00 43.25  ? 109 ALA A CA    1 
ATOM   750  C C     . ALA A 1 109 ? 10.644  -3.771  -13.437 1.00 43.25  ? 109 ALA A C     1 
ATOM   751  O O     . ALA A 1 109 ? 10.812  -4.456  -14.445 1.00 43.25  ? 109 ALA A O     1 
ATOM   752  C CB    . ALA A 1 109 ? 10.774  -1.287  -13.755 1.00 21.84  ? 109 ALA A CB    1 
ATOM   753  N N     . ALA A 1 110 ? 11.138  -4.096  -12.249 1.00 31.21  ? 110 ALA A N     1 
ATOM   754  C CA    . ALA A 1 110 ? 11.921  -5.308  -12.030 1.00 31.21  ? 110 ALA A CA    1 
ATOM   755  C C     . ALA A 1 110 ? 12.070  -5.531  -10.536 1.00 31.21  ? 110 ALA A C     1 
ATOM   756  O O     . ALA A 1 110 ? 11.726  -4.668  -9.729  1.00 31.21  ? 110 ALA A O     1 
ATOM   757  C CB    . ALA A 1 110 ? 13.299  -5.176  -12.678 1.00 27.17  ? 110 ALA A CB    1 
ATOM   758  N N     . ILE A 1 111 ? 12.596  -6.690  -10.168 1.00 39.67  ? 111 ILE A N     1 
ATOM   759  C CA    . ILE A 1 111 ? 12.781  -7.008  -8.767  1.00 39.67  ? 111 ILE A CA    1 
ATOM   760  C C     . ILE A 1 111 ? 13.860  -8.070  -8.626  1.00 39.67  ? 111 ILE A C     1 
ATOM   761  O O     . ILE A 1 111 ? 13.778  -9.136  -9.232  1.00 39.67  ? 111 ILE A O     1 
ATOM   762  C CB    . ILE A 1 111 ? 11.457  -7.503  -8.156  1.00 34.76  ? 111 ILE A CB    1 
ATOM   763  C CG1   . ILE A 1 111 ? 11.670  -7.939  -6.709  1.00 34.76  ? 111 ILE A CG1   1 
ATOM   764  C CG2   . ILE A 1 111 ? 10.901  -8.638  -8.992  1.00 34.76  ? 111 ILE A CG2   1 
ATOM   765  C CD1   . ILE A 1 111 ? 10.389  -8.368  -6.023  1.00 34.76  ? 111 ILE A CD1   1 
ATOM   766  N N     . GLU A 1 112 ? 14.879  -7.760  -7.847  1.00 61.07  ? 112 GLU A N     1 
ATOM   767  C CA    . GLU A 1 112 ? 15.976  -8.695  -7.632  1.00 61.07  ? 112 GLU A CA    1 
ATOM   768  C C     . GLU A 1 112 ? 16.034  -9.153  -6.179  1.00 61.07  ? 112 GLU A C     1 
ATOM   769  O O     . GLU A 1 112 ? 16.361  -8.359  -5.290  1.00 61.07  ? 112 GLU A O     1 
ATOM   770  C CB    . GLU A 1 112 ? 17.307  -8.059  -8.038  1.00 61.07  ? 112 GLU A CB    1 
ATOM   771  C CG    . GLU A 1 112 ? 17.446  -7.808  -9.530  1.00 0.00   ? 112 GLU A CG    1 
ATOM   772  C CD    . GLU A 1 112 ? 18.755  -7.130  -9.886  1.00 0.00   ? 112 GLU A CD    1 
ATOM   773  O OE1   . GLU A 1 112 ? 19.534  -6.817  -8.962  1.00 0.00   ? 112 GLU A OE1   1 
ATOM   774  O OE2   . GLU A 1 112 ? 19.003  -6.907  -11.090 1.00 0.00   ? 112 GLU A OE2   1 
ATOM   775  N N     . GLU A 1 113 ? 15.647  -10.398 -5.934  1.00 61.76  ? 113 GLU A N     1 
ATOM   776  C CA    . GLU A 1 113 ? 15.703  -10.935 -4.580  1.00 61.76  ? 113 GLU A CA    1 
ATOM   777  C C     . GLU A 1 113 ? 17.128  -11.309 -4.192  1.00 61.76  ? 113 GLU A C     1 
ATOM   778  O O     . GLU A 1 113 ? 18.007  -11.359 -5.083  1.00 61.76  ? 113 GLU A O     1 
ATOM   779  C CB    . GLU A 1 113 ? 14.785  -12.153 -4.449  1.00 61.76  ? 113 GLU A CB    1 
ATOM   780  C CG    . GLU A 1 113 ? 13.304  -11.829 -4.559  1.00 0.00   ? 113 GLU A CG    1 
ATOM   781  C CD    . GLU A 1 113 ? 12.430  -13.066 -4.478  1.00 0.00   ? 113 GLU A CD    1 
ATOM   782  O OE1   . GLU A 1 113 ? 12.985  -14.180 -4.379  1.00 0.00   ? 113 GLU A OE1   1 
ATOM   783  O OE2   . GLU A 1 113 ? 11.190  -12.923 -4.515  1.00 0.00   ? 113 GLU A OE2   1 
ATOM   784  N N     . ASN A 1 114 ? 17.378  -11.535 -2.934  1.00 67.60  ? 114 ASN A N     1 
ATOM   785  C CA    . ASN A 1 114 ? 18.699  -11.903 -2.446  1.00 67.60  ? 114 ASN A CA    1 
ATOM   786  C C     . ASN A 1 114 ? 18.621  -12.123 -0.938  1.00 67.60  ? 114 ASN A C     1 
ATOM   787  O O     . ASN A 1 114 ? 17.592  -11.856 -0.317  1.00 105.95 ? 114 ASN A O     1 
ATOM   788  C CB    . ASN A 1 114 ? 19.718  -10.804 -2.786  1.00 57.99  ? 114 ASN A CB    1 
ATOM   789  C CG    . ASN A 1 114 ? 20.048  -9.912  -1.597  1.00 57.99  ? 114 ASN A CG    1 
ATOM   790  O OD1   . ASN A 1 114 ? 20.657  -10.358 -0.619  1.00 57.99  ? 114 ASN A OD1   1 
ATOM   791  N ND2   . ASN A 1 114 ? 19.656  -8.645  -1.680  1.00 57.99  ? 114 ASN A ND2   1 
ATOM   792  N N     . ASP A 1 115 ? 19.707  -12.612 -0.356  1.00 96.65  ? 115 ASP A N     1 
ATOM   793  C CA    . ASP A 1 115 ? 19.760  -12.873 1.077   1.00 96.65  ? 115 ASP A CA    1 
ATOM   794  C C     . ASP A 1 115 ? 19.235  -11.682 1.873   1.00 96.65  ? 115 ASP A C     1 
ATOM   795  O O     . ASP A 1 115 ? 18.167  -11.757 2.488   1.00 96.65  ? 115 ASP A O     1 
ATOM   796  C CB    . ASP A 1 115 ? 21.190  -13.206 1.510   1.00 96.65  ? 115 ASP A CB    1 
ATOM   797  C CG    . ASP A 1 115 ? 21.635  -14.577 1.042   1.00 0.00   ? 115 ASP A CG    1 
ATOM   798  O OD1   . ASP A 1 115 ? 20.773  -15.364 0.599   1.00 0.00   ? 115 ASP A OD1   1 
ATOM   799  O OD2   . ASP A 1 115 ? 22.826  -14.953 1.079   1.00 0.00   ? 115 ASP A OD2   1 
ATOM   800  N N     . ALA A 1 116 ? 19.985  -10.581 1.856   1.00 86.11  ? 116 ALA A N     1 
ATOM   801  C CA    . ALA A 1 116 ? 19.628  -9.358  2.580   1.00 86.11  ? 116 ALA A CA    1 
ATOM   802  C C     . ALA A 1 116 ? 18.164  -8.958  2.416   1.00 86.11  ? 116 ALA A C     1 
ATOM   803  O O     . ALA A 1 116 ? 17.429  -8.825  3.398   1.00 86.11  ? 116 ALA A O     1 
ATOM   804  C CB    . ALA A 1 116 ? 20.528  -8.209  2.131   1.00 37.09  ? 116 ALA A CB    1 
ATOM   805  N N     . GLY A 1 117 ? 17.749  -8.756  1.172   1.00 77.88  ? 117 GLY A N     1 
ATOM   806  C CA    . GLY A 1 117 ? 16.379  -8.372  0.905   1.00 77.88  ? 117 GLY A CA    1 
ATOM   807  C C     . GLY A 1 117 ? 16.134  -8.249  -0.586  1.00 77.88  ? 117 GLY A C     1 
ATOM   808  O O     . GLY A 1 117 ? 16.888  -8.795  -1.387  1.00 77.88  ? 117 GLY A O     1 
ATOM   809  N N     . PHE A 1 118 ? 15.088  -7.521  -0.960  1.00 38.34  ? 118 PHE A N     1 
ATOM   810  C CA    . PHE A 1 118 ? 14.755  -7.341  -2.367  1.00 38.34  ? 118 PHE A CA    1 
ATOM   811  C C     . PHE A 1 118 ? 15.072  -5.940  -2.872  1.00 38.34  ? 118 PHE A C     1 
ATOM   812  O O     . PHE A 1 118 ? 14.736  -4.944  -2.229  1.00 56.35  ? 118 PHE A O     1 
ATOM   813  C CB    . PHE A 1 118 ? 13.261  -7.601  -2.610  1.00 50.30  ? 118 PHE A CB    1 
ATOM   814  C CG    . PHE A 1 118 ? 12.764  -8.906  -2.071  1.00 50.30  ? 118 PHE A CG    1 
ATOM   815  C CD1   . PHE A 1 118 ? 12.628  -9.101  -0.704  1.00 50.30  ? 118 PHE A CD1   1 
ATOM   816  C CD2   . PHE A 1 118 ? 12.454  -9.952  -2.932  1.00 50.30  ? 118 PHE A CD2   1 
ATOM   817  C CE1   . PHE A 1 118 ? 12.183  -10.322 -0.196  1.00 50.30  ? 118 PHE A CE1   1 
ATOM   818  C CE2   . PHE A 1 118 ? 12.009  -11.180 -2.443  1.00 50.30  ? 118 PHE A CE2   1 
ATOM   819  C CZ    . PHE A 1 118 ? 11.877  -11.365 -1.067  1.00 50.30  ? 118 PHE A CZ    1 
ATOM   820  N N     . SER A 1 119 ? 15.848  -5.847  -3.936  1.00 37.45  ? 119 SER A N     1 
ATOM   821  C CA    . SER A 1 119 ? 16.017  -4.580  -4.636  1.00 37.45  ? 119 SER A CA    1 
ATOM   822  C C     . SER A 1 119 ? 14.934  -4.385  -5.694  1.00 37.45  ? 119 SER A C     1 
ATOM   823  O O     . SER A 1 119 ? 14.834  -5.309  -6.592  1.00 37.45  ? 119 SER A O     1 
ATOM   824  C CB    . SER A 1 119 ? 17.402  -4.503  -5.282  1.00 37.45  ? 119 SER A CB    1 
ATOM   825  O OG    . SER A 1 119 ? 17.542  -5.477  -6.303  1.00 0.00   ? 119 SER A OG    1 
ATOM   826  N N     . VAL A 1 120 ? 13.942  -3.604  -5.436  1.00 28.14  ? 120 VAL A N     1 
ATOM   827  C CA    . VAL A 1 120 ? 12.803  -3.468  -6.325  1.00 28.14  ? 120 VAL A CA    1 
ATOM   828  C C     . VAL A 1 120 ? 12.955  -2.206  -7.162  1.00 28.14  ? 120 VAL A C     1 
ATOM   829  O O     . VAL A 1 120 ? 13.269  -1.144  -6.632  1.00 24.60  ? 120 VAL A O     1 
ATOM   830  C CB    . VAL A 1 120 ? 11.478  -3.385  -5.522  1.00 31.46  ? 120 VAL A CB    1 
ATOM   831  C CG1   . VAL A 1 120 ? 10.288  -3.363  -6.467  1.00 31.46  ? 120 VAL A CG1   1 
ATOM   832  C CG2   . VAL A 1 120 ? 11.382  -4.564  -4.571  1.00 31.46  ? 120 VAL A CG2   1 
ATOM   833  N N     . LEU A 1 121 ? 12.758  -2.333  -8.468  1.00 34.15  ? 121 LEU A N     1 
ATOM   834  C CA    . LEU A 1 121 ? 12.853  -1.197  -9.366  1.00 34.15  ? 121 LEU A CA    1 
ATOM   835  C C     . LEU A 1 121 ? 11.436  -0.846  -9.788  1.00 34.15  ? 121 LEU A C     1 
ATOM   836  O O     . LEU A 1 121 ? 10.657  -1.726  -10.146 1.00 43.10  ? 121 LEU A O     1 
ATOM   837  C CB    . LEU A 1 121 ? 13.708  -1.549  -10.590 1.00 38.55  ? 121 LEU A CB    1 
ATOM   838  C CG    . LEU A 1 121 ? 15.180  -1.871  -10.314 1.00 38.55  ? 121 LEU A CG    1 
ATOM   839  C CD1   . LEU A 1 121 ? 15.890  -2.210  -11.610 1.00 38.55  ? 121 LEU A CD1   1 
ATOM   840  C CD2   . LEU A 1 121 ? 15.847  -0.685  -9.642  1.00 38.55  ? 121 LEU A CD2   1 
ATOM   841  N N     . ILE A 1 122 ? 11.100  0.436   -9.728  1.00 25.59  ? 122 ILE A N     1 
ATOM   842  C CA    . ILE A 1 122 ? 9.771   0.892   -10.095 1.00 25.59  ? 122 ILE A CA    1 
ATOM   843  C C     . ILE A 1 122 ? 9.860   2.007   -11.119 1.00 25.59  ? 122 ILE A C     1 
ATOM   844  O O     . ILE A 1 122 ? 10.617  2.950   -10.942 1.00 32.49  ? 122 ILE A O     1 
ATOM   845  C CB    . ILE A 1 122 ? 8.996   1.429   -8.870  1.00 30.50  ? 122 ILE A CB    1 
ATOM   846  C CG1   . ILE A 1 122 ? 8.782   0.313   -7.843  1.00 30.50  ? 122 ILE A CG1   1 
ATOM   847  C CG2   . ILE A 1 122 ? 7.653   2.006   -9.321  1.00 30.50  ? 122 ILE A CG2   1 
ATOM   848  C CD1   . ILE A 1 122 ? 7.999   0.747   -6.618  1.00 30.50  ? 122 ILE A CD1   1 
ATOM   849  N N     . ASP A 1 123 ? 9.075   1.899   -12.183 1.00 37.48  ? 123 ASP A N     1 
ATOM   850  C CA    . ASP A 1 123 ? 9.072   2.909   -13.228 1.00 37.48  ? 123 ASP A CA    1 
ATOM   851  C C     . ASP A 1 123 ? 8.019   3.963   -12.904 1.00 37.48  ? 123 ASP A C     1 
ATOM   852  O O     . ASP A 1 123 ? 6.827   3.764   -13.138 1.00 43.66  ? 123 ASP A O     1 
ATOM   853  C CB    . ASP A 1 123 ? 8.796   2.259   -14.588 1.00 48.37  ? 123 ASP A CB    1 
ATOM   854  C CG    . ASP A 1 123 ? 8.967   3.224   -15.743 1.00 48.37  ? 123 ASP A CG    1 
ATOM   855  O OD1   . ASP A 1 123 ? 9.631   4.267   -15.566 1.00 48.37  ? 123 ASP A OD1   1 
ATOM   856  O OD2   . ASP A 1 123 ? 8.445   2.931   -16.835 1.00 48.37  ? 123 ASP A OD2   1 
ATOM   857  N N     . ILE A 1 124 ? 8.476   5.086   -12.358 1.00 40.20  ? 124 ILE A N     1 
ATOM   858  C CA    . ILE A 1 124 ? 7.604   6.193   -11.972 1.00 40.20  ? 124 ILE A CA    1 
ATOM   859  C C     . ILE A 1 124 ? 7.259   7.129   -13.129 1.00 40.20  ? 124 ILE A C     1 
ATOM   860  O O     . ILE A 1 124 ? 8.132   7.808   -13.673 1.00 52.25  ? 124 ILE A O     1 
ATOM   861  C CB    . ILE A 1 124 ? 8.264   7.038   -10.866 1.00 22.64  ? 124 ILE A CB    1 
ATOM   862  C CG1   . ILE A 1 124 ? 8.651   6.145   -9.683  1.00 22.64  ? 124 ILE A CG1   1 
ATOM   863  C CG2   . ILE A 1 124 ? 7.325   8.158   -10.444 1.00 22.64  ? 124 ILE A CG2   1 
ATOM   864  C CD1   . ILE A 1 124 ? 7.477   5.485   -9.001  1.00 22.64  ? 124 ILE A CD1   1 
ATOM   865  N N     . PRO A 1 125 ? 5.976   7.179   -13.519 1.00 39.23  ? 125 PRO A N     1 
ATOM   866  C CA    . PRO A 1 125 ? 5.602   8.068   -14.622 1.00 39.23  ? 125 PRO A CA    1 
ATOM   867  C C     . PRO A 1 125 ? 5.613   9.548   -14.239 1.00 39.23  ? 125 PRO A C     1 
ATOM   868  O O     . PRO A 1 125 ? 5.338   9.914   -13.096 1.00 52.32  ? 125 PRO A O     1 
ATOM   869  C CB    . PRO A 1 125 ? 4.220   7.559   -15.016 1.00 30.42  ? 125 PRO A CB    1 
ATOM   870  C CG    . PRO A 1 125 ? 3.678   7.001   -13.744 1.00 30.42  ? 125 PRO A CG    1 
ATOM   871  C CD    . PRO A 1 125 ? 4.862   6.284   -13.160 1.00 30.42  ? 125 PRO A CD    1 
ATOM   872  N N     . LYS A 1 126 ? 5.965   10.400  -15.211 1.00 44.25  ? 126 LYS A N     1 
ATOM   873  C CA    . LYS A 1 126 ? 6.004   11.839  -14.985 1.00 44.25  ? 126 LYS A CA    1 
ATOM   874  C C     . LYS A 1 126 ? 4.651   12.359  -14.508 1.00 44.25  ? 126 LYS A C     1 
ATOM   875  O O     . LYS A 1 126 ? 4.534   13.427  -13.945 1.00 44.25  ? 126 LYS A O     1 
ATOM   876  C CB    . LYS A 1 126 ? 6.427   12.569  -16.261 1.00 44.25  ? 126 LYS A CB    1 
ATOM   877  C CG    . LYS A 1 126 ? 7.864   12.304  -16.681 1.00 0.00   ? 126 LYS A CG    1 
ATOM   878  C CD    . LYS A 1 126 ? 8.222   13.070  -17.943 1.00 0.00   ? 126 LYS A CD    1 
ATOM   879  C CE    . LYS A 1 126 ? 9.653   12.794  -18.371 1.00 0.00   ? 126 LYS A CE    1 
ATOM   880  N NZ    . LYS A 1 126 ? 10.013  13.530  -19.615 1.00 0.00   ? 126 LYS A NZ    1 
ATOM   881  N N     . GLY A 1 127 ? 3.613   11.537  -14.742 1.00 40.85  ? 127 GLY A N     1 
ATOM   882  C CA    . GLY A 1 127 ? 2.283   11.915  -14.307 1.00 40.85  ? 127 GLY A CA    1 
ATOM   883  C C     . GLY A 1 127 ? 2.208   12.015  -12.792 1.00 40.85  ? 127 GLY A C     1 
ATOM   884  O O     . GLY A 1 127 ? 1.381   12.752  -12.253 1.00 60.79  ? 127 GLY A O     1 
ATOM   885  N N     . LEU A 1 128 ? 3.082   11.278  -12.106 1.00 41.90  ? 128 LEU A N     1 
ATOM   886  C CA    . LEU A 1 128 ? 3.124   11.275  -10.647 1.00 41.90  ? 128 LEU A CA    1 
ATOM   887  C C     . LEU A 1 128 ? 4.104   12.298  -10.093 1.00 41.90  ? 128 LEU A C     1 
ATOM   888  O O     . LEU A 1 128 ? 3.793   13.019  -9.148  1.00 82.20  ? 128 LEU A O     1 
ATOM   889  C CB    . LEU A 1 128 ? 3.512   9.885   -10.129 1.00 38.69  ? 128 LEU A CB    1 
ATOM   890  C CG    . LEU A 1 128 ? 2.549   8.761   -10.494 1.00 38.69  ? 128 LEU A CG    1 
ATOM   891  C CD1   . LEU A 1 128 ? 3.020   7.454   -9.874  1.00 38.69  ? 128 LEU A CD1   1 
ATOM   892  C CD2   . LEU A 1 128 ? 1.158   9.123   -9.997  1.00 38.69  ? 128 LEU A CD2   1 
ATOM   893  N N     . ALA A 1 129 ? 5.294   12.344  -10.682 1.00 60.79  ? 129 ALA A N     1 
ATOM   894  C CA    . ALA A 1 129 ? 6.330   13.274  -10.258 1.00 60.79  ? 129 ALA A CA    1 
ATOM   895  C C     . ALA A 1 129 ? 7.528   13.157  -11.185 1.00 60.79  ? 129 ALA A C     1 
ATOM   896  O O     . ALA A 1 129 ? 7.956   12.049  -11.526 1.00 60.79  ? 129 ALA A O     1 
ATOM   897  C CB    . ALA A 1 129 ? 6.750   12.980  -8.823  1.00 44.45  ? 129 ALA A CB    1 
ATOM   898  N N     . GLU A 1 130 ? 8.061   14.297  -11.604 1.00 72.09  ? 130 GLU A N     1 
ATOM   899  C CA    . GLU A 1 130 ? 9.221   14.318  -12.486 1.00 72.09  ? 130 GLU A CA    1 
ATOM   900  C C     . GLU A 1 130 ? 10.468  14.789  -11.748 1.00 72.09  ? 130 GLU A C     1 
ATOM   901  O O     . GLU A 1 130 ? 11.580  14.564  -12.184 1.00 72.09  ? 130 GLU A O     1 
ATOM   902  C CB    . GLU A 1 130 ? 8.955   15.214  -13.697 1.00 72.09  ? 130 GLU A CB    1 
ATOM   903  C CG    . GLU A 1 130 ? 10.090  15.246  -14.708 1.00 0.00   ? 130 GLU A CG    1 
ATOM   904  C CD    . GLU A 1 130 ? 9.769   16.105  -15.917 1.00 0.00   ? 130 GLU A CD    1 
ATOM   905  O OE1   . GLU A 1 130 ? 8.658   16.672  -15.966 1.00 0.00   ? 130 GLU A OE1   1 
ATOM   906  O OE2   . GLU A 1 130 ? 10.628  16.210  -16.818 1.00 0.00   ? 130 GLU A OE2   1 
ATOM   907  N N     . ASN A 1 131 ? 10.240  15.394  -10.573 1.00 96.93  ? 131 ASN A N     1 
ATOM   908  C CA    . ASN A 1 131 ? 11.332  15.964  -9.792  1.00 96.93  ? 131 ASN A CA    1 
ATOM   909  C C     . ASN A 1 131 ? 11.767  15.046  -8.655  1.00 96.93  ? 131 ASN A C     1 
ATOM   910  O O     . ASN A 1 131 ? 11.875  15.519  -7.491  1.00 96.93  ? 131 ASN A O     1 
ATOM   911  C CB    . ASN A 1 131 ? 10.939  17.335  -9.238  1.00 96.93  ? 131 ASN A CB    1 
ATOM   912  C CG    . ASN A 1 131 ? 10.844  18.394  -10.320 1.00 0.00   ? 131 ASN A CG    1 
ATOM   913  O OD1   . ASN A 1 131 ? 11.452  18.269  -11.383 1.00 0.00   ? 131 ASN A OD1   1 
ATOM   914  N ND2   . ASN A 1 131 ? 10.078  19.446  -10.052 1.00 0.00   ? 131 ASN A ND2   1 
ATOM   915  N N     . LEU A 1 132 ? 12.126  13.812  -8.928  1.00 67.20  ? 132 LEU A N     1 
ATOM   916  C CA    . LEU A 1 132 ? 12.596  12.889  -7.892  1.00 67.20  ? 132 LEU A CA    1 
ATOM   917  C C     . LEU A 1 132 ? 14.117  12.856  -7.819  1.00 67.20  ? 132 LEU A C     1 
ATOM   918  O O     . LEU A 1 132 ? 14.801  12.821  -8.841  1.00 112.20 ? 132 LEU A O     1 
ATOM   919  C CB    . LEU A 1 132 ? 12.072  11.467  -8.138  1.00 37.53  ? 132 LEU A CB    1 
ATOM   920  C CG    . LEU A 1 132 ? 10.651  11.112  -7.688  1.00 37.53  ? 132 LEU A CG    1 
ATOM   921  C CD1   . LEU A 1 132 ? 10.310  9.695   -8.145  1.00 37.53  ? 132 LEU A CD1   1 
ATOM   922  C CD2   . LEU A 1 132 ? 10.539  11.221  -6.172  1.00 37.53  ? 132 LEU A CD2   1 
ATOM   923  N N     . THR A 1 133 ? 14.644  12.882  -6.610  1.00 51.51  ? 133 THR A N     1 
ATOM   924  C CA    . THR A 1 133 ? 16.082  12.834  -6.374  1.00 51.51  ? 133 THR A CA    1 
ATOM   925  C C     . THR A 1 133 ? 16.446  11.699  -5.422  1.00 51.51  ? 133 THR A C     1 
ATOM   926  O O     . THR A 1 133 ? 15.637  11.373  -4.531  1.00 51.51  ? 133 THR A O     1 
ATOM   927  C CB    . THR A 1 133 ? 16.582  14.177  -5.811  1.00 51.51  ? 133 THR A CB    1 
ATOM   928  O OG1   . THR A 1 133 ? 17.966  14.066  -5.463  1.00 0.00   ? 133 THR A OG1   1 
ATOM   929  C CG2   . THR A 1 133 ? 15.910  14.481  -4.480  1.00 0.00   ? 133 THR A CG2   1 
ATOM   930  N N     . VAL A 1 134 ? 17.592  11.064  -5.642  1.00 41.56  ? 134 VAL A N     1 
ATOM   931  C CA    . VAL A 1 134 ? 18.005  9.993   -4.745  1.00 41.56  ? 134 VAL A CA    1 
ATOM   932  C C     . VAL A 1 134 ? 18.054  10.474  -3.299  1.00 41.56  ? 134 VAL A C     1 
ATOM   933  O O     . VAL A 1 134 ? 18.177  11.700  -3.079  1.00 41.56  ? 134 VAL A O     1 
ATOM   934  C CB    . VAL A 1 134 ? 19.385  9.431   -5.135  1.00 41.56  ? 134 VAL A CB    1 
ATOM   935  C CG1   . VAL A 1 134 ? 19.839  8.387   -4.127  1.00 0.00   ? 134 VAL A CG1   1 
ATOM   936  C CG2   . VAL A 1 134 ? 19.343  8.845   -6.539  1.00 0.00   ? 134 VAL A CG2   1 
ATOM   937  N N     . LYS A 1 135 ? 17.899  9.597   -2.347  1.00 69.49  ? 135 LYS A N     1 
ATOM   938  C CA    . LYS A 1 135 ? 17.916  9.933   -0.929  1.00 69.49  ? 135 LYS A CA    1 
ATOM   939  C C     . LYS A 1 135 ? 16.568  10.488  -0.478  1.00 69.49  ? 135 LYS A C     1 
ATOM   940  O O     . LYS A 1 135 ? 16.389  10.780  0.717   1.00 69.49  ? 135 LYS A O     1 
ATOM   941  C CB    . LYS A 1 135 ? 19.026  10.943  -0.631  1.00 69.49  ? 135 LYS A CB    1 
ATOM   942  C CG    . LYS A 1 135 ? 20.432  10.394  -0.815  1.00 0.00   ? 135 LYS A CG    1 
ATOM   943  C CD    . LYS A 1 135 ? 21.482  11.442  -0.488  1.00 0.00   ? 135 LYS A CD    1 
ATOM   944  C CE    . LYS A 1 135 ? 22.887  10.897  -0.686  1.00 0.00   ? 135 LYS A CE    1 
ATOM   945  N NZ    . LYS A 1 135 ? 23.926  11.918  -0.381  1.00 0.00   ? 135 LYS A NZ    1 
ATOM   946  N N     . ASP A 1 136 ? 15.626  10.648  -1.393  1.00 41.42  ? 136 ASP A N     1 
ATOM   947  C CA    . ASP A 1 136 ? 14.293  11.142  -1.056  1.00 41.42  ? 136 ASP A CA    1 
ATOM   948  C C     . ASP A 1 136 ? 13.435  9.974   -0.602  1.00 41.42  ? 136 ASP A C     1 
ATOM   949  O O     . ASP A 1 136 ? 13.694  8.824   -0.969  1.00 41.42  ? 136 ASP A O     1 
ATOM   950  C CB    . ASP A 1 136 ? 13.605  11.786  -2.260  1.00 59.43  ? 136 ASP A CB    1 
ATOM   951  C CG    . ASP A 1 136 ? 14.206  13.117  -2.639  1.00 59.43  ? 136 ASP A CG    1 
ATOM   952  O OD1   . ASP A 1 136 ? 13.532  13.877  -3.365  1.00 59.43  ? 136 ASP A OD1   1 
ATOM   953  O OD2   . ASP A 1 136 ? 15.349  13.400  -2.220  1.00 59.43  ? 136 ASP A OD2   1 
ATOM   954  N N     . ASP A 1 137 ? 12.411  10.269  0.192   1.00 30.21  ? 137 ASP A N     1 
ATOM   955  C CA    . ASP A 1 137 ? 11.511  9.240   0.685   1.00 30.21  ? 137 ASP A CA    1 
ATOM   956  C C     . ASP A 1 137 ? 10.288  9.170   -0.208  1.00 30.21  ? 137 ASP A C     1 
ATOM   957  O O     . ASP A 1 137 ? 9.878   10.170  -0.805  1.00 30.21  ? 137 ASP A O     1 
ATOM   958  C CB    . ASP A 1 137 ? 11.070  9.534   2.125   1.00 38.31  ? 137 ASP A CB    1 
ATOM   959  C CG    . ASP A 1 137 ? 12.216  9.480   3.106   1.00 38.31  ? 137 ASP A CG    1 
ATOM   960  O OD1   . ASP A 1 137 ? 13.041  8.543   3.016   1.00 38.31  ? 137 ASP A OD1   1 
ATOM   961  O OD2   . ASP A 1 137 ? 12.289  10.371  3.975   1.00 38.31  ? 137 ASP A OD2   1 
ATOM   962  N N     . ILE A 1 138 ? 9.699   7.986   -0.282  1.00 34.76  ? 138 ILE A N     1 
ATOM   963  C CA    . ILE A 1 138 ? 8.522   7.788   -1.098  1.00 34.76  ? 138 ILE A CA    1 
ATOM   964  C C     . ILE A 1 138 ? 7.707   6.630   -0.539  1.00 34.76  ? 138 ILE A C     1 
ATOM   965  O O     . ILE A 1 138 ? 8.260   5.665   -0.011  1.00 34.76  ? 138 ILE A O     1 
ATOM   966  C CB    . ILE A 1 138 ? 8.931   7.510   -2.561  1.00 17.43  ? 138 ILE A CB    1 
ATOM   967  C CG1   . ILE A 1 138 ? 7.716   7.628   -3.485  1.00 17.43  ? 138 ILE A CG1   1 
ATOM   968  C CG2   . ILE A 1 138 ? 9.583   6.143   -2.667  1.00 17.43  ? 138 ILE A CG2   1 
ATOM   969  C CD1   . ILE A 1 138 ? 8.076   7.641   -4.956  1.00 17.43  ? 138 ILE A CD1   1 
ATOM   970  N N     . GLY A 1 139 ? 6.387   6.744   -0.641  1.00 20.04  ? 139 GLY A N     1 
ATOM   971  C CA    . GLY A 1 139 ? 5.514   5.701   -0.143  1.00 20.04  ? 139 GLY A CA    1 
ATOM   972  C C     . GLY A 1 139 ? 5.030   4.765   -1.233  1.00 20.04  ? 139 GLY A C     1 
ATOM   973  O O     . GLY A 1 139 ? 4.496   5.205   -2.258  1.00 20.04  ? 139 GLY A O     1 
ATOM   974  N N     . ILE A 1 140 ? 5.243   3.469   -1.013  1.00 19.57  ? 140 ILE A N     1 
ATOM   975  C CA    . ILE A 1 140 ? 4.814   2.426   -1.935  1.00 19.57  ? 140 ILE A CA    1 
ATOM   976  C C     . ILE A 1 140 ? 3.960   1.430   -1.136  1.00 19.57  ? 140 ILE A C     1 
ATOM   977  O O     . ILE A 1 140 ? 4.472   0.666   -0.314  1.00 19.57  ? 140 ILE A O     1 
ATOM   978  C CB    . ILE A 1 140 ? 6.031   1.689   -2.580  1.00 25.47  ? 140 ILE A CB    1 
ATOM   979  C CG1   . ILE A 1 140 ? 6.569   2.480   -3.773  1.00 25.47  ? 140 ILE A CG1   1 
ATOM   980  C CG2   . ILE A 1 140 ? 5.608   0.321   -3.115  1.00 25.47  ? 140 ILE A CG2   1 
ATOM   981  C CD1   . ILE A 1 140 ? 7.110   3.825   -3.441  1.00 25.47  ? 140 ILE A CD1   1 
ATOM   982  N N     . ASP A 1 141 ? 2.653   1.463   -1.373  1.00 23.72  ? 141 ASP A N     1 
ATOM   983  C CA    . ASP A 1 141 ? 1.712   0.582   -0.684  1.00 23.72  ? 141 ASP A CA    1 
ATOM   984  C C     . ASP A 1 141 ? 1.700   0.751   0.836   1.00 23.72  ? 141 ASP A C     1 
ATOM   985  O O     . ASP A 1 141 ? 1.379   -0.183  1.569   1.00 23.72  ? 141 ASP A O     1 
ATOM   986  C CB    . ASP A 1 141 ? 1.993   -0.885  -1.036  1.00 23.00  ? 141 ASP A CB    1 
ATOM   987  C CG    . ASP A 1 141 ? 1.514   -1.250  -2.424  1.00 23.00  ? 141 ASP A CG    1 
ATOM   988  O OD1   . ASP A 1 141 ? 0.831   -0.408  -3.053  1.00 23.00  ? 141 ASP A OD1   1 
ATOM   989  O OD2   . ASP A 1 141 ? 1.810   -2.373  -2.881  1.00 23.00  ? 141 ASP A OD2   1 
ATOM   990  N N     . GLY A 1 142 ? 2.042   1.951   1.302   1.00 16.79  ? 142 GLY A N     1 
ATOM   991  C CA    . GLY A 1 142 ? 2.056   2.206   2.729   1.00 16.79  ? 142 GLY A CA    1 
ATOM   992  C C     . GLY A 1 142 ? 3.428   2.126   3.366   1.00 16.79  ? 142 GLY A C     1 
ATOM   993  O O     . GLY A 1 142 ? 3.584   2.467   4.539   1.00 16.79  ? 142 GLY A O     1 
ATOM   994  N N     . ILE A 1 143 ? 4.425   1.670   2.614   1.00 25.69  ? 143 ILE A N     1 
ATOM   995  C CA    . ILE A 1 143 ? 5.771   1.580   3.165   1.00 25.69  ? 143 ILE A CA    1 
ATOM   996  C C     . ILE A 1 143 ? 6.615   2.756   2.703   1.00 25.69  ? 143 ILE A C     1 
ATOM   997  O O     . ILE A 1 143 ? 6.866   2.925   1.509   1.00 25.69  ? 143 ILE A O     1 
ATOM   998  C CB    . ILE A 1 143 ? 6.492   0.287   2.737   1.00 10.98  ? 143 ILE A CB    1 
ATOM   999  C CG1   . ILE A 1 143 ? 5.639   -0.942  3.077   1.00 10.98  ? 143 ILE A CG1   1 
ATOM   1000 C CG2   . ILE A 1 143 ? 7.851   0.202   3.451   1.00 10.98  ? 143 ILE A CG2   1 
ATOM   1001 C CD1   . ILE A 1 143 ? 6.189   -2.249  2.518   1.00 10.98  ? 143 ILE A CD1   1 
ATOM   1002 N N     . SER A 1 144 ? 7.048   3.572   3.655   1.00 19.07  ? 144 SER A N     1 
ATOM   1003 C CA    . SER A 1 144 ? 7.890   4.723   3.339   1.00 19.07  ? 144 SER A CA    1 
ATOM   1004 C C     . SER A 1 144 ? 9.324   4.230   3.203   1.00 19.07  ? 144 SER A C     1 
ATOM   1005 O O     . SER A 1 144 ? 9.878   3.658   4.142   1.00 19.07  ? 144 SER A O     1 
ATOM   1006 C CB    . SER A 1 144 ? 7.795   5.766   4.457   1.00 19.01  ? 144 SER A CB    1 
ATOM   1007 O OG    . SER A 1 144 ? 8.691   6.844   4.233   1.00 19.01  ? 144 SER A OG    1 
ATOM   1008 N N     . LEU A 1 145 ? 9.914   4.441   2.030   1.00 24.99  ? 145 LEU A N     1 
ATOM   1009 C CA    . LEU A 1 145 ? 11.293  4.022   1.770   1.00 24.99  ? 145 LEU A CA    1 
ATOM   1010 C C     . LEU A 1 145 ? 12.112  5.099   1.057   1.00 24.99  ? 145 LEU A C     1 
ATOM   1011 O O     . LEU A 1 145 ? 11.569  5.935   0.322   1.00 24.99  ? 145 LEU A O     1 
ATOM   1012 C CB    . LEU A 1 145 ? 11.311  2.737   0.934   1.00 28.68  ? 145 LEU A CB    1 
ATOM   1013 C CG    . LEU A 1 145 ? 10.826  1.419   1.565   1.00 28.68  ? 145 LEU A CG    1 
ATOM   1014 C CD1   . LEU A 1 145 ? 10.846  0.325   0.514   1.00 28.68  ? 145 LEU A CD1   1 
ATOM   1015 C CD2   . LEU A 1 145 ? 11.720  1.035   2.750   1.00 28.68  ? 145 LEU A CD2   1 
ATOM   1016 N N     . PRO A 1 146 ? 13.436  5.095   1.266   1.00 37.43  ? 146 PRO A N     1 
ATOM   1017 C CA    . PRO A 1 146 ? 14.314  6.080   0.631   1.00 37.43  ? 146 PRO A CA    1 
ATOM   1018 C C     . PRO A 1 146 ? 14.680  5.586   -0.765  1.00 37.43  ? 146 PRO A C     1 
ATOM   1019 O O     . PRO A 1 146 ? 14.881  4.388   -0.962  1.00 37.43  ? 146 PRO A O     1 
ATOM   1020 C CB    . PRO A 1 146 ? 15.538  6.121   1.555   1.00 45.54  ? 146 PRO A CB    1 
ATOM   1021 C CG    . PRO A 1 146 ? 15.118  5.328   2.796   1.00 45.54  ? 146 PRO A CG    1 
ATOM   1022 C CD    . PRO A 1 146 ? 14.186  4.303   2.252   1.00 45.54  ? 146 PRO A CD    1 
ATOM   1023 N N     . ILE A 1 147 ? 14.752  6.493   -1.731  1.00 42.53  ? 147 ILE A N     1 
ATOM   1024 C CA    . ILE A 1 147 ? 15.119  6.101   -3.082  1.00 42.53  ? 147 ILE A CA    1 
ATOM   1025 C C     . ILE A 1 147 ? 16.627  5.901   -3.107  1.00 42.53  ? 147 ILE A C     1 
ATOM   1026 O O     . ILE A 1 147 ? 17.389  6.867   -3.115  1.00 42.53  ? 147 ILE A O     1 
ATOM   1027 C CB    . ILE A 1 147 ? 14.710  7.181   -4.108  1.00 27.90  ? 147 ILE A CB    1 
ATOM   1028 C CG1   . ILE A 1 147 ? 13.196  7.310   -4.140  1.00 27.90  ? 147 ILE A CG1   1 
ATOM   1029 C CG2   . ILE A 1 147 ? 15.242  6.797   -5.489  1.00 27.90  ? 147 ILE A CG2   1 
ATOM   1030 C CD1   . ILE A 1 147 ? 12.676  8.352   -5.100  1.00 27.90  ? 147 ILE A CD1   1 
ATOM   1031 N N     . THR A 1 148 ? 17.040  4.637   -3.099  1.00 39.36  ? 148 THR A N     1 
ATOM   1032 C CA    . THR A 1 148 ? 18.449  4.282   -3.104  1.00 39.36  ? 148 THR A CA    1 
ATOM   1033 C C     . THR A 1 148 ? 19.175  4.672   -4.390  1.00 39.36  ? 148 THR A C     1 
ATOM   1034 O O     . THR A 1 148 ? 20.377  4.956   -4.375  1.00 39.36  ? 148 THR A O     1 
ATOM   1035 C CB    . THR A 1 148 ? 18.632  2.782   -2.894  1.00 35.94  ? 148 THR A CB    1 
ATOM   1036 O OG1   . THR A 1 148 ? 18.847  2.507   -1.502  1.00 35.94  ? 148 THR A OG1   1 
ATOM   1037 C CG2   . THR A 1 148 ? 19.815  2.238   -3.696  1.00 35.94  ? 148 THR A CG2   1 
ATOM   1038 N N     . ASP A 1 149 ? 18.452  4.682   -5.503  1.00 35.24  ? 149 ASP A N     1 
ATOM   1039 C CA    . ASP A 1 149 ? 19.054  5.013   -6.787  1.00 35.24  ? 149 ASP A CA    1 
ATOM   1040 C C     . ASP A 1 149 ? 17.981  5.414   -7.796  1.00 35.24  ? 149 ASP A C     1 
ATOM   1041 O O     . ASP A 1 149 ? 16.804  5.079   -7.640  1.00 35.24  ? 149 ASP A O     1 
ATOM   1042 C CB    . ASP A 1 149 ? 19.844  3.801   -7.288  1.00 77.51  ? 149 ASP A CB    1 
ATOM   1043 C CG    . ASP A 1 149 ? 20.540  4.054   -8.608  1.00 77.51  ? 149 ASP A CG    1 
ATOM   1044 O OD1   . ASP A 1 149 ? 21.305  5.038   -8.709  1.00 77.51  ? 149 ASP A OD1   1 
ATOM   1045 O OD2   . ASP A 1 149 ? 20.330  3.258   -9.545  1.00 77.51  ? 149 ASP A OD2   1 
ATOM   1046 N N     . MET A 1 150 ? 18.391  6.151   -8.823  1.00 43.71  ? 150 MET A N     1 
ATOM   1047 C CA    . MET A 1 150 ? 17.453  6.592   -9.854  1.00 43.71  ? 150 MET A CA    1 
ATOM   1048 C C     . MET A 1 150 ? 18.110  6.868   -11.204 1.00 43.71  ? 150 MET A C     1 
ATOM   1049 O O     . MET A 1 150 ? 19.224  7.410   -11.254 1.00 43.71  ? 150 MET A O     1 
ATOM   1050 C CB    . MET A 1 150 ? 16.714  7.845   -9.379  1.00 60.12  ? 150 MET A CB    1 
ATOM   1051 C CG    . MET A 1 150 ? 15.796  8.425   -10.438 1.00 60.12  ? 150 MET A CG    1 
ATOM   1052 S SD    . MET A 1 150 ? 15.160  10.056  -9.999  1.00 60.12  ? 150 MET A SD    1 
ATOM   1053 C CE    . MET A 1 150 ? 16.487  11.097  -10.597 1.00 60.12  ? 150 MET A CE    1 
ATOM   1054 N N     . SER A 1 151 ? 17.438  6.492   -12.284 1.00 40.10  ? 151 SER A N     1 
ATOM   1055 C CA    . SER A 1 151 ? 17.980  6.721   -13.612 1.00 40.10  ? 151 SER A CA    1 
ATOM   1056 C C     . SER A 1 151 ? 16.742  7.097   -14.515 1.00 40.10  ? 151 SER A C     1 
ATOM   1057 O O     . SER A 1 151 ? 15.977  6.224   -14.888 1.00 51.50  ? 151 SER A O     1 
ATOM   1058 C CB    . SER A 1 151 ? 18.549  5.424   -14.178 1.00 48.71  ? 151 SER A CB    1 
ATOM   1059 O OG    . SER A 1 151 ? 18.832  4.498   -13.154 1.00 48.71  ? 151 SER A OG    1 
ATOM   1060 N N     . ASP A 1 152 ? 16.631  8.390   -14.955 1.00 92.59  ? 152 ASP A N     1 
ATOM   1061 C CA    . ASP A 1 152 ? 15.379  8.664   -15.649 1.00 92.59  ? 152 ASP A CA    1 
ATOM   1062 C C     . ASP A 1 152 ? 14.178  8.256   -14.799 1.00 92.59  ? 152 ASP A C     1 
ATOM   1063 O O     . ASP A 1 152 ? 14.311  8.382   -13.559 1.00 92.59  ? 152 ASP A O     1 
ATOM   1064 C CB    . ASP A 1 152 ? 15.340  7.940   -16.995 1.00 92.59  ? 152 ASP A CB    1 
ATOM   1065 C CG    . ASP A 1 152 ? 16.272  8.560   -18.016 1.00 0.00   ? 152 ASP A CG    1 
ATOM   1066 O OD1   . ASP A 1 152 ? 16.763  9.682   -17.771 1.00 0.00   ? 152 ASP A OD1   1 
ATOM   1067 O OD2   . ASP A 1 152 ? 16.573  7.998   -19.092 1.00 0.00   ? 152 ASP A OD2   1 
ATOM   1068 N N     . SER A 1 153 ? 13.161  7.546   -15.223 1.00 92.59  ? 153 SER A N     1 
ATOM   1069 C CA    . SER A 1 153 ? 11.947  7.287   -14.458 1.00 92.59  ? 153 SER A CA    1 
ATOM   1070 C C     . SER A 1 153 ? 12.060  5.987   -13.667 1.00 92.59  ? 153 SER A C     1 
ATOM   1071 O O     . SER A 1 153 ? 10.881  5.572   -13.083 1.00 92.59  ? 153 SER A O     1 
ATOM   1072 C CB    . SER A 1 153 ? 10.729  7.236   -15.385 1.00 92.59  ? 153 SER A CB    1 
ATOM   1073 O OG    . SER A 1 153 ? 10.812  6.134   -16.272 1.00 0.00   ? 153 SER A OG    1 
ATOM   1074 N N     . ILE A 1 154 ? 13.067  5.315   -13.557 1.00 46.28  ? 154 ILE A N     1 
ATOM   1075 C CA    . ILE A 1 154 ? 13.173  4.100   -12.758 1.00 46.28  ? 154 ILE A CA    1 
ATOM   1076 C C     . ILE A 1 154 ? 13.869  4.372   -11.428 1.00 46.28  ? 154 ILE A C     1 
ATOM   1077 O O     . ILE A 1 154 ? 14.952  5.001   -11.403 1.00 46.28  ? 154 ILE A O     1 
ATOM   1078 C CB    . ILE A 1 154 ? 13.930  3.006   -13.536 1.00 46.28  ? 154 ILE A CB    1 
ATOM   1079 C CG1   . ILE A 1 154 ? 15.333  3.490   -13.907 1.00 0.00   ? 154 ILE A CG1   1 
ATOM   1080 C CG2   . ILE A 1 154 ? 13.154  2.604   -14.779 1.00 0.00   ? 154 ILE A CG2   1 
ATOM   1081 C CD1   . ILE A 1 154 ? 16.054  2.582   -14.878 1.00 0.00   ? 154 ILE A CD1   1 
ATOM   1082 N N     . ILE A 1 155 ? 13.220  4.116   -10.361 1.00 35.09  ? 155 ILE A N     1 
ATOM   1083 C CA    . ILE A 1 155 ? 13.803  4.333   -9.057  1.00 35.09  ? 155 ILE A CA    1 
ATOM   1084 C C     . ILE A 1 155 ? 14.083  3.014   -8.375  1.00 35.09  ? 155 ILE A C     1 
ATOM   1085 O O     . ILE A 1 155 ? 13.492  1.983   -8.719  1.00 35.09  ? 155 ILE A O     1 
ATOM   1086 C CB    . ILE A 1 155 ? 12.815  5.126   -8.078  1.00 18.97  ? 155 ILE A CB    1 
ATOM   1087 C CG1   . ILE A 1 155 ? 11.468  4.405   -7.967  1.00 18.97  ? 155 ILE A CG1   1 
ATOM   1088 C CG2   . ILE A 1 155 ? 12.634  6.558   -8.590  1.00 18.97  ? 155 ILE A CG2   1 
ATOM   1089 C CD1   . ILE A 1 155 ? 10.573  4.971   -6.891  1.00 18.97  ? 155 ILE A CD1   1 
ATOM   1090 N N     . THR A 1 156 ? 15.059  3.032   -7.485  1.00 17.45  ? 156 THR A N     1 
ATOM   1091 C CA    . THR A 1 156 ? 15.437  1.818   -6.817  1.00 17.45  ? 156 THR A CA    1 
ATOM   1092 C C     . THR A 1 156 ? 15.222  1.912   -5.301  1.00 17.45  ? 156 THR A C     1 
ATOM   1093 O O     . THR A 1 156 ? 15.650  2.894   -4.650  1.00 38.99  ? 156 THR A O     1 
ATOM   1094 C CB    . THR A 1 156 ? 16.951  1.436   -7.007  1.00 17.45  ? 156 THR A CB    1 
ATOM   1095 O OG1   . THR A 1 156 ? 17.276  1.523   -8.374  1.00 17.45  ? 156 THR A OG1   1 
ATOM   1096 C CG2   . THR A 1 156 ? 17.231  0.022   -6.561  1.00 17.45  ? 156 THR A CG2   1 
ATOM   1097 N N     . LEU A 1 157 ? 14.449  0.963   -4.756  1.00 24.51  ? 157 LEU A N     1 
ATOM   1098 C CA    . LEU A 1 157 ? 14.160  0.992   -3.310  1.00 24.51  ? 157 LEU A CA    1 
ATOM   1099 C C     . LEU A 1 157 ? 14.569  -0.420  -2.799  1.00 24.51  ? 157 LEU A C     1 
ATOM   1100 O O     . LEU A 1 157 ? 14.397  -1.450  -3.481  1.00 24.51  ? 157 LEU A O     1 
ATOM   1101 C CB    . LEU A 1 157 ? 12.696  1.218   -2.971  1.00 19.15  ? 157 LEU A CB    1 
ATOM   1102 C CG    . LEU A 1 157 ? 12.067  2.418   -3.700  1.00 19.15  ? 157 LEU A CG    1 
ATOM   1103 C CD1   . LEU A 1 157 ? 10.562  2.204   -3.758  1.00 19.15  ? 157 LEU A CD1   1 
ATOM   1104 C CD2   . LEU A 1 157 ? 12.410  3.715   -3.000  1.00 19.15  ? 157 LEU A CD2   1 
ATOM   1105 N N     . ASN A 1 158 ? 15.148  -0.472  -1.603  1.00 34.70  ? 158 ASN A N     1 
ATOM   1106 C CA    . ASN A 1 158 ? 15.579  -1.738  -1.008  1.00 34.70  ? 158 ASN A CA    1 
ATOM   1107 C C     . ASN A 1 158 ? 14.626  -2.163  0.109   1.00 34.70  ? 158 ASN A C     1 
ATOM   1108 O O     . ASN A 1 158 ? 14.321  -1.400  1.014   1.00 34.70  ? 158 ASN A O     1 
ATOM   1109 C CB    . ASN A 1 158 ? 17.008  -1.604  -0.461  1.00 48.13  ? 158 ASN A CB    1 
ATOM   1110 C CG    . ASN A 1 158 ? 18.018  -1.284  -1.548  1.00 48.13  ? 158 ASN A CG    1 
ATOM   1111 O OD1   . ASN A 1 158 ? 18.015  -1.907  -2.612  1.00 48.13  ? 158 ASN A OD1   1 
ATOM   1112 N ND2   . ASN A 1 158 ? 18.888  -0.318  -1.287  1.00 48.13  ? 158 ASN A ND2   1 
ATOM   1113 N N     . TYR A 1 159 ? 14.156  -3.395  0.025   1.00 31.95  ? 159 TYR A N     1 
ATOM   1114 C CA    . TYR A 1 159 ? 13.231  -3.936  1.005   1.00 31.95  ? 159 TYR A CA    1 
ATOM   1115 C C     . TYR A 1 159 ? 13.881  -4.957  1.929   1.00 31.95  ? 159 TYR A C     1 
ATOM   1116 O O     . TYR A 1 159 ? 14.376  -5.979  1.473   1.00 31.95  ? 159 TYR A O     1 
ATOM   1117 C CB    . TYR A 1 159 ? 12.059  -4.608  0.299   1.00 23.53  ? 159 TYR A CB    1 
ATOM   1118 C CG    . TYR A 1 159 ? 11.103  -3.658  -0.397  1.00 23.53  ? 159 TYR A CG    1 
ATOM   1119 C CD1   . TYR A 1 159 ? 11.499  -2.921  -1.517  1.00 23.53  ? 159 TYR A CD1   1 
ATOM   1120 C CD2   . TYR A 1 159 ? 9.786   -3.518  0.052   1.00 23.53  ? 159 TYR A CD2   1 
ATOM   1121 C CE1   . TYR A 1 159 ? 10.611  -2.077  -2.168  1.00 23.53  ? 159 TYR A CE1   1 
ATOM   1122 C CE2   . TYR A 1 159 ? 8.888   -2.676  -0.591  1.00 23.53  ? 159 TYR A CE2   1 
ATOM   1123 C CZ    . TYR A 1 159 ? 9.300   -1.962  -1.699  1.00 23.53  ? 159 TYR A CZ    1 
ATOM   1124 O OH    . TYR A 1 159 ? 8.396   -1.151  -2.341  1.00 23.53  ? 159 TYR A OH    1 
ATOM   1125 N N     . SER A 1 160 ? 13.900  -4.668  3.237   1.00 39.72  ? 160 SER A N     1 
ATOM   1126 C CA    . SER A 1 160 ? 14.464  -5.623  4.184   1.00 39.72  ? 160 SER A CA    1 
ATOM   1127 C C     . SER A 1 160 ? 13.652  -6.915  4.215   1.00 39.72  ? 160 SER A C     1 
ATOM   1128 O O     . SER A 1 160 ? 12.406  -6.862  4.284   1.00 39.72  ? 160 SER A O     1 
ATOM   1129 C CB    . SER A 1 160 ? 14.533  -5.013  5.586   1.00 39.72  ? 160 SER A CB    1 
ATOM   1130 O OG    . SER A 1 160 ? 13.235  -4.757  6.094   1.00 0.00   ? 160 SER A OG    1 
ATOM   1131 N N     . ARG A 1 161 ? 14.314  -8.040  4.096   1.00 32.22  ? 161 ARG A N     1 
ATOM   1132 C CA    . ARG A 1 161 ? 13.668  -9.355  4.089   1.00 32.22  ? 161 ARG A CA    1 
ATOM   1133 C C     . ARG A 1 161 ? 12.656  -9.581  5.226   1.00 32.22  ? 161 ARG A C     1 
ATOM   1134 O O     . ARG A 1 161 ? 11.669  -10.300 5.045   1.00 27.44  ? 161 ARG A O     1 
ATOM   1135 C CB    . ARG A 1 161 ? 14.747  -10.442 4.126   1.00 65.84  ? 161 ARG A CB    1 
ATOM   1136 C CG    . ARG A 1 161 ? 14.417  -11.623 5.029   1.00 65.84  ? 161 ARG A CG    1 
ATOM   1137 C CD    . ARG A 1 161 ? 13.818  -12.801 4.281   1.00 65.84  ? 161 ARG A CD    1 
ATOM   1138 N NE    . ARG A 1 161 ? 14.852  -13.709 3.791   1.00 65.84  ? 161 ARG A NE    1 
ATOM   1139 C CZ    . ARG A 1 161 ? 15.570  -13.513 2.690   1.00 65.84  ? 161 ARG A CZ    1 
ATOM   1140 N NH1   . ARG A 1 161 ? 15.365  -12.438 1.943   1.00 65.84  ? 161 ARG A NH1   1 
ATOM   1141 N NH2   . ARG A 1 161 ? 16.500  -14.390 2.342   1.00 65.84  ? 161 ARG A NH2   1 
ATOM   1142 N N     . ASP A 1 162 ? 12.907  -8.988  6.391   1.00 27.44  ? 162 ASP A N     1 
ATOM   1143 C CA    . ASP A 1 162 ? 11.998  -9.157  7.521   1.00 27.44  ? 162 ASP A CA    1 
ATOM   1144 C C     . ASP A 1 162 ? 10.589  -8.629  7.229   1.00 27.44  ? 162 ASP A C     1 
ATOM   1145 O O     . ASP A 1 162 ? 9.623   -9.001  7.906   1.00 27.44  ? 162 ASP A O     1 
ATOM   1146 C CB    . ASP A 1 162 ? 12.572  -8.496  8.788   1.00 61.42  ? 162 ASP A CB    1 
ATOM   1147 C CG    . ASP A 1 162 ? 13.085  -7.091  8.540   1.00 61.42  ? 162 ASP A CG    1 
ATOM   1148 O OD1   . ASP A 1 162 ? 14.106  -6.944  7.835   1.00 61.42  ? 162 ASP A OD1   1 
ATOM   1149 O OD2   . ASP A 1 162 ? 12.468  -6.132  9.053   1.00 61.42  ? 162 ASP A OD2   1 
ATOM   1150 N N     . LEU A 1 163 ? 10.470  -7.780  6.208   1.00 30.35  ? 163 LEU A N     1 
ATOM   1151 C CA    . LEU A 1 163 ? 9.180   -7.211  5.812   1.00 30.35  ? 163 LEU A CA    1 
ATOM   1152 C C     . LEU A 1 163 ? 8.195   -8.286  5.365   1.00 30.35  ? 163 LEU A C     1 
ATOM   1153 O O     . LEU A 1 163 ? 6.988   -8.094  5.440   1.00 30.35  ? 163 LEU A O     1 
ATOM   1154 C CB    . LEU A 1 163 ? 9.374   -6.192  4.683   1.00 37.14  ? 163 LEU A CB    1 
ATOM   1155 C CG    . LEU A 1 163 ? 10.139  -4.910  5.037   1.00 37.14  ? 163 LEU A CG    1 
ATOM   1156 C CD1   . LEU A 1 163 ? 10.236  -4.010  3.821   1.00 37.14  ? 163 LEU A CD1   1 
ATOM   1157 C CD2   . LEU A 1 163 ? 9.427   -4.192  6.153   1.00 37.14  ? 163 LEU A CD2   1 
ATOM   1158 N N     . LEU A 1 164 ? 8.717   -9.416  4.899   1.00 29.07  ? 164 LEU A N     1 
ATOM   1159 C CA    . LEU A 1 164 ? 7.884   -10.532 4.447   1.00 29.07  ? 164 LEU A CA    1 
ATOM   1160 C C     . LEU A 1 164 ? 6.965   -11.044 5.566   1.00 29.07  ? 164 LEU A C     1 
ATOM   1161 O O     . LEU A 1 164 ? 5.996   -11.756 5.296   1.00 29.07  ? 164 LEU A O     1 
ATOM   1162 C CB    . LEU A 1 164 ? 8.766   -11.688 3.959   1.00 32.07  ? 164 LEU A CB    1 
ATOM   1163 C CG    . LEU A 1 164 ? 9.344   -11.593 2.546   1.00 32.07  ? 164 LEU A CG    1 
ATOM   1164 C CD1   . LEU A 1 164 ? 10.389  -12.687 2.322   1.00 32.07  ? 164 LEU A CD1   1 
ATOM   1165 C CD2   . LEU A 1 164 ? 8.215   -11.721 1.544   1.00 32.07  ? 164 LEU A CD2   1 
ATOM   1166 N N     . ALA A 1 165 ? 7.268   -10.682 6.809   1.00 28.74  ? 165 ALA A N     1 
ATOM   1167 C CA    . ALA A 1 165 ? 6.481   -11.144 7.934   1.00 28.74  ? 165 ALA A CA    1 
ATOM   1168 C C     . ALA A 1 165 ? 5.301   -10.254 8.265   1.00 28.74  ? 165 ALA A C     1 
ATOM   1169 O O     . ALA A 1 165 ? 4.346   -10.690 8.903   1.00 28.74  ? 165 ALA A O     1 
ATOM   1170 C CB    . ALA A 1 165 ? 7.370   -11.289 9.164   1.00 18.35  ? 165 ALA A CB    1 
ATOM   1171 N N     . SER A 1 166 ? 5.354   -9.009  7.822   1.00 22.13  ? 166 SER A N     1 
ATOM   1172 C CA    . SER A 1 166 ? 4.286   -8.079  8.151   1.00 22.13  ? 166 SER A CA    1 
ATOM   1173 C C     . SER A 1 166 ? 3.695   -7.304  6.992   1.00 22.13  ? 166 SER A C     1 
ATOM   1174 O O     . SER A 1 166 ? 2.769   -6.527  7.189   1.00 16.72  ? 166 SER A O     1 
ATOM   1175 C CB    . SER A 1 166 ? 4.809   -7.092  9.175   1.00 18.48  ? 166 SER A CB    1 
ATOM   1176 O OG    . SER A 1 166 ? 6.062   -6.588  8.748   1.00 18.48  ? 166 SER A OG    1 
ATOM   1177 N N     . THR A 1 167 ? 4.211   -7.512  5.789   1.00 25.42  ? 167 THR A N     1 
ATOM   1178 C CA    . THR A 1 167 ? 3.703   -6.759  4.661   1.00 25.42  ? 167 THR A CA    1 
ATOM   1179 C C     . THR A 1 167 ? 3.248   -7.605  3.493   1.00 25.42  ? 167 THR A C     1 
ATOM   1180 O O     . THR A 1 167 ? 3.373   -8.827  3.494   1.00 25.42  ? 167 THR A O     1 
ATOM   1181 C CB    . THR A 1 167 ? 4.751   -5.757  4.167   1.00 11.52  ? 167 THR A CB    1 
ATOM   1182 O OG1   . THR A 1 167 ? 5.847   -6.462  3.572   1.00 11.52  ? 167 THR A OG1   1 
ATOM   1183 C CG2   . THR A 1 167 ? 5.270   -4.930  5.333   1.00 11.52  ? 167 THR A CG2   1 
ATOM   1184 N N     . ASN A 1 168 ? 2.721   -6.916  2.494   1.00 21.46  ? 168 ASN A N     1 
ATOM   1185 C CA    . ASN A 1 168 ? 2.206   -7.525  1.271   1.00 21.46  ? 168 ASN A CA    1 
ATOM   1186 C C     . ASN A 1 168 ? 3.302   -7.731  0.219   1.00 21.46  ? 168 ASN A C     1 
ATOM   1187 O O     . ASN A 1 168 ? 3.032   -8.318  -0.826  1.00 21.46  ? 168 ASN A O     1 
ATOM   1188 C CB    . ASN A 1 168 ? 1.147   -6.596  0.665   1.00 16.57  ? 168 ASN A CB    1 
ATOM   1189 C CG    . ASN A 1 168 ? 1.769   -5.354  0.021   1.00 16.57  ? 168 ASN A CG    1 
ATOM   1190 O OD1   . ASN A 1 168 ? 2.936   -5.027  0.265   1.00 16.57  ? 168 ASN A OD1   1 
ATOM   1191 N ND2   . ASN A 1 168 ? 0.993   -4.661  -0.803  1.00 16.57  ? 168 ASN A ND2   1 
ATOM   1192 N N     . ILE A 1 169 ? 4.520   -7.251  0.492   1.00 25.80  ? 169 ILE A N     1 
ATOM   1193 C CA    . ILE A 1 169 ? 5.617   -7.326  -0.475  1.00 25.80  ? 169 ILE A CA    1 
ATOM   1194 C C     . ILE A 1 169 ? 5.877   -8.639  -1.181  1.00 25.80  ? 169 ILE A C     1 
ATOM   1195 O O     . ILE A 1 169 ? 6.468   -8.658  -2.261  1.00 25.80  ? 169 ILE A O     1 
ATOM   1196 C CB    . ILE A 1 169 ? 6.976   -6.836  0.107   1.00 13.20  ? 169 ILE A CB    1 
ATOM   1197 C CG1   . ILE A 1 169 ? 7.514   -7.821  1.143   1.00 13.20  ? 169 ILE A CG1   1 
ATOM   1198 C CG2   . ILE A 1 169 ? 6.808   -5.422  0.689   1.00 13.20  ? 169 ILE A CG2   1 
ATOM   1199 C CD1   . ILE A 1 169 ? 8.943   -7.564  1.535   1.00 13.20  ? 169 ILE A CD1   1 
ATOM   1200 N N     . ALA A 1 170 ? 5.452   -9.746  -0.592  1.00 30.55  ? 170 ALA A N     1 
ATOM   1201 C CA    . ALA A 1 170 ? 5.653   -11.041 -1.238  1.00 30.55  ? 170 ALA A CA    1 
ATOM   1202 C C     . ALA A 1 170 ? 4.923   -11.096 -2.575  1.00 30.55  ? 170 ALA A C     1 
ATOM   1203 O O     . ALA A 1 170 ? 5.149   -12.007 -3.363  1.00 30.55  ? 170 ALA A O     1 
ATOM   1204 C CB    . ALA A 1 170 ? 5.170   -12.182 -0.344  1.00 15.91  ? 170 ALA A CB    1 
ATOM   1205 N N     . SER A 1 171 ? 4.048   -10.129 -2.835  1.00 22.22  ? 171 SER A N     1 
ATOM   1206 C CA    . SER A 1 171 ? 3.310   -10.122 -4.093  1.00 22.22  ? 171 SER A CA    1 
ATOM   1207 C C     . SER A 1 171 ? 3.976   -9.272  -5.174  1.00 22.22  ? 171 SER A C     1 
ATOM   1208 O O     . SER A 1 171 ? 3.526   -9.255  -6.313  1.00 22.22  ? 171 SER A O     1 
ATOM   1209 C CB    . SER A 1 171 ? 1.864   -9.647  -3.876  1.00 18.46  ? 171 SER A CB    1 
ATOM   1210 O OG    . SER A 1 171 ? 1.804   -8.316  -3.394  1.00 18.46  ? 171 SER A OG    1 
ATOM   1211 N N     . LEU A 1 172 ? 5.050   -8.576  -4.823  1.00 23.84  ? 172 LEU A N     1 
ATOM   1212 C CA    . LEU A 1 172 ? 5.737   -7.755  -5.813  1.00 23.84  ? 172 LEU A CA    1 
ATOM   1213 C C     . LEU A 1 172 ? 6.449   -8.630  -6.841  1.00 23.84  ? 172 LEU A C     1 
ATOM   1214 O O     . LEU A 1 172 ? 7.201   -9.556  -6.488  1.00 23.84  ? 172 LEU A O     1 
ATOM   1215 C CB    . LEU A 1 172 ? 6.750   -6.811  -5.141  1.00 6.82   ? 172 LEU A CB    1 
ATOM   1216 C CG    . LEU A 1 172 ? 6.193   -5.779  -4.148  1.00 6.82   ? 172 LEU A CG    1 
ATOM   1217 C CD1   . LEU A 1 172 ? 7.250   -4.690  -3.974  1.00 6.82   ? 172 LEU A CD1   1 
ATOM   1218 C CD2   . LEU A 1 172 ? 4.887   -5.157  -4.648  1.00 6.82   ? 172 LEU A CD2   1 
ATOM   1219 N N     . ALA A 1 173 ? 6.193   -8.333  -8.112  1.00 21.15  ? 173 ALA A N     1 
ATOM   1220 C CA    . ALA A 1 173 ? 6.791   -9.048  -9.234  1.00 21.15  ? 173 ALA A CA    1 
ATOM   1221 C C     . ALA A 1 173 ? 6.819   -8.042  -10.389 1.00 21.15  ? 173 ALA A C     1 
ATOM   1222 O O     . ALA A 1 173 ? 6.355   -6.913  -10.244 1.00 21.15  ? 173 ALA A O     1 
ATOM   1223 C CB    . ALA A 1 173 ? 5.947   -10.260 -9.606  1.00 18.51  ? 173 ALA A CB    1 
ATOM   1224 N N     . LYS A 1 174 ? 7.362   -8.442  -11.530 1.00 25.72  ? 174 LYS A N     1 
ATOM   1225 C CA    . LYS A 1 174 ? 7.417   -7.534  -12.664 1.00 25.72  ? 174 LYS A CA    1 
ATOM   1226 C C     . LYS A 1 174 ? 5.996   -7.132  -13.071 1.00 25.72  ? 174 LYS A C     1 
ATOM   1227 O O     . LYS A 1 174 ? 5.105   -7.970  -13.180 1.00 25.72  ? 174 LYS A O     1 
ATOM   1228 C CB    . LYS A 1 174 ? 8.139   -8.191  -13.853 1.00 17.48  ? 174 LYS A CB    1 
ATOM   1229 C CG    . LYS A 1 174 ? 8.602   -7.207  -14.926 1.00 17.48  ? 174 LYS A CG    1 
ATOM   1230 C CD    . LYS A 1 174 ? 9.353   -7.912  -16.052 1.00 17.48  ? 174 LYS A CD    1 
ATOM   1231 C CE    . LYS A 1 174 ? 8.421   -8.722  -16.940 1.00 17.48  ? 174 LYS A CE    1 
ATOM   1232 N NZ    . LYS A 1 174 ? 7.569   -7.860  -17.792 1.00 17.48  ? 174 LYS A NZ    1 
ATOM   1233 N N     . ASP A 1 175 ? 5.795   -5.831  -13.263 1.00 24.83  ? 175 ASP A N     1 
ATOM   1234 C CA    . ASP A 1 175 ? 4.510   -5.265  -13.688 1.00 24.83  ? 175 ASP A CA    1 
ATOM   1235 C C     . ASP A 1 175 ? 3.395   -5.183  -12.643 1.00 24.83  ? 175 ASP A C     1 
ATOM   1236 O O     . ASP A 1 175 ? 2.281   -4.789  -12.971 1.00 24.83  ? 175 ASP A O     1 
ATOM   1237 C CB    . ASP A 1 175 ? 3.993   -6.018  -14.913 1.00 21.12  ? 175 ASP A CB    1 
ATOM   1238 C CG    . ASP A 1 175 ? 5.069   -6.230  -15.958 1.00 21.12  ? 175 ASP A CG    1 
ATOM   1239 O OD1   . ASP A 1 175 ? 5.610   -5.227  -16.481 1.00 21.12  ? 175 ASP A OD1   1 
ATOM   1240 O OD2   . ASP A 1 175 ? 5.372   -7.402  -16.254 1.00 21.12  ? 175 ASP A OD2   1 
ATOM   1241 N N     . VAL A 1 176 ? 3.687   -5.564  -11.403 1.00 22.37  ? 176 VAL A N     1 
ATOM   1242 C CA    . VAL A 1 176 ? 2.693   -5.482  -10.344 1.00 22.37  ? 176 VAL A CA    1 
ATOM   1243 C C     . VAL A 1 176 ? 2.482   -4.002  -10.031 1.00 22.37  ? 176 VAL A C     1 
ATOM   1244 O O     . VAL A 1 176 ? 3.437   -3.237  -9.889  1.00 22.37  ? 176 VAL A O     1 
ATOM   1245 C CB    . VAL A 1 176 ? 3.149   -6.222  -9.062  1.00 22.90  ? 176 VAL A CB    1 
ATOM   1246 C CG1   . VAL A 1 176 ? 2.093   -6.064  -7.969  1.00 22.90  ? 176 VAL A CG1   1 
ATOM   1247 C CG2   . VAL A 1 176 ? 3.374   -7.697  -9.359  1.00 22.90  ? 176 VAL A CG2   1 
ATOM   1248 N N     . LYS A 1 177 ? 1.222   -3.598  -9.932  1.00 24.42  ? 177 LYS A N     1 
ATOM   1249 C CA    . LYS A 1 177 ? 0.893   -2.206  -9.662  1.00 24.42  ? 177 LYS A CA    1 
ATOM   1250 C C     . LYS A 1 177 ? 0.948   -1.893  -8.170  1.00 24.42  ? 177 LYS A C     1 
ATOM   1251 O O     . LYS A 1 177 ? 0.623   -2.743  -7.339  1.00 24.42  ? 177 LYS A O     1 
ATOM   1252 C CB    . LYS A 1 177 ? -0.494  -1.898  -10.219 1.00 37.64  ? 177 LYS A CB    1 
ATOM   1253 C CG    . LYS A 1 177 ? -0.789  -0.432  -10.394 1.00 37.64  ? 177 LYS A CG    1 
ATOM   1254 C CD    . LYS A 1 177 ? -2.164  -0.234  -11.005 1.00 37.64  ? 177 LYS A CD    1 
ATOM   1255 C CE    . LYS A 1 177 ? -2.257  -0.843  -12.385 1.00 37.64  ? 177 LYS A CE    1 
ATOM   1256 N NZ    . LYS A 1 177 ? -3.648  -0.761  -12.913 1.00 37.64  ? 177 LYS A NZ    1 
ATOM   1257 N N     . VAL A 1 178 ? 1.381   -0.682  -7.829  1.00 21.33  ? 178 VAL A N     1 
ATOM   1258 C CA    . VAL A 1 178 ? 1.470   -0.280  -6.427  1.00 21.33  ? 178 VAL A CA    1 
ATOM   1259 C C     . VAL A 1 178 ? 0.925   1.138   -6.234  1.00 21.33  ? 178 VAL A C     1 
ATOM   1260 O O     . VAL A 1 178 ? 0.887   1.935   -7.177  1.00 21.33  ? 178 VAL A O     1 
ATOM   1261 C CB    . VAL A 1 178 ? 2.933   -0.299  -5.900  1.00 17.86  ? 178 VAL A CB    1 
ATOM   1262 C CG1   . VAL A 1 178 ? 3.530   -1.682  -6.055  1.00 17.86  ? 178 VAL A CG1   1 
ATOM   1263 C CG2   . VAL A 1 178 ? 3.760   0.745   -6.637  1.00 17.86  ? 178 VAL A CG2   1 
ATOM   1264 N N     . ASN A 1 179 ? 0.504   1.441   -5.010  1.00 21.67  ? 179 ASN A N     1 
ATOM   1265 C CA    . ASN A 1 179 ? 0.008   2.766   -4.680  1.00 21.67  ? 179 ASN A CA    1 
ATOM   1266 C C     . ASN A 1 179 ? 1.223   3.640   -4.381  1.00 21.67  ? 179 ASN A C     1 
ATOM   1267 O O     . ASN A 1 179 ? 2.065   3.294   -3.544  1.00 21.67  ? 179 ASN A O     1 
ATOM   1268 C CB    . ASN A 1 179 ? -0.906  2.704   -3.456  1.00 19.96  ? 179 ASN A CB    1 
ATOM   1269 C CG    . ASN A 1 179 ? -2.240  2.006   -3.733  1.00 19.96  ? 179 ASN A CG    1 
ATOM   1270 O OD1   . ASN A 1 179 ? -2.873  1.481   -2.814  1.00 19.96  ? 179 ASN A OD1   1 
ATOM   1271 N ND2   . ASN A 1 179 ? -2.678  2.017   -4.977  1.00 19.96  ? 179 ASN A ND2   1 
ATOM   1272 N N     . VAL A 1 180 ? 1.320   4.769   -5.073  1.00 27.30  ? 180 VAL A N     1 
ATOM   1273 C CA    . VAL A 1 180 ? 2.452   5.664   -4.870  1.00 27.30  ? 180 VAL A CA    1 
ATOM   1274 C C     . VAL A 1 180 ? 2.052   6.987   -4.246  1.00 27.30  ? 180 VAL A C     1 
ATOM   1275 O O     . VAL A 1 180 ? 1.122   7.646   -4.715  1.00 27.30  ? 180 VAL A O     1 
ATOM   1276 C CB    . VAL A 1 180 ? 3.173   5.992   -6.197  1.00 11.72  ? 180 VAL A CB    1 
ATOM   1277 C CG1   . VAL A 1 180 ? 4.351   6.935   -5.935  1.00 11.72  ? 180 VAL A CG1   1 
ATOM   1278 C CG2   . VAL A 1 180 ? 3.640   4.708   -6.868  1.00 11.72  ? 180 VAL A CG2   1 
ATOM   1279 N N     . GLU A 1 181 ? 2.751   7.364   -3.176  1.00 25.67  ? 181 GLU A N     1 
ATOM   1280 C CA    . GLU A 1 181 ? 2.510   8.648   -2.539  1.00 25.67  ? 181 GLU A CA    1 
ATOM   1281 C C     . GLU A 1 181 ? 3.819   9.416   -2.609  1.00 25.67  ? 181 GLU A C     1 
ATOM   1282 O O     . GLU A 1 181 ? 4.840   8.944   -2.113  1.00 25.67  ? 181 GLU A O     1 
ATOM   1283 C CB    . GLU A 1 181 ? 2.103   8.515   -1.075  1.00 24.67  ? 181 GLU A CB    1 
ATOM   1284 C CG    . GLU A 1 181 ? 1.854   9.894   -0.455  1.00 24.67  ? 181 GLU A CG    1 
ATOM   1285 C CD    . GLU A 1 181 ? 1.352   9.848   0.966   1.00 24.67  ? 181 GLU A CD    1 
ATOM   1286 O OE1   . GLU A 1 181 ? 0.442   9.051   1.253   1.00 24.67  ? 181 GLU A OE1   1 
ATOM   1287 O OE2   . GLU A 1 181 ? 1.855   10.631  1.794   1.00 24.67  ? 181 GLU A OE2   1 
ATOM   1288 N N     . ILE A 1 182 ? 3.795   10.588  -3.236  1.00 39.07  ? 182 ILE A N     1 
ATOM   1289 C CA    . ILE A 1 182 ? 4.997   11.400  -3.342  1.00 39.07  ? 182 ILE A CA    1 
ATOM   1290 C C     . ILE A 1 182 ? 5.129   12.263  -2.096  1.00 39.07  ? 182 ILE A C     1 
ATOM   1291 O O     . ILE A 1 182 ? 4.176   12.915  -1.680  1.00 39.07  ? 182 ILE A O     1 
ATOM   1292 C CB    . ILE A 1 182 ? 4.966   12.294  -4.605  1.00 32.02  ? 182 ILE A CB    1 
ATOM   1293 C CG1   . ILE A 1 182 ? 5.293   11.446  -5.841  1.00 32.02  ? 182 ILE A CG1   1 
ATOM   1294 C CG2   . ILE A 1 182 ? 6.006   13.405  -4.496  1.00 32.02  ? 182 ILE A CG2   1 
ATOM   1295 C CD1   . ILE A 1 182 ? 4.353   10.308  -6.075  1.00 32.02  ? 182 ILE A CD1   1 
ATOM   1296 N N     . LEU A 1 183 ? 6.315   12.260  -1.499  1.00 43.68  ? 183 LEU A N     1 
ATOM   1297 C CA    . LEU A 1 183 ? 6.544   13.022  -0.279  1.00 43.68  ? 183 LEU A CA    1 
ATOM   1298 C C     . LEU A 1 183 ? 7.409   14.255  -0.484  1.00 43.68  ? 183 LEU A C     1 
ATOM   1299 O O     . LEU A 1 183 ? 8.257   14.294  -1.379  1.00 43.68  ? 183 LEU A O     1 
ATOM   1300 C CB    . LEU A 1 183 ? 7.192   12.123  0.779   1.00 28.92  ? 183 LEU A CB    1 
ATOM   1301 C CG    . LEU A 1 183 ? 6.606   10.713  0.941   1.00 28.92  ? 183 LEU A CG    1 
ATOM   1302 C CD1   . LEU A 1 183 ? 7.333   9.994   2.055   1.00 28.92  ? 183 LEU A CD1   1 
ATOM   1303 C CD2   . LEU A 1 183 ? 5.110   10.797  1.237   1.00 28.92  ? 183 LEU A CD2   1 
ATOM   1304 N N     . ASN A 1 184 ? 7.191   15.259  0.362   1.00 92.77  ? 184 ASN A N     1 
ATOM   1305 C CA    . ASN A 1 184 ? 7.936   16.512  0.316   1.00 92.77  ? 184 ASN A CA    1 
ATOM   1306 C C     . ASN A 1 184 ? 7.887   17.161  -1.065  1.00 92.77  ? 184 ASN A C     1 
ATOM   1307 O O     . ASN A 1 184 ? 7.151   16.657  -1.934  1.00 92.77  ? 184 ASN A O     1 
ATOM   1308 C CB    . ASN A 1 184 ? 9.389   16.288  0.740   1.00 92.77  ? 184 ASN A CB    1 
ATOM   1309 C CG    . ASN A 1 184 ? 9.524   15.989  2.220   1.00 0.00   ? 184 ASN A CG    1 
ATOM   1310 O OD1   . ASN A 1 184 ? 8.657   16.345  3.019   1.00 0.00   ? 184 ASN A OD1   1 
ATOM   1311 N ND2   . ASN A 1 184 ? 10.615  15.331  2.593   1.00 0.00   ? 184 ASN A ND2   1 
HETATM 1312 N N1    . RBF B 2 .   ? -11.364 6.925   -0.622  1.00 24.93  ? 187 RBF A N1    1 
HETATM 1313 C C2    . RBF B 2 .   ? -12.222 5.858   -0.757  1.00 23.68  ? 187 RBF A C2    1 
HETATM 1314 O O2    . RBF B 2 .   ? -12.291 5.324   -1.881  1.00 23.95  ? 187 RBF A O2    1 
HETATM 1315 N N3    . RBF B 2 .   ? -12.954 5.389   0.284   1.00 23.34  ? 187 RBF A N3    1 
HETATM 1316 C C4    . RBF B 2 .   ? -12.937 5.926   1.510   1.00 26.22  ? 187 RBF A C4    1 
HETATM 1317 O O4    . RBF B 2 .   ? -13.618 5.473   2.441   1.00 26.83  ? 187 RBF A O4    1 
HETATM 1318 C C4A   . RBF B 2 .   ? -12.036 7.095   1.752   1.00 25.76  ? 187 RBF A C4A   1 
HETATM 1319 N N5    . RBF B 2 .   ? -11.966 7.694   2.965   1.00 27.84  ? 187 RBF A N5    1 
HETATM 1320 C C5A   . RBF B 2 .   ? -11.136 8.776   3.177   1.00 25.90  ? 187 RBF A C5A   1 
HETATM 1321 C C6    . RBF B 2 .   ? -11.098 9.359   4.448   1.00 25.95  ? 187 RBF A C6    1 
HETATM 1322 C C7    . RBF B 2 .   ? -10.251 10.478  4.709   1.00 25.66  ? 187 RBF A C7    1 
HETATM 1323 C C7M   . RBF B 2 .   ? -10.245 11.080  6.108   1.00 27.41  ? 187 RBF A C7M   1 
HETATM 1324 C C8    . RBF B 2 .   ? -9.406  11.034  3.589   1.00 25.85  ? 187 RBF A C8    1 
HETATM 1325 C C8M   . RBF B 2 .   ? -8.500  12.234  3.840   1.00 23.82  ? 187 RBF A C8M   1 
HETATM 1326 C C9    . RBF B 2 .   ? -9.431  10.450  2.296   1.00 24.79  ? 187 RBF A C9    1 
HETATM 1327 C C9A   . RBF B 2 .   ? -10.279 9.322   2.052   1.00 26.03  ? 187 RBF A C9A   1 
HETATM 1328 N N10   . RBF B 2 .   ? -10.349 8.699   0.735   1.00 25.46  ? 187 RBF A N10   1 
HETATM 1329 C C10   . RBF B 2 .   ? -11.238 7.567   0.574   1.00 24.61  ? 187 RBF A C10   1 
HETATM 1330 C "C1'" . RBF B 2 .   ? -9.501  9.147   -0.416  1.00 24.88  ? 187 RBF A "C1'" 1 
HETATM 1331 C "C2'" . RBF B 2 .   ? -8.297  8.166   -0.598  1.00 27.66  ? 187 RBF A "C2'" 1 
HETATM 1332 O "O2'" . RBF B 2 .   ? -7.979  7.771   0.714   1.00 26.40  ? 187 RBF A "O2'" 1 
HETATM 1333 C "C3'" . RBF B 2 .   ? -7.002  8.746   -1.226  1.00 32.60  ? 187 RBF A "C3'" 1 
HETATM 1334 O "O3'" . RBF B 2 .   ? -6.450  9.778   -0.398  1.00 30.66  ? 187 RBF A "O3'" 1 
HETATM 1335 C "C4'" . RBF B 2 .   ? -7.221  9.205   -2.705  1.00 35.34  ? 187 RBF A "C4'" 1 
HETATM 1336 O "O4'" . RBF B 2 .   ? -8.516  8.820   -3.185  1.00 36.85  ? 187 RBF A "O4'" 1 
HETATM 1337 C "C5'" . RBF B 2 .   ? -6.174  8.625   -3.651  1.00 36.45  ? 187 RBF A "C5'" 1 
HETATM 1338 O "O5'" . RBF B 2 .   ? -6.398  9.066   -4.988  1.00 36.51  ? 187 RBF A "O5'" 1 
HETATM 1339 O O     . HOH C 3 .   ? 0.641   -3.923  -4.676  1.00 16.40  ? 188 HOH A O     1 
HETATM 1340 O O     . HOH C 3 .   ? 9.261   -0.161  6.930   1.00 31.89  ? 189 HOH A O     1 
HETATM 1341 O O     . HOH C 3 .   ? 1.021   2.523   5.921   1.00 14.32  ? 190 HOH A O     1 
HETATM 1342 O O     . HOH C 3 .   ? 1.124   7.502   14.037  1.00 33.13  ? 191 HOH A O     1 
HETATM 1343 O O     . HOH C 3 .   ? -1.345  -2.103  -3.966  1.00 10.24  ? 192 HOH A O     1 
HETATM 1344 O O     . HOH C 3 .   ? -4.570  -0.933  -2.702  1.00 21.73  ? 193 HOH A O     1 
HETATM 1345 O O     . HOH C 3 .   ? 6.634   -1.268  6.921   1.00 16.09  ? 194 HOH A O     1 
HETATM 1346 O O     . HOH C 3 .   ? -13.618 -5.817  16.373  1.00 22.67  ? 195 HOH A O     1 
HETATM 1347 O O     . HOH C 3 .   ? 5.989   -1.617  -0.764  1.00 16.25  ? 196 HOH A O     1 
HETATM 1348 O O     . HOH C 3 .   ? -1.642  -5.392  -1.742  1.00 9.84   ? 197 HOH A O     1 
HETATM 1349 O O     . HOH C 3 .   ? 4.178   -3.390  -1.725  1.00 14.51  ? 198 HOH A O     1 
HETATM 1350 O O     . HOH C 3 .   ? -0.863  1.065   4.703   1.00 8.84   ? 199 HOH A O     1 
HETATM 1351 O O     . HOH C 3 .   ? 0.661   6.290   1.075   1.00 11.40  ? 200 HOH A O     1 
HETATM 1352 O O     . HOH C 3 .   ? -3.539  -8.044  20.812  1.00 93.19  ? 201 HOH A O     1 
HETATM 1353 O O     . HOH C 3 .   ? -1.258  -6.774  -6.324  1.00 40.21  ? 202 HOH A O     1 
HETATM 1354 O O     . HOH C 3 .   ? 3.810   -11.099 1.566   1.00 22.98  ? 203 HOH A O     1 
HETATM 1355 O O     . HOH C 3 .   ? 17.809  -4.379  2.215   1.00 32.16  ? 204 HOH A O     1 
HETATM 1356 O O     . HOH C 3 .   ? 0.315   1.918   -13.353 1.00 38.74  ? 205 HOH A O     1 
HETATM 1357 O O     . HOH C 3 .   ? -17.026 -6.935  1.823   1.00 18.62  ? 206 HOH A O     1 
HETATM 1358 O O     . HOH C 3 .   ? 0.426   -9.536  10.183  1.00 17.95  ? 207 HOH A O     1 
HETATM 1359 O O     . HOH C 3 .   ? -0.490  -15.970 0.746   1.00 31.89  ? 208 HOH A O     1 
HETATM 1360 O O     . HOH C 3 .   ? -8.169  -8.760  22.577  1.00 23.08  ? 209 HOH A O     1 
HETATM 1361 O O     . HOH C 3 .   ? 1.998   4.559   -0.472  1.00 25.18  ? 210 HOH A O     1 
HETATM 1362 O O     . HOH C 3 .   ? -7.576  -12.341 13.358  1.00 22.28  ? 211 HOH A O     1 
HETATM 1363 O O     . HOH C 3 .   ? -0.509  -11.657 9.974   1.00 34.52  ? 212 HOH A O     1 
HETATM 1364 O O     . HOH C 3 .   ? -6.180  -0.765  -10.666 1.00 36.13  ? 213 HOH A O     1 
HETATM 1365 O O     . HOH C 3 .   ? -16.273 -12.101 11.599  1.00 28.97  ? 214 HOH A O     1 
HETATM 1366 O O     . HOH C 3 .   ? -21.557 -5.826  13.217  1.00 34.66  ? 215 HOH A O     1 
HETATM 1367 O O     . HOH C 3 .   ? 15.058  1.888   -0.261  1.00 24.68  ? 216 HOH A O     1 
HETATM 1368 O O     . HOH C 3 .   ? 6.839   -2.994  -15.403 1.00 23.12  ? 217 HOH A O     1 
HETATM 1369 O O     . HOH C 3 .   ? -17.487 4.992   3.125   1.00 39.43  ? 218 HOH A O     1 
HETATM 1370 O O     . HOH C 3 .   ? -16.609 6.440   1.114   1.00 38.61  ? 219 HOH A O     1 
HETATM 1371 O O     . HOH C 3 .   ? 0.026   -6.508  -4.338  1.00 19.52  ? 220 HOH A O     1 
HETATM 1372 O O     . HOH C 3 .   ? -9.210  3.927   15.753  1.00 24.84  ? 221 HOH A O     1 
HETATM 1373 O O     . HOH C 3 .   ? 1.733   12.875  -3.046  1.00 29.72  ? 222 HOH A O     1 
HETATM 1374 O O     . HOH C 3 .   ? 9.259   11.987  10.201  1.00 48.48  ? 223 HOH A O     1 
HETATM 1375 O O     . HOH C 3 .   ? -12.823 -3.560  -10.151 1.00 29.37  ? 224 HOH A O     1 
HETATM 1376 O O     . HOH C 3 .   ? -6.364  0.316   -12.598 1.00 54.50  ? 225 HOH A O     1 
HETATM 1377 O O     . HOH C 3 .   ? -9.329  7.308   12.997  1.00 20.25  ? 226 HOH A O     1 
HETATM 1378 O O     . HOH C 3 .   ? -8.923  1.150   -7.708  1.00 29.58  ? 227 HOH A O     1 
HETATM 1379 O O     . HOH C 3 .   ? -25.511 0.037   -6.870  1.00 48.83  ? 228 HOH A O     1 
HETATM 1380 O O     . HOH C 3 .   ? -1.499  -12.572 6.203   1.00 50.01  ? 229 HOH A O     1 
HETATM 1381 O O     . HOH C 3 .   ? -21.359 3.324   9.515   1.00 37.80  ? 230 HOH A O     1 
HETATM 1382 O O     . HOH C 3 .   ? -21.260 -5.530  4.585   1.00 27.09  ? 231 HOH A O     1 
HETATM 1383 O O     . HOH C 3 .   ? -11.991 7.326   -8.721  1.00 89.22  ? 232 HOH A O     1 
HETATM 1384 O O     . HOH C 3 .   ? -1.819  -14.277 4.501   1.00 28.72  ? 233 HOH A O     1 
HETATM 1385 O O     . HOH C 3 .   ? 8.434   -7.361  9.686   1.00 40.84  ? 234 HOH A O     1 
HETATM 1386 O O     . HOH C 3 .   ? -6.079  13.785  -2.926  1.00 59.89  ? 235 HOH A O     1 
HETATM 1387 O O     . HOH C 3 .   ? 6.850   13.089  8.267   1.00 38.68  ? 236 HOH A O     1 
HETATM 1388 O O     . HOH C 3 .   ? -2.854  -13.022 13.749  1.00 45.18  ? 237 HOH A O     1 
HETATM 1389 O O     . HOH C 3 .   ? -13.443 4.733   15.150  1.00 29.98  ? 238 HOH A O     1 
HETATM 1390 O O     . HOH C 3 .   ? 0.514   -14.272 9.002   1.00 35.33  ? 239 HOH A O     1 
HETATM 1391 O O     . HOH C 3 .   ? -10.596 10.927  -11.246 1.00 37.34  ? 240 HOH A O     1 
HETATM 1392 O O     . HOH C 3 .   ? 17.437  2.978   -9.832  1.00 32.58  ? 241 HOH A O     1 
HETATM 1393 O O     . HOH C 3 .   ? -7.153  12.966  -4.855  1.00 47.02  ? 242 HOH A O     1 
HETATM 1394 O O     . HOH C 3 .   ? 8.441   11.388  -3.210  1.00 38.66  ? 243 HOH A O     1 
HETATM 1395 O O     . HOH C 3 .   ? -4.519  2.280   -12.011 1.00 39.60  ? 244 HOH A O     1 
HETATM 1396 O O     . HOH C 3 .   ? -15.563 4.098   -10.475 1.00 34.91  ? 245 HOH A O     1 
HETATM 1397 O O     . HOH C 3 .   ? 2.134   3.325   -14.469 1.00 34.67  ? 246 HOH A O     1 
HETATM 1398 O O     . HOH C 3 .   ? 7.236   16.595  -8.659  1.00 43.55  ? 247 HOH A O     1 
HETATM 1399 O O     . HOH C 3 .   ? 2.475   13.204  0.508   1.00 21.97  ? 248 HOH A O     1 
HETATM 1400 O O     . HOH C 3 .   ? 8.523   -10.567 -3.448  1.00 35.15  ? 249 HOH A O     1 
HETATM 1401 O O     . HOH C 3 .   ? -2.872  6.535   -11.140 1.00 20.54  ? 250 HOH A O     1 
HETATM 1402 O O     . HOH C 3 .   ? -15.136 -9.638  -7.058  1.00 49.41  ? 251 HOH A O     1 
HETATM 1403 O O     . HOH C 3 .   ? -16.735 4.675   16.691  1.00 38.43  ? 252 HOH A O     1 
HETATM 1404 O O     . HOH C 3 .   ? 6.708   -0.554  -16.719 1.00 31.99  ? 253 HOH A O     1 
HETATM 1405 O O     . HOH C 3 .   ? -9.927  -14.745 9.831   1.00 36.24  ? 254 HOH A O     1 
HETATM 1406 O O     . HOH C 3 .   ? 11.604  -15.215 -0.782  1.00 43.93  ? 255 HOH A O     1 
HETATM 1407 O O     . HOH C 3 .   ? -11.645 0.579   19.254  1.00 32.56  ? 256 HOH A O     1 
HETATM 1408 O O     . HOH C 3 .   ? -5.793  -12.674 9.147   1.00 34.08  ? 257 HOH A O     1 
HETATM 1409 O O     . HOH C 3 .   ? -5.871  -15.056 -10.348 1.00 38.54  ? 258 HOH A O     1 
HETATM 1410 O O     . HOH C 3 .   ? -0.035  5.634   -13.717 1.00 30.54  ? 259 HOH A O     1 
HETATM 1411 O O     . HOH C 3 .   ? -18.543 -0.870  21.706  1.00 90.38  ? 260 HOH A O     1 
HETATM 1412 O O     . HOH C 3 .   ? -16.166 10.874  -1.248  1.00 29.23  ? 261 HOH A O     1 
HETATM 1413 O O     . HOH C 3 .   ? -3.267  9.445   -10.543 1.00 18.64  ? 262 HOH A O     1 
HETATM 1414 O O     . HOH C 3 .   ? 4.724   -10.319 -13.132 1.00 51.29  ? 263 HOH A O     1 
HETATM 1415 O O     . HOH C 3 .   ? -5.587  -14.599 -3.754  1.00 33.36  ? 264 HOH A O     1 
HETATM 1416 O O     . HOH C 3 .   ? -19.139 -3.638  16.486  1.00 45.52  ? 265 HOH A O     1 
HETATM 1417 O O     . HOH C 3 .   ? 18.541  10.187  -14.774 1.00 38.20  ? 266 HOH A O     1 
HETATM 1418 O O     . HOH C 3 .   ? 19.385  -0.231  -9.394  1.00 22.11  ? 267 HOH A O     1 
HETATM 1419 O O     . HOH C 3 .   ? -1.716  -4.711  -7.694  1.00 19.41  ? 268 HOH A O     1 
HETATM 1420 O O     . HOH C 3 .   ? -21.176 -8.545  4.062   1.00 38.89  ? 269 HOH A O     1 
HETATM 1421 O O     . HOH C 3 .   ? -4.841  -1.457  -15.876 1.00 34.29  ? 270 HOH A O     1 
HETATM 1422 O O     . HOH C 3 .   ? -21.386 -3.184  -2.179  1.00 37.35  ? 271 HOH A O     1 
HETATM 1423 O O     . HOH C 3 .   ? 4.108   -9.779  -15.808 1.00 41.19  ? 272 HOH A O     1 
HETATM 1424 O O     . HOH C 3 .   ? 11.400  6.297   4.044   1.00 38.15  ? 273 HOH A O     1 
HETATM 1425 O O     . HOH C 3 .   ? 8.758   -13.150 -4.112  1.00 51.62  ? 274 HOH A O     1 
HETATM 1426 O O     . HOH C 3 .   ? -19.263 -10.038 9.021   1.00 32.73  ? 275 HOH A O     1 
HETATM 1427 O O     . HOH C 3 .   ? -17.265 -0.194  -8.508  1.00 39.33  ? 276 HOH A O     1 
HETATM 1428 O O     . HOH C 3 .   ? 13.349  -2.730  7.566   1.00 49.79  ? 277 HOH A O     1 
HETATM 1429 O O     . HOH C 3 .   ? -21.794 5.675   11.307  1.00 44.53  ? 278 HOH A O     1 
HETATM 1430 O O     . HOH C 3 .   ? 15.356  0.909   2.274   1.00 27.08  ? 279 HOH A O     1 
HETATM 1431 O O     . HOH C 3 .   ? 12.783  2.984   4.988   1.00 53.81  ? 280 HOH A O     1 
HETATM 1432 O O     . HOH C 3 .   ? 5.804   2.400   -19.333 1.00 42.93  ? 281 HOH A O     1 
HETATM 1433 O O     . HOH C 3 .   ? -0.085  -4.446  -14.169 1.00 32.27  ? 282 HOH A O     1 
HETATM 1434 O O     . HOH C 3 .   ? -10.635 -8.370  -10.101 1.00 35.43  ? 283 HOH A O     1 
HETATM 1435 O O     . HOH C 3 .   ? -19.488 -10.444 -2.835  1.00 44.60  ? 284 HOH A O     1 
HETATM 1436 O O     . HOH C 3 .   ? -0.871  10.628  -13.310 1.00 32.07  ? 285 HOH A O     1 
HETATM 1437 O O     . HOH C 3 .   ? 9.306   11.399  5.387   1.00 36.12  ? 286 HOH A O     1 
HETATM 1438 O O     . HOH C 3 .   ? 8.697   -10.592 -11.414 1.00 81.18  ? 287 HOH A O     1 
HETATM 1439 O O     . HOH C 3 .   ? -19.066 -11.124 3.526   1.00 38.03  ? 288 HOH A O     1 
HETATM 1440 O O     . HOH C 3 .   ? 0.897   -15.762 6.777   1.00 42.44  ? 289 HOH A O     1 
HETATM 1441 O O     . HOH C 3 .   ? 5.821   16.821  -4.078  1.00 45.24  ? 290 HOH A O     1 
HETATM 1442 O O     . HOH C 3 .   ? 9.581   1.424   -18.746 1.00 50.72  ? 291 HOH A O     1 
HETATM 1443 O O     . HOH C 3 .   ? -20.245 -2.553  12.522  1.00 28.65  ? 292 HOH A O     1 
HETATM 1444 O O     . HOH C 3 .   ? -19.102 -1.233  16.173  1.00 48.64  ? 293 HOH A O     1 
HETATM 1445 O O     . HOH C 3 .   ? 4.857   1.568   -16.655 1.00 34.43  ? 294 HOH A O     1 
HETATM 1446 O O     . HOH C 3 .   ? 8.541   8.891   6.423   1.00 59.47  ? 295 HOH A O     1 
HETATM 1447 O O     . HOH C 3 .   ? 16.713  9.307   2.957   1.00 32.94  ? 296 HOH A O     1 
HETATM 1448 O O     . HOH C 3 .   ? -15.571 -8.537  -9.871  1.00 38.00  ? 297 HOH A O     1 
HETATM 1449 O O     . HOH C 3 .   ? -9.682  -15.727 -0.322  1.00 38.42  ? 298 HOH A O     1 
HETATM 1450 O O     . HOH C 3 .   ? -18.953 5.731   -11.276 1.00 45.28  ? 299 HOH A O     1 
HETATM 1451 O O     . HOH C 3 .   ? -13.457 0.603   -10.703 1.00 60.58  ? 300 HOH A O     1 
HETATM 1452 O O     . HOH C 3 .   ? -1.143  -5.440  -10.409 1.00 36.41  ? 301 HOH A O     1 
HETATM 1453 O O     . HOH C 3 .   ? -21.158 -8.041  6.712   1.00 42.98  ? 302 HOH A O     1 
HETATM 1454 O O     . HOH C 3 .   ? 1.993   15.845  -11.672 1.00 40.25  ? 303 HOH A O     1 
HETATM 1455 O O     . HOH C 3 .   ? 13.575  -1.344  3.965   1.00 51.20  ? 304 HOH A O     1 
HETATM 1456 O O     . HOH C 3 .   ? 8.752   7.539   9.107   1.00 36.73  ? 305 HOH A O     1 
HETATM 1457 O O     . HOH C 3 .   ? -4.586  6.304   16.110  1.00 29.21  ? 306 HOH A O     1 
HETATM 1458 O O     . HOH C 3 .   ? 6.967   13.149  4.157   1.00 33.18  ? 307 HOH A O     1 
HETATM 1459 O O     . HOH C 3 .   ? 17.827  -16.534 3.208   1.00 57.80  ? 308 HOH A O     1 
HETATM 1460 O O     . HOH C 3 .   ? -3.782  -16.582 -0.155  1.00 66.10  ? 309 HOH A O     1 
HETATM 1461 O O     . HOH C 3 .   ? -12.275 -8.803  -7.823  1.00 56.45  ? 310 HOH A O     1 
HETATM 1462 O O     . HOH C 3 .   ? -11.802 8.969   12.878  1.00 40.82  ? 311 HOH A O     1 
HETATM 1463 O O     . HOH C 3 .   ? -19.747 -0.629  -1.902  1.00 38.18  ? 312 HOH A O     1 
HETATM 1464 O O     . HOH C 3 .   ? -10.214 11.811  -4.069  1.00 29.91  ? 313 HOH A O     1 
HETATM 1465 O O     . HOH C 3 .   ? 5.946   -14.301 6.571   1.00 51.60  ? 314 HOH A O     1 
HETATM 1466 O O     . HOH C 3 .   ? -14.358 -15.452 -5.200  1.00 31.35  ? 315 HOH A O     1 
HETATM 1467 O O     . HOH C 3 .   ? 16.930  -5.593  -0.007  1.00 49.31  ? 316 HOH A O     1 
HETATM 1468 O O     . HOH C 3 .   ? 19.976  -7.453  -6.612  1.00 41.35  ? 317 HOH A O     1 
HETATM 1469 O O     . HOH C 3 .   ? 2.411   -10.825 -10.822 1.00 52.04  ? 318 HOH A O     1 
HETATM 1470 O O     . HOH C 3 .   ? -8.019  9.145   -12.544 1.00 42.47  ? 319 HOH A O     1 
HETATM 1471 O O     . HOH C 3 .   ? -7.999  -10.294 -10.296 1.00 51.45  ? 320 HOH A O     1 
HETATM 1472 O O     . HOH C 3 .   ? 5.037   -14.193 -6.835  1.00 41.71  ? 321 HOH A O     1 
HETATM 1473 O O     . HOH C 3 .   ? -4.772  2.589   18.470  1.00 52.45  ? 322 HOH A O     1 
HETATM 1474 O O     . HOH C 3 .   ? -23.685 -2.048  1.829   1.00 39.39  ? 323 HOH A O     1 
HETATM 1475 O O     . HOH C 3 .   ? 19.556  2.011   -11.759 1.00 57.84  ? 324 HOH A O     1 
HETATM 1476 O O     . HOH C 3 .   ? 0.069   14.800  0.023   1.00 33.06  ? 325 HOH A O     1 
HETATM 1477 O O     . HOH C 3 .   ? 6.901   -4.066  8.418   1.00 26.45  ? 326 HOH A O     1 
HETATM 1478 O O     . HOH C 3 .   ? -9.774  -14.785 -5.445  1.00 39.74  ? 327 HOH A O     1 
HETATM 1479 O O     . HOH C 3 .   ? -19.985 -8.701  -6.454  1.00 51.43  ? 328 HOH A O     1 
HETATM 1480 O O     . HOH C 3 .   ? -6.173  4.648   12.112  1.00 34.71  ? 329 HOH A O     1 
HETATM 1481 O O     . HOH C 3 .   ? 6.410   -14.634 -4.012  1.00 35.37  ? 330 HOH A O     1 
HETATM 1482 O O     . HOH C 3 .   ? -20.749 4.375   2.234   1.00 47.69  ? 331 HOH A O     1 
HETATM 1483 O O     . HOH C 3 .   ? 3.731   2.841   12.023  1.00 44.64  ? 332 HOH A O     1 
HETATM 1484 O O     . HOH C 3 .   ? -3.345  -8.373  -7.110  1.00 34.91  ? 333 HOH A O     1 
HETATM 1485 O O     . HOH C 3 .   ? -2.894  -14.327 -3.051  1.00 42.31  ? 334 HOH A O     1 
HETATM 1486 O O     . HOH C 3 .   ? -1.512  -10.883 -4.937  1.00 29.44  ? 335 HOH A O     1 
HETATM 1487 O O     . HOH C 3 .   ? -20.777 6.774   14.503  1.00 35.48  ? 336 HOH A O     1 
HETATM 1488 O O     . HOH C 3 .   ? -17.840 -14.700 0.161   1.00 54.82  ? 337 HOH A O     1 
HETATM 1489 O O     . HOH C 3 .   ? -0.685  10.437  18.577  1.00 58.29  ? 338 HOH A O     1 
HETATM 1490 O O     . HOH C 3 .   ? -17.644 5.557   -8.764  1.00 44.04  ? 339 HOH A O     1 
HETATM 1491 O O     . HOH C 3 .   ? 16.584  14.848  -9.466  1.00 58.99  ? 340 HOH A O     1 
HETATM 1492 O O     . HOH C 3 .   ? 2.891   16.143  -5.041  1.00 54.05  ? 341 HOH A O     1 
HETATM 1493 O O     . HOH C 3 .   ? 18.777  0.963   1.808   1.00 50.26  ? 342 HOH A O     1 
HETATM 1494 O O     . HOH C 3 .   ? -1.491  -11.081 -2.049  1.00 24.86  ? 343 HOH A O     1 
HETATM 1495 O O     . HOH C 3 .   ? -22.638 1.912   5.939   1.00 35.75  ? 344 HOH A O     1 
HETATM 1496 O O     . HOH C 3 .   ? 6.005   -13.474 2.776   1.00 41.74  ? 345 HOH A O     1 
HETATM 1497 O O     . HOH C 3 .   ? 23.115  2.720   -3.903  1.00 50.13  ? 346 HOH A O     1 
HETATM 1498 O O     . HOH C 3 .   ? -5.764  10.207  6.619   1.00 37.67  ? 347 HOH A O     1 
HETATM 1499 O O     . HOH C 3 .   ? 16.798  3.851   -17.525 1.00 54.37  ? 348 HOH A O     1 
HETATM 1500 O O     . HOH C 3 .   ? 9.212   15.888  -7.061  1.00 47.63  ? 349 HOH A O     1 
HETATM 1501 O O     . HOH C 3 .   ? 11.364  17.802  -1.081  1.00 45.45  ? 350 HOH A O     1 
HETATM 1502 O O     . HOH C 3 .   ? 9.143   -11.824 -8.994  1.00 41.56  ? 351 HOH A O     1 
HETATM 1503 O O     . HOH C 3 .   ? -17.718 -12.344 -1.967  1.00 43.34  ? 352 HOH A O     1 
HETATM 1504 O O     . HOH C 3 .   ? 0.072   16.040  -5.640  1.00 33.96  ? 353 HOH A O     1 
HETATM 1505 O O     . HOH C 3 .   ? 23.432  6.494   -6.578  1.00 35.35  ? 354 HOH A O     1 
HETATM 1506 O O     . HOH C 3 .   ? 17.972  13.831  -1.216  1.00 59.85  ? 355 HOH A O     1 
HETATM 1507 O O     . HOH C 3 .   ? 7.594   -12.839 -6.916  1.00 45.46  ? 356 HOH A O     1 
HETATM 1508 O O     . HOH C 3 .   ? -17.615 2.755   -12.641 1.00 44.74  ? 357 HOH A O     1 
HETATM 1509 O O     . HOH C 3 .   ? 2.189   -10.834 -8.032  1.00 45.14  ? 358 HOH A O     1 
HETATM 1510 O O     . HOH C 3 .   ? -14.190 1.814   19.424  1.00 56.30  ? 359 HOH A O     1 
HETATM 1511 O O     . HOH C 3 .   ? -1.544  1.252   -15.025 1.00 48.27  ? 360 HOH A O     1 
HETATM 1512 O O     . HOH C 3 .   ? -10.945 -17.837 4.548   1.00 38.34  ? 361 HOH A O     1 
HETATM 1513 O O     . HOH C 3 .   ? 9.429   16.160  -4.461  1.00 49.95  ? 362 HOH A O     1 
HETATM 1514 O O     . HOH C 3 .   ? -21.779 8.827   12.150  1.00 43.39  ? 363 HOH A O     1 
HETATM 1515 O O     . HOH C 3 .   ? 19.416  3.934   1.335   1.00 36.75  ? 364 HOH A O     1 
HETATM 1516 O O     . HOH C 3 .   ? 3.977   -13.234 9.861   1.00 49.83  ? 365 HOH A O     1 
HETATM 1517 O O     . HOH C 3 .   ? 11.355  13.270  0.652   1.00 45.48  ? 366 HOH A O     1 
HETATM 1518 O O     . HOH C 3 .   ? -21.923 -11.621 7.896   1.00 40.79  ? 367 HOH A O     1 
HETATM 1519 O O     . HOH C 3 .   ? 2.021   7.708   18.874  1.00 47.86  ? 368 HOH A O     1 
HETATM 1520 O O     . HOH C 3 .   ? 9.997   -5.422  10.202  1.00 53.56  ? 369 HOH A O     1 
HETATM 1521 O O     . HOH C 3 .   ? -4.580  5.708   -13.126 1.00 31.12  ? 370 HOH A O     1 
HETATM 1522 O O     . HOH C 3 .   ? -11.444 -0.261  -14.043 1.00 51.07  ? 371 HOH A O     1 
HETATM 1523 O O     . HOH C 3 .   ? 14.156  12.876  2.587   1.00 32.87  ? 372 HOH A O     1 
HETATM 1524 O O     . HOH C 3 .   ? -0.546  13.694  14.164  1.00 45.86  ? 373 HOH A O     1 
HETATM 1525 O O     . HOH C 3 .   ? -12.321 -5.550  -11.920 0.50 35.64  ? 374 HOH A O     1 
HETATM 1526 O O     . HOH C 3 .   ? -18.440 8.818   0.785   1.00 43.73  ? 375 HOH A O     1 
HETATM 1527 O O     . HOH C 3 .   ? 2.454   -16.348 4.587   1.00 43.79  ? 376 HOH A O     1 
HETATM 1528 O O     . HOH C 3 .   ? -20.680 1.216   -14.315 1.00 47.62  ? 377 HOH A O     1 
HETATM 1529 O O     . HOH C 3 .   ? 19.100  -7.311  -4.010  1.00 40.85  ? 378 HOH A O     1 
HETATM 1530 O O     . HOH C 3 .   ? -23.890 -5.848  -5.926  1.00 41.60  ? 379 HOH A O     1 
HETATM 1531 O O     . HOH C 3 .   ? 9.188   2.455   6.389   1.00 7.13   ? 380 HOH A O     1 
HETATM 1532 O O     . HOH C 3 .   ? -4.636  -5.510  20.647  1.00 18.16  ? 381 HOH A O     1 
HETATM 1533 O O     . HOH C 3 .   ? -4.266  -4.128  -8.681  1.00 19.64  ? 382 HOH A O     1 
HETATM 1534 O O     . HOH C 3 .   ? 3.304   -14.060 2.959   1.00 16.41  ? 383 HOH A O     1 
HETATM 1535 O O     . HOH C 3 .   ? 4.355   2.363   -14.084 1.00 23.85  ? 384 HOH A O     1 
HETATM 1536 O O     . HOH C 3 .   ? -15.326 3.374   3.553   1.00 15.63  ? 385 HOH A O     1 
HETATM 1537 O O     . HOH C 3 .   ? 9.806   10.858  7.990   1.00 40.47  ? 386 HOH A O     1 
HETATM 1538 O O     . HOH C 3 .   ? -7.793  2.523   -11.484 1.00 34.97  ? 387 HOH A O     1 
HETATM 1539 O O     . HOH C 3 .   ? -7.123  6.075   14.268  1.00 33.14  ? 388 HOH A O     1 
HETATM 1540 O O     . HOH C 3 .   ? -3.346  -11.453 8.177   1.00 28.91  ? 389 HOH A O     1 
HETATM 1541 O O     . HOH C 3 .   ? -9.328  8.376   -7.340  1.00 20.91  ? 390 HOH A O     1 
HETATM 1542 O O     . HOH C 3 .   ? -11.090 8.852   -10.117 1.00 22.58  ? 391 HOH A O     1 
HETATM 1543 O O     . HOH C 3 .   ? -4.030  12.735  -5.110  1.00 39.97  ? 392 HOH A O     1 
HETATM 1544 O O     . HOH C 3 .   ? 13.429  -14.359 0.964   1.00 50.17  ? 393 HOH A O     1 
HETATM 1545 O O     . HOH C 3 .   ? -19.263 -1.422  18.397  1.00 40.24  ? 394 HOH A O     1 
HETATM 1546 O O     . HOH C 3 .   ? 1.520   -9.145  -13.069 1.00 37.18  ? 395 HOH A O     1 
HETATM 1547 O O     . HOH C 3 .   ? -21.964 -0.601  10.114  1.00 35.94  ? 396 HOH A O     1 
HETATM 1548 O O     . HOH C 3 .   ? 6.458   -12.154 -12.954 1.00 37.94  ? 397 HOH A O     1 
HETATM 1549 O O     . HOH C 3 .   ? 4.764   15.595  -6.928  1.00 37.05  ? 398 HOH A O     1 
HETATM 1550 O O     . HOH C 3 .   ? 18.175  1.298   -13.709 1.00 43.04  ? 399 HOH A O     1 
HETATM 1551 O O     . HOH C 3 .   ? -24.129 -0.714  5.645   1.00 46.42  ? 400 HOH A O     1 
# 
